data_8TCU
#
_entry.id   8TCU
#
_cell.length_a   109.009
_cell.length_b   178.914
_cell.length_c   88.078
_cell.angle_alpha   90.00
_cell.angle_beta   107.12
_cell.angle_gamma   90.00
#
_symmetry.space_group_name_H-M   'C 1 2 1'
#
loop_
_entity.id
_entity.type
_entity.pdbx_description
1 polymer 'Pyrroline-5-carboxylate reductase 1, mitochondrial'
2 non-polymer '2-chloro-5-(2-oxoimidazolidin-1-yl)benzoic acid'
3 non-polymer 'SULFATE ION'
4 water water
#
_entity_poly.entity_id   1
_entity_poly.type   'polypeptide(L)'
_entity_poly.pdbx_seq_one_letter_code
;MHHHHHHSSGVDLGTENLYFQSMSVGFIGAGQLAFALAKGFTAAGVLAAHKIMASSPDMDLATVSALRKMGVKLTPHNKE
TVQHSDVLFLAVKPHIIPFILDEIGADIEDRHIVVSCAAGVTISSIEKKLSAFRPAPRVIRCMTNTPVVVREGATVYATG
THAQVEDGRLMEQLLSSVGFCTEVEEDLIDAVTGLSGSGPAYAFTALDALADGGVKMGLPRRLAVRLGAQALLGAAKMLL
HSEQHPGQLKDNVSSPGGATIHALHVLESGGFRSLLINAVEASCIRTRELQSMADQEQVSPAAIKKTILDKVKLDS
;
_entity_poly.pdbx_strand_id   A,B,C,D,E
#
loop_
_chem_comp.id
_chem_comp.type
_chem_comp.name
_chem_comp.formula
SO4 non-polymer 'SULFATE ION' 'O4 S -2'
ZR3 non-polymer '2-chloro-5-(2-oxoimidazolidin-1-yl)benzoic acid' 'C10 H9 Cl N2 O3'
#
# COMPACT_ATOMS: atom_id res chain seq x y z
N GLU A 16 -6.09 29.76 17.78
CA GLU A 16 -6.60 31.10 18.12
C GLU A 16 -6.38 31.39 19.61
N ASN A 17 -7.19 30.76 20.46
CA ASN A 17 -6.90 30.77 21.89
C ASN A 17 -5.54 30.15 22.16
N LEU A 18 -5.17 29.11 21.40
CA LEU A 18 -3.84 28.51 21.52
C LEU A 18 -2.76 29.43 20.95
N TYR A 19 -3.05 30.09 19.83
CA TYR A 19 -2.10 31.02 19.25
C TYR A 19 -1.66 32.06 20.28
N PHE A 20 -2.63 32.71 20.92
CA PHE A 20 -2.31 33.73 21.93
C PHE A 20 -1.72 33.13 23.19
N GLN A 21 -1.74 31.80 23.35
CA GLN A 21 -0.95 31.21 24.43
C GLN A 21 0.55 31.36 24.18
N SER A 22 0.96 31.62 22.93
CA SER A 22 2.35 31.91 22.57
C SER A 22 3.28 30.81 23.10
N MET A 23 2.95 29.59 22.69
CA MET A 23 3.65 28.41 23.16
C MET A 23 4.95 28.23 22.40
N SER A 24 5.97 27.79 23.12
CA SER A 24 7.22 27.35 22.52
C SER A 24 7.20 25.84 22.43
N VAL A 25 7.47 25.31 21.24
CA VAL A 25 7.41 23.88 20.99
C VAL A 25 8.78 23.40 20.54
N GLY A 26 9.21 22.26 21.08
CA GLY A 26 10.44 21.63 20.66
C GLY A 26 10.18 20.26 20.07
N PHE A 27 11.04 19.87 19.13
CA PHE A 27 11.09 18.51 18.59
C PHE A 27 12.49 17.97 18.80
N ILE A 28 12.62 16.89 19.57
CA ILE A 28 13.82 16.08 19.55
C ILE A 28 13.65 15.07 18.40
N GLY A 29 14.44 15.22 17.35
CA GLY A 29 14.24 14.48 16.12
C GLY A 29 13.70 15.41 15.06
N ALA A 30 14.44 15.59 13.98
CA ALA A 30 13.98 16.48 12.92
C ALA A 30 13.65 15.67 11.66
N GLY A 31 12.80 14.67 11.79
CA GLY A 31 12.46 13.79 10.68
C GLY A 31 11.15 14.12 9.99
N GLN A 32 10.52 13.09 9.41
CA GLN A 32 9.31 13.30 8.64
C GLN A 32 8.16 13.76 9.53
N LEU A 33 8.02 13.16 10.71
CA LEU A 33 6.90 13.55 11.56
C LEU A 33 7.10 14.93 12.14
N ALA A 34 8.32 15.25 12.58
CA ALA A 34 8.58 16.60 13.09
C ALA A 34 8.25 17.64 12.04
N PHE A 35 8.67 17.40 10.80
CA PHE A 35 8.35 18.33 9.72
C PHE A 35 6.85 18.38 9.48
N ALA A 36 6.19 17.21 9.44
CA ALA A 36 4.75 17.22 9.17
C ALA A 36 4.00 17.99 10.25
N LEU A 37 4.30 17.71 11.52
CA LEU A 37 3.65 18.43 12.62
C LEU A 37 3.98 19.93 12.60
N ALA A 38 5.25 20.26 12.36
CA ALA A 38 5.60 21.66 12.26
C ALA A 38 4.82 22.34 11.14
N LYS A 39 4.69 21.66 10.00
CA LYS A 39 4.01 22.27 8.86
C LYS A 39 2.52 22.43 9.16
N GLY A 40 1.91 21.44 9.81
CA GLY A 40 0.49 21.54 10.15
C GLY A 40 0.21 22.58 11.22
N PHE A 41 1.03 22.63 12.27
CA PHE A 41 0.80 23.60 13.33
C PHE A 41 0.87 25.02 12.80
N THR A 42 1.83 25.28 11.92
CA THR A 42 1.99 26.61 11.36
C THR A 42 0.89 26.91 10.37
N ALA A 43 0.56 25.94 9.52
CA ALA A 43 -0.58 26.13 8.63
C ALA A 43 -1.86 26.40 9.41
N ALA A 44 -2.02 25.74 10.56
CA ALA A 44 -3.17 26.00 11.42
C ALA A 44 -3.16 27.38 12.04
N GLY A 45 -2.02 28.08 11.99
CA GLY A 45 -1.92 29.34 12.71
C GLY A 45 -1.92 29.21 14.21
N VAL A 46 -1.62 28.03 14.76
CA VAL A 46 -1.55 27.92 16.22
C VAL A 46 -0.15 28.15 16.76
N LEU A 47 0.88 27.98 15.94
CA LEU A 47 2.25 28.26 16.35
C LEU A 47 2.91 29.11 15.27
N ALA A 48 3.81 29.99 15.69
CA ALA A 48 4.72 30.61 14.73
C ALA A 48 5.85 29.64 14.46
N ALA A 49 6.27 29.57 13.19
CA ALA A 49 7.33 28.63 12.82
C ALA A 49 8.59 28.85 13.65
N HIS A 50 8.92 30.12 13.91
CA HIS A 50 10.11 30.44 14.68
C HIS A 50 9.96 30.23 16.18
N LYS A 51 8.75 29.87 16.64
CA LYS A 51 8.56 29.43 18.00
C LYS A 51 8.75 27.92 18.13
N ILE A 52 9.10 27.26 17.03
CA ILE A 52 9.45 25.85 17.04
C ILE A 52 10.95 25.72 16.91
N MET A 53 11.54 24.82 17.69
CA MET A 53 12.95 24.47 17.58
C MET A 53 13.05 22.95 17.46
N ALA A 54 13.92 22.48 16.58
CA ALA A 54 14.12 21.05 16.42
C ALA A 54 15.61 20.73 16.41
N SER A 55 15.97 19.60 17.02
CA SER A 55 17.34 19.15 17.00
C SER A 55 17.45 17.80 16.29
N SER A 56 18.61 17.59 15.66
CA SER A 56 18.96 16.35 14.98
C SER A 56 20.47 16.15 15.07
N PRO A 57 20.93 14.93 15.32
CA PRO A 57 22.38 14.66 15.19
C PRO A 57 22.87 14.78 13.77
N ASP A 58 21.97 14.71 12.78
CA ASP A 58 22.33 14.83 11.38
C ASP A 58 21.59 16.04 10.81
N MET A 59 22.31 17.13 10.60
CA MET A 59 21.72 18.34 10.06
C MET A 59 21.71 18.36 8.54
N ASP A 60 22.03 17.23 7.91
CA ASP A 60 22.06 17.10 6.46
C ASP A 60 20.82 16.43 5.89
N LEU A 61 19.84 16.11 6.73
CA LEU A 61 18.62 15.49 6.22
C LEU A 61 17.81 16.49 5.41
N ALA A 62 17.05 15.97 4.45
CA ALA A 62 16.17 16.83 3.65
C ALA A 62 15.12 17.51 4.53
N THR A 63 14.58 16.78 5.50
CA THR A 63 13.59 17.37 6.40
C THR A 63 14.20 18.50 7.23
N VAL A 64 15.50 18.43 7.55
CA VAL A 64 16.12 19.54 8.25
C VAL A 64 16.15 20.77 7.36
N SER A 65 16.35 20.59 6.05
CA SER A 65 16.36 21.73 5.13
C SER A 65 14.96 22.30 4.97
N ALA A 66 13.95 21.44 4.85
CA ALA A 66 12.58 21.93 4.75
C ALA A 66 12.17 22.69 6.00
N LEU A 67 12.57 22.18 7.17
CA LEU A 67 12.26 22.87 8.42
C LEU A 67 12.93 24.24 8.48
N ARG A 68 14.19 24.32 8.08
CA ARG A 68 14.88 25.61 8.08
C ARG A 68 14.19 26.57 7.12
N LYS A 69 13.73 26.05 5.98
CA LYS A 69 13.12 26.91 4.98
C LYS A 69 11.83 27.54 5.49
N MET A 70 11.04 26.78 6.27
CA MET A 70 9.80 27.37 6.78
C MET A 70 10.01 28.24 8.00
N GLY A 71 11.24 28.38 8.49
CA GLY A 71 11.53 29.25 9.60
C GLY A 71 11.73 28.58 10.94
N VAL A 72 11.69 27.24 10.99
CA VAL A 72 11.89 26.56 12.26
C VAL A 72 13.34 26.71 12.72
N LYS A 73 13.55 26.89 14.02
CA LYS A 73 14.89 26.95 14.57
C LYS A 73 15.50 25.55 14.62
N LEU A 74 16.77 25.45 14.25
CA LEU A 74 17.46 24.17 14.15
C LEU A 74 18.73 24.22 14.97
N THR A 75 18.98 23.18 15.74
CA THR A 75 20.18 23.11 16.55
C THR A 75 20.63 21.67 16.62
N PRO A 76 21.95 21.40 16.63
CA PRO A 76 22.42 20.03 16.85
C PRO A 76 22.36 19.60 18.31
N HIS A 77 21.97 20.48 19.21
CA HIS A 77 22.07 20.25 20.65
C HIS A 77 20.68 20.03 21.22
N ASN A 78 20.40 18.80 21.66
CA ASN A 78 19.11 18.50 22.26
C ASN A 78 18.83 19.34 23.50
N LYS A 79 19.87 19.70 24.26
CA LYS A 79 19.68 20.52 25.45
C LYS A 79 19.05 21.87 25.10
N GLU A 80 19.48 22.47 23.98
CA GLU A 80 18.91 23.75 23.57
C GLU A 80 17.45 23.62 23.16
N THR A 81 17.10 22.51 22.48
CA THR A 81 15.69 22.24 22.23
C THR A 81 14.91 22.18 23.54
N VAL A 82 15.41 21.41 24.52
CA VAL A 82 14.68 21.28 25.78
C VAL A 82 14.52 22.64 26.45
N GLN A 83 15.61 23.40 26.55
CA GLN A 83 15.56 24.68 27.26
C GLN A 83 14.60 25.65 26.57
N HIS A 84 14.56 25.62 25.24
CA HIS A 84 13.63 26.45 24.48
C HIS A 84 12.17 26.04 24.70
N SER A 85 11.89 24.76 24.91
CA SER A 85 10.54 24.24 24.77
C SER A 85 9.68 24.45 26.00
N ASP A 86 8.38 24.59 25.76
CA ASP A 86 7.34 24.36 26.75
C ASP A 86 6.75 22.96 26.60
N VAL A 87 6.30 22.63 25.40
CA VAL A 87 5.91 21.28 25.03
C VAL A 87 7.05 20.69 24.22
N LEU A 88 7.58 19.55 24.66
CA LEU A 88 8.73 18.90 24.03
C LEU A 88 8.27 17.59 23.39
N PHE A 89 8.31 17.53 22.07
CA PHE A 89 7.93 16.33 21.32
C PHE A 89 9.16 15.46 21.13
N LEU A 90 9.06 14.20 21.56
CA LEU A 90 10.11 13.22 21.32
C LEU A 90 9.76 12.51 20.02
N ALA A 91 10.48 12.84 18.95
CA ALA A 91 10.18 12.29 17.64
C ALA A 91 11.38 11.58 17.03
N VAL A 92 12.05 10.75 17.81
CA VAL A 92 13.16 9.93 17.34
C VAL A 92 12.70 8.47 17.32
N LYS A 93 13.51 7.62 16.70
CA LYS A 93 13.19 6.19 16.67
C LYS A 93 13.09 5.64 18.09
N PRO A 94 12.25 4.60 18.31
CA PRO A 94 12.08 4.05 19.66
C PRO A 94 13.39 3.67 20.34
N HIS A 95 14.33 3.07 19.61
CA HIS A 95 15.56 2.68 20.30
C HIS A 95 16.42 3.88 20.65
N ILE A 96 16.16 5.06 20.06
CA ILE A 96 16.91 6.25 20.44
C ILE A 96 16.34 6.88 21.71
N ILE A 97 15.08 6.60 22.05
CA ILE A 97 14.42 7.29 23.15
C ILE A 97 15.19 7.15 24.47
N PRO A 98 15.65 5.96 24.88
CA PRO A 98 16.40 5.89 26.16
C PRO A 98 17.71 6.65 26.16
N PHE A 99 18.45 6.68 25.03
CA PHE A 99 19.64 7.51 24.98
C PHE A 99 19.29 8.99 25.11
N ILE A 100 18.19 9.42 24.47
CA ILE A 100 17.75 10.81 24.58
C ILE A 100 17.44 11.15 26.03
N LEU A 101 16.72 10.27 26.72
CA LEU A 101 16.30 10.58 28.08
C LEU A 101 17.49 10.64 29.02
N ASP A 102 18.49 9.76 28.81
CA ASP A 102 19.73 9.87 29.56
C ASP A 102 20.38 11.23 29.33
N GLU A 103 20.40 11.69 28.08
CA GLU A 103 21.15 12.89 27.76
C GLU A 103 20.52 14.13 28.38
N ILE A 104 19.21 14.30 28.27
CA ILE A 104 18.60 15.56 28.67
C ILE A 104 17.66 15.40 29.86
N GLY A 105 17.63 14.22 30.49
CA GLY A 105 16.76 14.05 31.65
C GLY A 105 17.00 15.09 32.72
N ALA A 106 18.27 15.45 32.94
CA ALA A 106 18.60 16.48 33.91
C ALA A 106 18.01 17.84 33.52
N ASP A 107 17.76 18.08 32.24
CA ASP A 107 17.26 19.38 31.79
C ASP A 107 15.75 19.48 31.77
N ILE A 108 15.03 18.36 31.89
CA ILE A 108 13.58 18.45 31.96
C ILE A 108 13.18 19.18 33.22
N GLU A 109 12.28 20.17 33.07
CA GLU A 109 11.83 21.01 34.16
C GLU A 109 10.38 20.69 34.52
N ASP A 110 9.98 21.19 35.70
CA ASP A 110 8.62 20.99 36.16
C ASP A 110 7.60 21.62 35.21
N ARG A 111 7.99 22.68 34.50
CA ARG A 111 7.10 23.33 33.54
C ARG A 111 6.93 22.53 32.24
N HIS A 112 7.73 21.50 32.01
CA HIS A 112 7.68 20.80 30.73
C HIS A 112 6.50 19.84 30.66
N ILE A 113 5.89 19.77 29.48
CA ILE A 113 5.07 18.63 29.08
C ILE A 113 5.86 17.88 28.02
N VAL A 114 6.20 16.64 28.31
CA VAL A 114 6.99 15.80 27.42
C VAL A 114 6.05 14.88 26.65
N VAL A 115 6.06 14.98 25.32
CA VAL A 115 5.13 14.23 24.48
C VAL A 115 5.95 13.28 23.61
N SER A 116 5.82 11.99 23.87
CA SER A 116 6.54 11.01 23.06
C SER A 116 5.65 10.59 21.90
N CYS A 117 6.19 10.70 20.68
CA CYS A 117 5.53 10.28 19.45
C CYS A 117 6.02 8.93 18.94
N ALA A 118 7.05 8.39 19.57
CA ALA A 118 7.67 7.16 19.10
C ALA A 118 6.71 5.98 19.22
N ALA A 119 6.74 5.11 18.23
CA ALA A 119 5.94 3.90 18.27
C ALA A 119 6.40 2.99 19.40
N GLY A 120 5.44 2.44 20.15
CA GLY A 120 5.76 1.37 21.08
C GLY A 120 6.23 1.81 22.46
N VAL A 121 6.96 2.92 22.52
CA VAL A 121 7.58 3.33 23.78
C VAL A 121 6.52 3.72 24.79
N THR A 122 6.58 3.13 25.97
CA THR A 122 5.54 3.29 26.97
C THR A 122 5.78 4.50 27.86
N ILE A 123 4.69 5.03 28.42
CA ILE A 123 4.81 6.10 29.40
C ILE A 123 5.67 5.64 30.58
N SER A 124 5.45 4.42 31.04
CA SER A 124 6.21 3.90 32.18
C SER A 124 7.72 4.00 31.97
N SER A 125 8.18 3.65 30.78
CA SER A 125 9.63 3.63 30.55
C SER A 125 10.19 5.03 30.52
N ILE A 126 9.42 5.98 29.98
CA ILE A 126 9.85 7.38 29.95
C ILE A 126 9.85 7.95 31.37
N GLU A 127 8.77 7.72 32.12
CA GLU A 127 8.70 8.20 33.49
C GLU A 127 9.79 7.58 34.35
N LYS A 128 10.14 6.31 34.10
CA LYS A 128 11.19 5.67 34.87
C LYS A 128 12.50 6.43 34.73
N LYS A 129 12.91 6.72 33.49
CA LYS A 129 14.11 7.53 33.25
C LYS A 129 14.01 8.91 33.90
N LEU A 130 12.91 9.64 33.64
CA LEU A 130 12.86 11.03 34.07
C LEU A 130 12.64 11.18 35.57
N SER A 131 11.98 10.21 36.21
CA SER A 131 11.78 10.30 37.66
C SER A 131 13.09 10.27 38.44
N ALA A 132 14.16 9.73 37.85
CA ALA A 132 15.46 9.81 38.52
C ALA A 132 15.93 11.26 38.68
N PHE A 133 15.35 12.21 37.95
CA PHE A 133 15.76 13.60 38.02
C PHE A 133 14.69 14.39 38.77
N ARG A 134 13.72 14.96 38.11
CA ARG A 134 12.67 15.62 38.86
C ARG A 134 11.61 14.60 39.29
N PRO A 135 10.93 14.83 40.42
CA PRO A 135 10.04 13.79 40.95
C PRO A 135 8.73 13.59 40.19
N ALA A 136 8.27 14.54 39.39
CA ALA A 136 6.94 14.43 38.77
C ALA A 136 6.97 14.88 37.31
N PRO A 137 7.72 14.18 36.46
CA PRO A 137 7.70 14.53 35.03
C PRO A 137 6.30 14.40 34.46
N ARG A 138 5.88 15.41 33.69
CA ARG A 138 4.58 15.43 33.03
C ARG A 138 4.75 14.83 31.65
N VAL A 139 4.16 13.65 31.45
CA VAL A 139 4.41 12.86 30.24
C VAL A 139 3.10 12.53 29.57
N ILE A 140 3.09 12.64 28.24
CA ILE A 140 1.97 12.23 27.42
C ILE A 140 2.51 11.38 26.30
N ARG A 141 1.82 10.28 26.01
CA ARG A 141 2.18 9.46 24.87
C ARG A 141 1.16 9.70 23.77
N CYS A 142 1.68 9.86 22.55
CA CYS A 142 0.93 10.30 21.40
C CYS A 142 1.13 9.31 20.25
N MET A 143 0.11 9.09 19.45
CA MET A 143 0.30 8.44 18.15
C MET A 143 -0.42 9.28 17.12
N THR A 144 0.33 9.87 16.20
CA THR A 144 -0.30 10.70 15.18
C THR A 144 0.11 10.16 13.82
N ASN A 145 -0.06 10.94 12.74
CA ASN A 145 0.38 10.49 11.43
C ASN A 145 0.65 11.72 10.57
N THR A 146 1.28 11.46 9.43
CA THR A 146 1.81 12.50 8.56
C THR A 146 0.75 13.40 7.91
N PRO A 147 -0.51 12.99 7.72
CA PRO A 147 -1.51 13.93 7.18
C PRO A 147 -1.87 15.10 8.12
N VAL A 148 -1.26 15.20 9.30
CA VAL A 148 -1.33 16.47 10.00
C VAL A 148 -0.79 17.58 9.09
N VAL A 149 0.06 17.23 8.12
CA VAL A 149 0.68 18.21 7.24
C VAL A 149 -0.38 18.92 6.41
N VAL A 150 -1.54 18.31 6.19
CA VAL A 150 -2.67 18.96 5.56
C VAL A 150 -3.85 19.12 6.52
N ARG A 151 -3.54 19.14 7.83
CA ARG A 151 -4.51 19.33 8.90
C ARG A 151 -5.63 18.26 8.87
N GLU A 152 -5.31 17.06 8.40
CA GLU A 152 -6.25 15.96 8.45
C GLU A 152 -5.62 14.75 9.12
N GLY A 153 -4.87 14.99 10.19
CA GLY A 153 -4.26 13.90 10.90
C GLY A 153 -5.27 13.11 11.69
N ALA A 154 -4.79 12.00 12.26
CA ALA A 154 -5.59 11.15 13.13
C ALA A 154 -4.74 10.91 14.37
N THR A 155 -5.18 11.43 15.52
CA THR A 155 -4.29 11.44 16.68
C THR A 155 -4.95 10.87 17.93
N VAL A 156 -4.20 10.09 18.69
CA VAL A 156 -4.61 9.71 20.03
C VAL A 156 -3.47 10.03 21.00
N TYR A 157 -3.83 10.24 22.26
CA TYR A 157 -2.85 10.49 23.29
C TYR A 157 -3.29 9.85 24.59
N ALA A 158 -2.31 9.45 25.40
CA ALA A 158 -2.55 8.98 26.76
C ALA A 158 -1.74 9.82 27.74
N THR A 159 -2.35 10.16 28.86
CA THR A 159 -1.71 11.02 29.84
C THR A 159 -0.98 10.17 30.89
N GLY A 160 0.22 10.62 31.24
CA GLY A 160 1.04 9.91 32.20
C GLY A 160 0.60 10.14 33.63
N THR A 161 1.40 9.58 34.55
CA THR A 161 1.07 9.61 35.97
C THR A 161 0.92 11.02 36.51
N HIS A 162 1.82 11.92 36.12
CA HIS A 162 1.84 13.28 36.69
C HIS A 162 1.29 14.32 35.72
N ALA A 163 0.69 13.90 34.61
CA ALA A 163 0.09 14.85 33.67
C ALA A 163 -1.19 15.46 34.25
N GLN A 164 -1.23 16.79 34.32
CA GLN A 164 -2.41 17.46 34.85
C GLN A 164 -3.58 17.34 33.88
N VAL A 165 -4.79 17.54 34.41
CA VAL A 165 -5.98 17.54 33.55
C VAL A 165 -5.85 18.64 32.50
N GLU A 166 -5.26 19.78 32.87
CA GLU A 166 -5.03 20.81 31.87
C GLU A 166 -4.01 20.37 30.84
N ASP A 167 -3.08 19.49 31.20
CA ASP A 167 -2.09 19.01 30.25
C ASP A 167 -2.77 18.22 29.13
N GLY A 168 -3.68 17.32 29.49
CA GLY A 168 -4.42 16.58 28.49
C GLY A 168 -5.27 17.48 27.60
N ARG A 169 -5.93 18.48 28.20
CA ARG A 169 -6.78 19.38 27.41
C ARG A 169 -5.96 20.22 26.45
N LEU A 170 -4.79 20.71 26.89
CA LEU A 170 -3.91 21.47 26.03
C LEU A 170 -3.43 20.63 24.86
N MET A 171 -2.97 19.42 25.14
CA MET A 171 -2.53 18.53 24.08
CA MET A 171 -2.51 18.58 24.04
C MET A 171 -3.66 18.26 23.10
N GLU A 172 -4.86 18.01 23.60
CA GLU A 172 -5.98 17.79 22.69
C GLU A 172 -6.25 19.04 21.86
N GLN A 173 -6.20 20.22 22.47
CA GLN A 173 -6.45 21.43 21.69
C GLN A 173 -5.42 21.58 20.59
N LEU A 174 -4.16 21.29 20.91
CA LEU A 174 -3.09 21.47 19.94
C LEU A 174 -3.18 20.43 18.82
N LEU A 175 -3.34 19.16 19.17
CA LEU A 175 -3.39 18.16 18.12
C LEU A 175 -4.70 18.21 17.35
N SER A 176 -5.79 18.71 17.95
CA SER A 176 -7.03 18.88 17.20
C SER A 176 -6.93 19.96 16.14
N SER A 177 -5.96 20.88 16.25
CA SER A 177 -5.83 21.90 15.21
C SER A 177 -5.29 21.32 13.90
N VAL A 178 -4.72 20.12 13.92
CA VAL A 178 -4.22 19.51 12.70
C VAL A 178 -4.92 18.19 12.37
N GLY A 179 -6.09 17.92 12.95
CA GLY A 179 -6.88 16.76 12.55
C GLY A 179 -7.76 16.26 13.69
N PHE A 180 -8.20 15.02 13.56
CA PHE A 180 -8.92 14.36 14.63
C PHE A 180 -7.97 14.03 15.79
N CYS A 181 -8.43 14.22 17.02
CA CYS A 181 -7.64 13.94 18.20
C CYS A 181 -8.55 13.50 19.35
N THR A 182 -8.14 12.47 20.09
CA THR A 182 -8.96 11.98 21.18
C THR A 182 -8.07 11.29 22.19
N GLU A 183 -8.48 11.33 23.45
CA GLU A 183 -7.78 10.63 24.51
C GLU A 183 -8.12 9.15 24.48
N VAL A 184 -7.13 8.31 24.76
CA VAL A 184 -7.33 6.87 24.88
C VAL A 184 -6.56 6.37 26.10
N GLU A 185 -6.95 5.21 26.60
CA GLU A 185 -6.07 4.48 27.51
C GLU A 185 -4.83 4.07 26.73
N GLU A 186 -3.69 4.06 27.42
CA GLU A 186 -2.43 3.78 26.75
C GLU A 186 -2.42 2.40 26.10
N ASP A 187 -3.15 1.43 26.67
CA ASP A 187 -3.06 0.07 26.11
C ASP A 187 -3.72 -0.07 24.75
N LEU A 188 -4.36 1.00 24.22
CA LEU A 188 -4.87 1.01 22.86
C LEU A 188 -3.87 1.55 21.84
N ILE A 189 -2.76 2.16 22.27
CA ILE A 189 -1.96 2.96 21.35
C ILE A 189 -1.18 2.07 20.37
N ASP A 190 -0.73 0.90 20.80
CA ASP A 190 -0.06 -0.01 19.86
C ASP A 190 -0.99 -0.37 18.70
N ALA A 191 -2.25 -0.66 18.99
CA ALA A 191 -3.24 -0.95 17.96
C ALA A 191 -3.52 0.27 17.10
N VAL A 192 -3.53 1.47 17.69
CA VAL A 192 -3.77 2.68 16.91
C VAL A 192 -2.65 2.86 15.91
N THR A 193 -1.43 2.59 16.36
CA THR A 193 -0.24 2.69 15.53
C THR A 193 -0.40 1.81 14.30
N GLY A 194 -0.93 0.60 14.48
CA GLY A 194 -1.13 -0.29 13.36
C GLY A 194 -2.22 0.18 12.43
N LEU A 195 -3.18 0.95 12.93
CA LEU A 195 -4.34 1.39 12.13
C LEU A 195 -4.09 2.76 11.51
N SER A 196 -4.07 3.82 12.32
CA SER A 196 -3.92 5.14 11.73
C SER A 196 -2.48 5.62 11.67
N GLY A 197 -1.59 5.12 12.54
CA GLY A 197 -0.19 5.47 12.40
C GLY A 197 0.40 4.99 11.08
N SER A 198 0.18 3.72 10.76
CA SER A 198 0.65 3.19 9.47
C SER A 198 -0.36 3.36 8.34
N GLY A 199 -1.64 3.59 8.65
CA GLY A 199 -2.69 3.69 7.66
C GLY A 199 -2.37 4.48 6.39
N PRO A 200 -1.79 5.67 6.52
CA PRO A 200 -1.50 6.46 5.31
C PRO A 200 -0.62 5.71 4.31
N ALA A 201 0.33 4.90 4.80
CA ALA A 201 1.15 4.12 3.90
C ALA A 201 0.34 3.06 3.17
N TYR A 202 -0.64 2.45 3.86
CA TYR A 202 -1.54 1.51 3.18
C TYR A 202 -2.28 2.22 2.06
N ALA A 203 -2.77 3.45 2.33
CA ALA A 203 -3.50 4.22 1.34
C ALA A 203 -2.62 4.66 0.18
N PHE A 204 -1.38 5.10 0.45
CA PHE A 204 -0.48 5.45 -0.66
C PHE A 204 -0.21 4.24 -1.56
N THR A 205 0.01 3.06 -0.97
CA THR A 205 0.16 1.84 -1.77
C THR A 205 -1.10 1.58 -2.59
N ALA A 206 -2.26 1.67 -1.97
CA ALA A 206 -3.52 1.46 -2.67
C ALA A 206 -3.71 2.48 -3.78
N LEU A 207 -3.34 3.74 -3.55
CA LEU A 207 -3.55 4.75 -4.58
C LEU A 207 -2.62 4.53 -5.76
N ASP A 208 -1.39 4.09 -5.48
CA ASP A 208 -0.46 3.81 -6.56
C ASP A 208 -0.95 2.61 -7.39
N ALA A 209 -1.52 1.61 -6.73
CA ALA A 209 -2.03 0.43 -7.42
C ALA A 209 -3.28 0.76 -8.23
N LEU A 210 -4.20 1.54 -7.65
CA LEU A 210 -5.40 1.93 -8.38
C LEU A 210 -5.05 2.73 -9.62
N ALA A 211 -4.09 3.63 -9.48
CA ALA A 211 -3.58 4.38 -10.63
C ALA A 211 -3.02 3.43 -11.69
N ASP A 212 -2.22 2.44 -11.28
CA ASP A 212 -1.76 1.41 -12.22
C ASP A 212 -2.93 0.74 -12.94
N GLY A 213 -3.99 0.43 -12.19
CA GLY A 213 -5.17 -0.16 -12.81
C GLY A 213 -5.83 0.76 -13.82
N GLY A 214 -5.99 2.03 -13.46
CA GLY A 214 -6.56 2.98 -14.41
C GLY A 214 -5.72 3.11 -15.66
N VAL A 215 -4.38 3.14 -15.50
CA VAL A 215 -3.48 3.23 -16.64
C VAL A 215 -3.56 1.96 -17.48
N LYS A 216 -3.72 0.79 -16.84
CA LYS A 216 -3.82 -0.44 -17.61
C LYS A 216 -5.02 -0.40 -18.55
N MET A 217 -6.13 0.16 -18.08
CA MET A 217 -7.37 0.25 -18.86
C MET A 217 -7.42 1.49 -19.75
N GLY A 218 -6.34 2.27 -19.83
CA GLY A 218 -6.19 3.28 -20.85
C GLY A 218 -6.13 4.73 -20.37
N LEU A 219 -6.24 5.00 -19.05
CA LEU A 219 -6.24 6.38 -18.54
C LEU A 219 -4.82 6.94 -18.48
N PRO A 220 -4.65 8.24 -18.80
CA PRO A 220 -3.38 8.91 -18.47
C PRO A 220 -3.08 8.80 -16.99
N ARG A 221 -1.80 8.66 -16.67
CA ARG A 221 -1.38 8.48 -15.29
C ARG A 221 -1.85 9.65 -14.42
N ARG A 222 -1.69 10.88 -14.90
CA ARG A 222 -2.09 12.06 -14.13
C ARG A 222 -3.58 11.99 -13.75
N LEU A 223 -4.45 11.72 -14.72
CA LEU A 223 -5.87 11.57 -14.44
C LEU A 223 -6.15 10.42 -13.47
N ALA A 224 -5.54 9.25 -13.70
CA ALA A 224 -5.80 8.08 -12.86
C ALA A 224 -5.47 8.36 -11.40
N VAL A 225 -4.33 9.00 -11.16
CA VAL A 225 -3.92 9.33 -9.79
C VAL A 225 -4.92 10.30 -9.15
N ARG A 226 -5.25 11.37 -9.88
CA ARG A 226 -6.25 12.35 -9.44
C ARG A 226 -7.57 11.68 -9.07
N LEU A 227 -8.10 10.85 -9.98
CA LEU A 227 -9.40 10.23 -9.77
C LEU A 227 -9.35 9.24 -8.62
N GLY A 228 -8.30 8.42 -8.56
CA GLY A 228 -8.23 7.44 -7.49
C GLY A 228 -8.20 8.11 -6.13
N ALA A 229 -7.38 9.15 -5.99
CA ALA A 229 -7.28 9.88 -4.72
C ALA A 229 -8.59 10.57 -4.37
N GLN A 230 -9.21 11.23 -5.35
CA GLN A 230 -10.51 11.86 -5.11
C GLN A 230 -11.54 10.82 -4.70
N ALA A 231 -11.50 9.63 -5.30
CA ALA A 231 -12.45 8.57 -4.94
C ALA A 231 -12.27 8.14 -3.48
N LEU A 232 -11.02 8.02 -3.02
CA LEU A 232 -10.79 7.56 -1.65
C LEU A 232 -11.10 8.67 -0.64
N LEU A 233 -10.78 9.91 -0.99
CA LEU A 233 -11.14 11.03 -0.12
C LEU A 233 -12.65 11.12 0.08
N GLY A 234 -13.41 11.07 -1.01
CA GLY A 234 -14.85 11.24 -0.89
C GLY A 234 -15.52 10.09 -0.16
N ALA A 235 -15.04 8.86 -0.39
CA ALA A 235 -15.56 7.71 0.35
C ALA A 235 -15.28 7.84 1.84
N ALA A 236 -14.04 8.15 2.18
CA ALA A 236 -13.70 8.37 3.59
C ALA A 236 -14.58 9.45 4.17
N LYS A 237 -14.78 10.56 3.43
CA LYS A 237 -15.59 11.65 3.95
C LYS A 237 -17.05 11.22 4.13
N MET A 238 -17.59 10.47 3.17
CA MET A 238 -18.94 9.93 3.31
C MET A 238 -19.07 9.15 4.61
N LEU A 239 -18.12 8.24 4.85
CA LEU A 239 -18.18 7.39 6.04
C LEU A 239 -18.14 8.23 7.32
N LEU A 240 -17.20 9.18 7.41
CA LEU A 240 -17.11 10.04 8.59
C LEU A 240 -18.37 10.87 8.84
N HIS A 241 -19.12 11.19 7.78
CA HIS A 241 -20.32 12.02 7.94
C HIS A 241 -21.60 11.21 7.99
N SER A 242 -21.53 9.92 7.72
CA SER A 242 -22.68 9.03 7.78
C SER A 242 -22.73 8.32 9.13
N GLU A 243 -23.93 7.97 9.55
CA GLU A 243 -24.10 7.03 10.66
C GLU A 243 -24.17 5.60 10.17
N GLN A 244 -23.86 5.36 8.90
CA GLN A 244 -24.08 4.06 8.28
C GLN A 244 -22.86 3.19 8.43
N HIS A 245 -23.10 1.89 8.54
CA HIS A 245 -22.02 0.92 8.49
C HIS A 245 -21.35 0.99 7.13
N PRO A 246 -20.01 0.85 7.06
CA PRO A 246 -19.34 0.84 5.74
C PRO A 246 -19.86 -0.24 4.80
N GLY A 247 -20.29 -1.39 5.34
CA GLY A 247 -20.93 -2.39 4.50
C GLY A 247 -22.22 -1.89 3.90
N GLN A 248 -22.96 -1.06 4.64
CA GLN A 248 -24.18 -0.48 4.08
C GLN A 248 -23.84 0.51 2.97
N LEU A 249 -22.80 1.33 3.17
CA LEU A 249 -22.38 2.20 2.09
C LEU A 249 -21.93 1.38 0.88
N LYS A 250 -21.16 0.32 1.10
CA LYS A 250 -20.79 -0.56 0.00
C LYS A 250 -22.04 -1.10 -0.70
N ASP A 251 -23.03 -1.56 0.08
CA ASP A 251 -24.28 -2.03 -0.52
C ASP A 251 -24.92 -0.96 -1.37
N ASN A 252 -24.91 0.30 -0.89
CA ASN A 252 -25.60 1.37 -1.61
C ASN A 252 -24.94 1.68 -2.95
N VAL A 253 -23.65 1.42 -3.10
CA VAL A 253 -22.98 1.72 -4.36
C VAL A 253 -22.89 0.52 -5.31
N SER A 254 -23.28 -0.67 -4.85
CA SER A 254 -23.09 -1.90 -5.60
C SER A 254 -24.36 -2.26 -6.37
N SER A 255 -24.49 -1.69 -7.56
CA SER A 255 -25.63 -1.94 -8.43
C SER A 255 -25.73 -3.43 -8.82
N PRO A 256 -26.90 -4.05 -8.76
CA PRO A 256 -27.01 -5.48 -9.09
C PRO A 256 -26.56 -5.78 -10.51
N GLY A 257 -25.77 -6.84 -10.66
CA GLY A 257 -25.20 -7.20 -11.93
C GLY A 257 -24.13 -6.28 -12.46
N GLY A 258 -23.75 -5.22 -11.71
CA GLY A 258 -23.02 -4.10 -12.27
C GLY A 258 -21.51 -4.23 -12.19
N ALA A 259 -20.86 -3.14 -12.65
CA ALA A 259 -19.39 -3.07 -12.68
C ALA A 259 -18.79 -3.19 -11.27
N THR A 260 -19.38 -2.50 -10.31
CA THR A 260 -18.78 -2.43 -8.97
C THR A 260 -18.84 -3.79 -8.27
N ILE A 261 -19.98 -4.48 -8.34
CA ILE A 261 -20.09 -5.77 -7.65
C ILE A 261 -19.14 -6.79 -8.30
N HIS A 262 -18.89 -6.66 -9.62
CA HIS A 262 -17.92 -7.56 -10.27
C HIS A 262 -16.52 -7.31 -9.75
N ALA A 263 -16.16 -6.04 -9.52
CA ALA A 263 -14.84 -5.71 -9.00
C ALA A 263 -14.70 -6.12 -7.55
N LEU A 264 -15.77 -5.95 -6.76
CA LEU A 264 -15.74 -6.41 -5.38
C LEU A 264 -15.46 -7.90 -5.30
N HIS A 265 -16.04 -8.68 -6.22
CA HIS A 265 -15.77 -10.10 -6.21
C HIS A 265 -14.27 -10.37 -6.36
N VAL A 266 -13.61 -9.76 -7.35
CA VAL A 266 -12.21 -10.08 -7.51
C VAL A 266 -11.39 -9.61 -6.29
N LEU A 267 -11.82 -8.53 -5.63
CA LEU A 267 -11.18 -8.17 -4.37
C LEU A 267 -11.33 -9.30 -3.34
N GLU A 268 -12.58 -9.79 -3.18
CA GLU A 268 -12.81 -10.85 -2.22
C GLU A 268 -11.98 -12.07 -2.54
N SER A 269 -11.85 -12.41 -3.84
CA SER A 269 -11.18 -13.64 -4.21
C SER A 269 -9.70 -13.61 -3.89
N GLY A 270 -9.12 -12.43 -3.75
CA GLY A 270 -7.76 -12.35 -3.27
C GLY A 270 -7.60 -12.19 -1.79
N GLY A 271 -8.68 -12.25 -1.01
CA GLY A 271 -8.56 -12.01 0.41
C GLY A 271 -8.12 -10.60 0.69
N PHE A 272 -8.64 -9.63 -0.08
CA PHE A 272 -8.34 -8.22 0.10
C PHE A 272 -8.55 -7.78 1.54
N ARG A 273 -9.70 -8.17 2.13
CA ARG A 273 -9.96 -7.80 3.52
C ARG A 273 -8.90 -8.37 4.46
N SER A 274 -8.52 -9.64 4.28
CA SER A 274 -7.56 -10.24 5.21
C SER A 274 -6.20 -9.57 5.12
N LEU A 275 -5.85 -9.01 3.96
CA LEU A 275 -4.54 -8.36 3.85
C LEU A 275 -4.47 -7.14 4.72
N LEU A 276 -5.54 -6.33 4.75
CA LEU A 276 -5.58 -5.14 5.60
C LEU A 276 -5.63 -5.50 7.07
N ILE A 277 -6.37 -6.54 7.42
CA ILE A 277 -6.29 -7.05 8.79
C ILE A 277 -4.87 -7.49 9.11
N ASN A 278 -4.27 -8.28 8.20
CA ASN A 278 -2.88 -8.71 8.38
C ASN A 278 -1.98 -7.51 8.62
N ALA A 279 -2.17 -6.44 7.86
CA ALA A 279 -1.25 -5.31 7.96
C ALA A 279 -1.40 -4.61 9.32
N VAL A 280 -2.64 -4.35 9.74
CA VAL A 280 -2.85 -3.72 11.03
C VAL A 280 -2.22 -4.55 12.16
N GLU A 281 -2.37 -5.87 12.08
CA GLU A 281 -1.79 -6.74 13.09
C GLU A 281 -0.28 -6.69 13.06
N ALA A 282 0.29 -6.74 11.85
CA ALA A 282 1.75 -6.81 11.72
C ALA A 282 2.39 -5.52 12.23
N SER A 283 1.80 -4.36 11.93
CA SER A 283 2.32 -3.11 12.45
C SER A 283 2.18 -3.04 13.96
N CYS A 284 1.01 -3.44 14.50
CA CYS A 284 0.82 -3.45 15.94
C CYS A 284 1.81 -4.39 16.63
N ILE A 285 1.98 -5.60 16.07
CA ILE A 285 2.91 -6.56 16.66
C ILE A 285 4.32 -6.03 16.61
N ARG A 286 4.72 -5.47 15.47
CA ARG A 286 6.04 -4.84 15.36
C ARG A 286 6.21 -3.73 16.39
N THR A 287 5.16 -2.94 16.61
CA THR A 287 5.23 -1.85 17.57
C THR A 287 5.55 -2.37 18.98
N ARG A 288 4.95 -3.49 19.37
CA ARG A 288 5.27 -4.09 20.66
C ARG A 288 6.70 -4.62 20.69
N GLU A 289 7.23 -5.09 19.56
CA GLU A 289 8.63 -5.51 19.53
C GLU A 289 9.58 -4.33 19.69
N LEU A 290 9.23 -3.17 19.10
CA LEU A 290 10.09 -2.00 19.19
C LEU A 290 10.24 -1.53 20.64
N GLN A 291 9.18 -1.68 21.44
CA GLN A 291 9.28 -1.37 22.87
C GLN A 291 10.18 -2.38 23.58
N SER A 292 9.98 -3.67 23.32
CA SER A 292 10.68 -4.73 24.03
C SER A 292 12.18 -4.75 23.72
N MET A 293 12.56 -4.40 22.48
CA MET A 293 13.98 -4.36 22.13
C MET A 293 14.72 -3.21 22.80
N ALA A 294 14.02 -2.23 23.36
CA ALA A 294 14.65 -1.21 24.18
C ALA A 294 13.80 -0.88 25.41
N ASN B 17 -19.91 31.12 -4.88
CA ASN B 17 -21.13 31.88 -5.08
C ASN B 17 -21.87 31.53 -6.38
N LEU B 18 -21.87 30.26 -6.75
CA LEU B 18 -22.54 29.84 -7.97
C LEU B 18 -24.03 29.61 -7.72
N TYR B 19 -24.86 29.93 -8.71
CA TYR B 19 -26.27 29.59 -8.63
C TYR B 19 -26.89 29.63 -10.01
N PHE B 20 -27.74 28.64 -10.30
CA PHE B 20 -28.36 28.48 -11.63
C PHE B 20 -29.83 28.87 -11.55
N GLN B 21 -30.10 30.16 -11.70
CA GLN B 21 -31.46 30.66 -11.52
C GLN B 21 -32.41 30.18 -12.61
N SER B 22 -31.93 30.05 -13.84
CA SER B 22 -32.79 29.73 -14.97
C SER B 22 -32.81 28.24 -15.30
N MET B 23 -32.18 27.40 -14.47
CA MET B 23 -32.03 25.99 -14.76
C MET B 23 -33.00 25.16 -13.93
N SER B 24 -33.74 24.27 -14.60
CA SER B 24 -34.56 23.25 -13.95
C SER B 24 -33.93 21.89 -14.21
N VAL B 25 -33.60 21.17 -13.12
CA VAL B 25 -32.97 19.86 -13.21
C VAL B 25 -34.00 18.76 -12.95
N GLY B 26 -33.97 17.72 -13.78
CA GLY B 26 -34.80 16.55 -13.56
C GLY B 26 -33.96 15.28 -13.48
N PHE B 27 -34.43 14.33 -12.68
CA PHE B 27 -33.84 12.99 -12.60
C PHE B 27 -34.87 11.96 -13.08
N ILE B 28 -34.50 11.21 -14.11
CA ILE B 28 -35.21 9.96 -14.44
C ILE B 28 -34.53 8.86 -13.63
N GLY B 29 -35.25 8.32 -12.65
CA GLY B 29 -34.65 7.43 -11.68
C GLY B 29 -34.47 8.16 -10.37
N ALA B 30 -34.89 7.54 -9.27
CA ALA B 30 -34.81 8.18 -7.97
C ALA B 30 -34.09 7.28 -6.98
N GLY B 31 -32.94 6.76 -7.38
CA GLY B 31 -32.12 5.85 -6.61
C GLY B 31 -30.98 6.55 -5.89
N GLN B 32 -29.92 5.79 -5.58
CA GLN B 32 -28.85 6.31 -4.74
C GLN B 32 -28.12 7.48 -5.41
N LEU B 33 -27.84 7.38 -6.70
CA LEU B 33 -27.10 8.45 -7.38
C LEU B 33 -27.94 9.72 -7.49
N ALA B 34 -29.22 9.58 -7.87
CA ALA B 34 -30.10 10.74 -7.94
C ALA B 34 -30.18 11.46 -6.60
N PHE B 35 -30.38 10.71 -5.52
CA PHE B 35 -30.41 11.32 -4.19
C PHE B 35 -29.09 12.00 -3.86
N ALA B 36 -27.96 11.39 -4.27
CA ALA B 36 -26.65 11.91 -3.90
C ALA B 36 -26.36 13.24 -4.60
N LEU B 37 -26.60 13.30 -5.91
CA LEU B 37 -26.46 14.52 -6.68
C LEU B 37 -27.46 15.59 -6.23
N ALA B 38 -28.72 15.21 -6.03
CA ALA B 38 -29.70 16.19 -5.57
C ALA B 38 -29.30 16.76 -4.22
N LYS B 39 -28.76 15.90 -3.34
CA LYS B 39 -28.32 16.36 -2.02
C LYS B 39 -27.06 17.22 -2.12
N GLY B 40 -26.10 16.79 -2.92
CA GLY B 40 -24.91 17.61 -3.14
C GLY B 40 -25.23 18.96 -3.75
N PHE B 41 -26.08 18.98 -4.79
CA PHE B 41 -26.39 20.26 -5.46
C PHE B 41 -27.07 21.22 -4.49
N THR B 42 -27.94 20.71 -3.62
CA THR B 42 -28.66 21.60 -2.72
C THR B 42 -27.76 22.07 -1.60
N ALA B 43 -26.89 21.20 -1.09
CA ALA B 43 -25.90 21.63 -0.12
C ALA B 43 -24.90 22.60 -0.73
N ALA B 44 -24.60 22.47 -2.02
CA ALA B 44 -23.68 23.43 -2.62
C ALA B 44 -24.29 24.81 -2.80
N GLY B 45 -25.62 24.94 -2.60
CA GLY B 45 -26.31 26.20 -2.82
C GLY B 45 -26.60 26.51 -4.27
N VAL B 46 -26.27 25.59 -5.20
CA VAL B 46 -26.40 25.91 -6.62
C VAL B 46 -27.80 25.69 -7.16
N LEU B 47 -28.67 25.02 -6.41
CA LEU B 47 -30.01 24.68 -6.88
C LEU B 47 -30.93 24.60 -5.69
N ALA B 48 -32.06 25.29 -5.76
CA ALA B 48 -33.13 25.08 -4.79
C ALA B 48 -33.73 23.71 -5.00
N ALA B 49 -33.96 22.99 -3.90
CA ALA B 49 -34.48 21.63 -3.99
C ALA B 49 -35.79 21.57 -4.77
N HIS B 50 -36.67 22.54 -4.56
CA HIS B 50 -37.94 22.57 -5.26
C HIS B 50 -37.78 22.80 -6.76
N LYS B 51 -36.60 23.16 -7.24
CA LYS B 51 -36.34 23.22 -8.67
C LYS B 51 -35.83 21.89 -9.22
N ILE B 52 -35.79 20.86 -8.38
CA ILE B 52 -35.47 19.51 -8.79
C ILE B 52 -36.76 18.70 -8.85
N MET B 53 -36.89 17.88 -9.89
CA MET B 53 -37.98 16.90 -9.98
C MET B 53 -37.37 15.54 -10.26
N ALA B 54 -37.89 14.51 -9.60
CA ALA B 54 -37.42 13.15 -9.86
C ALA B 54 -38.61 12.23 -10.08
N SER B 55 -38.40 11.23 -10.94
CA SER B 55 -39.41 10.24 -11.26
C SER B 55 -38.87 8.85 -11.01
N SER B 56 -39.77 7.93 -10.63
CA SER B 56 -39.39 6.55 -10.36
C SER B 56 -40.61 5.65 -10.42
N PRO B 57 -40.50 4.44 -10.98
CA PRO B 57 -41.65 3.54 -11.02
C PRO B 57 -42.00 2.91 -9.68
N ASP B 58 -41.10 3.00 -8.69
CA ASP B 58 -41.36 2.52 -7.33
C ASP B 58 -41.26 3.73 -6.42
N MET B 59 -42.40 4.36 -6.15
CA MET B 59 -42.45 5.51 -5.26
C MET B 59 -42.47 5.06 -3.80
N ASP B 60 -41.86 3.91 -3.51
CA ASP B 60 -41.74 3.42 -2.15
C ASP B 60 -40.28 3.15 -1.77
N LEU B 61 -39.34 3.78 -2.47
CA LEU B 61 -37.93 3.60 -2.19
C LEU B 61 -37.50 4.47 -1.01
N ALA B 62 -36.48 4.00 -0.30
CA ALA B 62 -35.90 4.81 0.76
C ALA B 62 -35.31 6.10 0.21
N THR B 63 -34.69 6.01 -0.98
CA THR B 63 -34.16 7.21 -1.63
C THR B 63 -35.27 8.16 -2.05
N VAL B 64 -36.40 7.62 -2.53
CA VAL B 64 -37.52 8.48 -2.88
C VAL B 64 -38.16 9.07 -1.63
N SER B 65 -38.08 8.36 -0.51
CA SER B 65 -38.59 8.91 0.75
C SER B 65 -37.73 10.05 1.26
N ALA B 66 -36.40 9.92 1.10
CA ALA B 66 -35.49 10.99 1.50
C ALA B 66 -35.61 12.20 0.59
N LEU B 67 -35.81 11.98 -0.71
CA LEU B 67 -35.95 13.09 -1.64
C LEU B 67 -37.12 13.99 -1.27
N ARG B 68 -38.22 13.43 -0.76
CA ARG B 68 -39.35 14.27 -0.37
C ARG B 68 -39.02 15.14 0.83
N LYS B 69 -38.20 14.63 1.76
CA LYS B 69 -37.79 15.44 2.91
C LYS B 69 -36.94 16.63 2.48
N MET B 70 -36.11 16.45 1.44
CA MET B 70 -35.33 17.55 0.90
C MET B 70 -36.19 18.65 0.28
N GLY B 71 -37.40 18.33 -0.16
CA GLY B 71 -38.21 19.27 -0.92
C GLY B 71 -38.18 19.05 -2.43
N VAL B 72 -37.52 18.00 -2.90
CA VAL B 72 -37.46 17.73 -4.33
C VAL B 72 -38.84 17.30 -4.81
N LYS B 73 -39.29 17.88 -5.93
CA LYS B 73 -40.54 17.44 -6.54
C LYS B 73 -40.39 16.00 -7.00
N LEU B 74 -41.38 15.17 -6.68
CA LEU B 74 -41.36 13.77 -7.07
C LEU B 74 -42.63 13.44 -7.82
N THR B 75 -42.50 12.75 -8.94
CA THR B 75 -43.63 12.30 -9.73
C THR B 75 -43.39 10.85 -10.12
N PRO B 76 -44.45 10.10 -10.39
CA PRO B 76 -44.25 8.77 -11.00
C PRO B 76 -44.08 8.80 -12.52
N HIS B 77 -44.36 9.91 -13.19
CA HIS B 77 -44.45 9.94 -14.64
C HIS B 77 -43.20 10.60 -15.22
N ASN B 78 -42.42 9.80 -15.96
CA ASN B 78 -41.22 10.31 -16.62
C ASN B 78 -41.54 11.47 -17.56
N LYS B 79 -42.74 11.49 -18.16
CA LYS B 79 -43.10 12.62 -19.02
C LYS B 79 -43.15 13.91 -18.23
N GLU B 80 -43.57 13.85 -16.96
CA GLU B 80 -43.64 15.05 -16.13
C GLU B 80 -42.25 15.62 -15.87
N THR B 81 -41.30 14.76 -15.48
CA THR B 81 -39.91 15.18 -15.30
C THR B 81 -39.37 15.89 -16.53
N VAL B 82 -39.59 15.32 -17.72
CA VAL B 82 -39.04 15.88 -18.95
C VAL B 82 -39.60 17.27 -19.18
N GLN B 83 -40.91 17.44 -19.00
CA GLN B 83 -41.55 18.73 -19.29
C GLN B 83 -41.11 19.80 -18.30
N HIS B 84 -40.84 19.42 -17.05
CA HIS B 84 -40.33 20.33 -16.03
C HIS B 84 -38.87 20.73 -16.25
N SER B 85 -38.09 19.90 -16.94
CA SER B 85 -36.64 20.00 -16.84
C SER B 85 -36.01 20.67 -18.06
N ASP B 86 -34.92 21.37 -17.81
CA ASP B 86 -33.95 21.74 -18.83
C ASP B 86 -32.84 20.69 -18.91
N VAL B 87 -32.15 20.50 -17.79
CA VAL B 87 -31.11 19.49 -17.67
C VAL B 87 -31.73 18.21 -17.14
N LEU B 88 -31.62 17.13 -17.90
CA LEU B 88 -32.29 15.87 -17.58
C LEU B 88 -31.22 14.81 -17.33
N PHE B 89 -31.09 14.37 -16.08
CA PHE B 89 -30.15 13.32 -15.72
C PHE B 89 -30.82 11.97 -15.88
N LEU B 90 -30.20 11.09 -16.67
CA LEU B 90 -30.62 9.69 -16.76
C LEU B 90 -29.86 8.91 -15.68
N ALA B 91 -30.52 8.65 -14.57
CA ALA B 91 -29.90 7.93 -13.46
C ALA B 91 -30.59 6.61 -13.22
N VAL B 92 -30.72 5.80 -14.27
CA VAL B 92 -31.30 4.47 -14.17
C VAL B 92 -30.27 3.46 -14.67
N LYS B 93 -30.58 2.19 -14.43
CA LYS B 93 -29.70 1.09 -14.82
C LYS B 93 -29.47 1.12 -16.33
N PRO B 94 -28.30 0.64 -16.80
CA PRO B 94 -28.02 0.69 -18.25
C PRO B 94 -29.09 0.01 -19.09
N HIS B 95 -29.63 -1.11 -18.64
CA HIS B 95 -30.61 -1.79 -19.48
C HIS B 95 -31.97 -1.10 -19.47
N ILE B 96 -32.19 -0.14 -18.57
CA ILE B 96 -33.46 0.59 -18.57
C ILE B 96 -33.42 1.77 -19.54
N ILE B 97 -32.23 2.30 -19.80
CA ILE B 97 -32.04 3.48 -20.65
C ILE B 97 -32.80 3.37 -21.96
N PRO B 98 -32.61 2.31 -22.79
CA PRO B 98 -33.34 2.26 -24.06
C PRO B 98 -34.84 2.33 -23.91
N PHE B 99 -35.39 1.78 -22.82
CA PHE B 99 -36.83 1.90 -22.60
C PHE B 99 -37.22 3.34 -22.24
N ILE B 100 -36.46 3.96 -21.33
CA ILE B 100 -36.69 5.38 -21.03
C ILE B 100 -36.68 6.20 -22.31
N LEU B 101 -35.65 6.01 -23.14
CA LEU B 101 -35.50 6.83 -24.34
C LEU B 101 -36.67 6.64 -25.29
N ASP B 102 -37.23 5.43 -25.36
CA ASP B 102 -38.43 5.22 -26.17
C ASP B 102 -39.64 5.92 -25.57
N GLU B 103 -39.75 5.89 -24.24
CA GLU B 103 -40.95 6.42 -23.58
C GLU B 103 -41.05 7.94 -23.72
N ILE B 104 -39.95 8.65 -23.50
CA ILE B 104 -39.98 10.11 -23.45
C ILE B 104 -39.34 10.76 -24.66
N GLY B 105 -38.86 9.98 -25.64
CA GLY B 105 -38.15 10.56 -26.77
C GLY B 105 -38.94 11.62 -27.52
N ALA B 106 -40.26 11.42 -27.65
CA ALA B 106 -41.10 12.41 -28.34
C ALA B 106 -41.30 13.68 -27.51
N ASP B 107 -40.86 13.71 -26.25
CA ASP B 107 -40.97 14.89 -25.42
C ASP B 107 -39.66 15.68 -25.30
N ILE B 108 -38.56 15.18 -25.87
CA ILE B 108 -37.31 15.91 -25.84
C ILE B 108 -37.44 17.13 -26.76
N GLU B 109 -37.05 18.30 -26.22
CA GLU B 109 -37.10 19.59 -26.91
C GLU B 109 -35.69 20.09 -27.22
N ASP B 110 -35.64 21.16 -28.01
CA ASP B 110 -34.36 21.80 -28.33
C ASP B 110 -33.62 22.22 -27.07
N ARG B 111 -34.35 22.68 -26.06
CA ARG B 111 -33.76 23.22 -24.84
C ARG B 111 -33.13 22.15 -23.97
N HIS B 112 -33.43 20.88 -24.19
CA HIS B 112 -33.01 19.83 -23.27
C HIS B 112 -31.54 19.49 -23.46
N ILE B 113 -30.82 19.39 -22.35
CA ILE B 113 -29.54 18.71 -22.28
C ILE B 113 -29.79 17.38 -21.59
N VAL B 114 -29.48 16.28 -22.25
CA VAL B 114 -29.67 14.96 -21.68
C VAL B 114 -28.33 14.46 -21.18
N VAL B 115 -28.26 14.15 -19.90
CA VAL B 115 -27.02 13.77 -19.27
C VAL B 115 -27.19 12.36 -18.75
N SER B 116 -26.56 11.39 -19.42
CA SER B 116 -26.71 10.01 -19.03
C SER B 116 -25.64 9.68 -18.00
N CYS B 117 -26.06 9.12 -16.88
CA CYS B 117 -25.13 8.69 -15.84
C CYS B 117 -24.97 7.19 -15.79
N ALA B 118 -25.59 6.45 -16.71
CA ALA B 118 -25.56 5.00 -16.67
C ALA B 118 -24.17 4.49 -17.03
N ALA B 119 -23.70 3.48 -16.32
CA ALA B 119 -22.45 2.84 -16.70
C ALA B 119 -22.57 2.21 -18.07
N GLY B 120 -21.55 2.43 -18.90
CA GLY B 120 -21.40 1.72 -20.15
C GLY B 120 -22.14 2.32 -21.34
N VAL B 121 -23.28 2.97 -21.12
CA VAL B 121 -24.14 3.36 -22.25
C VAL B 121 -23.46 4.50 -23.00
N THR B 122 -23.19 4.28 -24.29
CA THR B 122 -22.48 5.23 -25.12
C THR B 122 -23.37 6.41 -25.53
N ILE B 123 -22.71 7.52 -25.86
CA ILE B 123 -23.38 8.65 -26.46
C ILE B 123 -24.04 8.25 -27.77
N SER B 124 -23.36 7.42 -28.56
CA SER B 124 -23.86 7.01 -29.86
C SER B 124 -25.22 6.32 -29.73
N SER B 125 -25.34 5.38 -28.79
CA SER B 125 -26.60 4.64 -28.67
C SER B 125 -27.74 5.55 -28.22
N ILE B 126 -27.46 6.52 -27.35
CA ILE B 126 -28.49 7.45 -26.88
C ILE B 126 -28.93 8.37 -28.01
N GLU B 127 -27.97 8.93 -28.74
CA GLU B 127 -28.33 9.82 -29.85
C GLU B 127 -29.11 9.08 -30.92
N LYS B 128 -28.77 7.81 -31.17
CA LYS B 128 -29.49 7.05 -32.19
C LYS B 128 -30.96 6.93 -31.84
N LYS B 129 -31.28 6.68 -30.57
CA LYS B 129 -32.66 6.55 -30.12
C LYS B 129 -33.40 7.87 -30.24
N LEU B 130 -32.85 8.92 -29.65
CA LEU B 130 -33.53 10.21 -29.61
C LEU B 130 -33.63 10.85 -30.99
N SER B 131 -32.64 10.64 -31.86
CA SER B 131 -32.69 11.24 -33.19
C SER B 131 -33.83 10.71 -34.03
N ALA B 132 -34.38 9.53 -33.71
CA ALA B 132 -35.58 9.06 -34.39
C ALA B 132 -36.75 10.02 -34.19
N PHE B 133 -36.78 10.72 -33.06
CA PHE B 133 -37.89 11.60 -32.71
C PHE B 133 -37.64 13.04 -33.13
N ARG B 134 -36.40 13.51 -33.00
CA ARG B 134 -36.09 14.89 -33.24
C ARG B 134 -34.60 14.90 -33.52
N PRO B 135 -34.14 15.51 -34.62
CA PRO B 135 -32.71 15.56 -34.88
C PRO B 135 -32.00 16.43 -33.86
N ALA B 136 -30.69 16.27 -33.82
CA ALA B 136 -29.80 17.04 -32.97
C ALA B 136 -30.13 17.01 -31.47
N PRO B 137 -30.37 15.86 -30.85
CA PRO B 137 -30.47 15.85 -29.39
C PRO B 137 -29.14 16.20 -28.73
N ARG B 138 -29.19 17.00 -27.67
CA ARG B 138 -27.98 17.45 -26.98
C ARG B 138 -27.70 16.50 -25.81
N VAL B 139 -26.70 15.64 -25.98
CA VAL B 139 -26.42 14.53 -25.08
C VAL B 139 -25.04 14.71 -24.48
N ILE B 140 -24.95 14.49 -23.18
CA ILE B 140 -23.69 14.40 -22.47
C ILE B 140 -23.67 13.09 -21.70
N ARG B 141 -22.54 12.39 -21.74
CA ARG B 141 -22.35 11.20 -20.94
C ARG B 141 -21.41 11.54 -19.78
N CYS B 142 -21.80 11.12 -18.58
CA CYS B 142 -20.97 11.39 -17.43
C CYS B 142 -20.83 10.12 -16.59
N MET B 143 -19.72 10.06 -15.86
CA MET B 143 -19.52 9.05 -14.83
C MET B 143 -19.13 9.81 -13.56
N THR B 144 -19.92 9.64 -12.51
CA THR B 144 -19.70 10.37 -11.27
C THR B 144 -19.66 9.30 -10.20
N ASN B 145 -19.81 9.67 -8.94
CA ASN B 145 -19.86 8.68 -7.86
C ASN B 145 -20.62 9.26 -6.67
N THR B 146 -20.86 8.41 -5.67
CA THR B 146 -21.79 8.81 -4.63
C THR B 146 -21.22 9.86 -3.68
N PRO B 147 -19.87 9.99 -3.50
CA PRO B 147 -19.38 11.08 -2.66
C PRO B 147 -19.76 12.49 -3.11
N VAL B 148 -20.45 12.66 -4.27
CA VAL B 148 -21.08 13.95 -4.53
C VAL B 148 -22.03 14.32 -3.40
N VAL B 149 -22.45 13.34 -2.60
CA VAL B 149 -23.38 13.64 -1.52
C VAL B 149 -22.72 14.50 -0.45
N VAL B 150 -21.39 14.38 -0.29
CA VAL B 150 -20.61 15.23 0.62
C VAL B 150 -19.74 16.23 -0.16
N ARG B 151 -20.12 16.54 -1.39
CA ARG B 151 -19.41 17.50 -2.24
C ARG B 151 -17.94 17.13 -2.47
N GLU B 152 -17.63 15.82 -2.51
CA GLU B 152 -16.29 15.36 -2.84
C GLU B 152 -16.34 14.27 -3.89
N GLY B 153 -17.24 14.41 -4.84
CA GLY B 153 -17.34 13.44 -5.91
C GLY B 153 -16.17 13.52 -6.87
N ALA B 154 -16.12 12.55 -7.77
CA ALA B 154 -15.17 12.54 -8.86
C ALA B 154 -15.97 12.28 -10.13
N THR B 155 -15.98 13.25 -11.04
CA THR B 155 -16.89 13.21 -12.16
C THR B 155 -16.11 13.47 -13.45
N VAL B 156 -16.36 12.64 -14.46
CA VAL B 156 -15.90 12.98 -15.80
C VAL B 156 -17.13 13.06 -16.70
N TYR B 157 -16.96 13.72 -17.85
CA TYR B 157 -18.06 13.82 -18.78
C TYR B 157 -17.50 13.92 -20.18
N ALA B 158 -18.28 13.47 -21.15
CA ALA B 158 -17.96 13.65 -22.56
C ALA B 158 -19.18 14.25 -23.26
N THR B 159 -18.95 15.19 -24.16
CA THR B 159 -20.02 15.90 -24.85
C THR B 159 -20.37 15.20 -26.15
N GLY B 160 -21.66 15.15 -26.46
CA GLY B 160 -22.14 14.45 -27.65
C GLY B 160 -21.99 15.26 -28.92
N THR B 161 -22.51 14.68 -30.01
CA THR B 161 -22.37 15.29 -31.34
C THR B 161 -22.99 16.68 -31.41
N HIS B 162 -24.14 16.86 -30.76
CA HIS B 162 -24.93 18.09 -30.92
C HIS B 162 -24.92 18.94 -29.66
N ALA B 163 -24.17 18.54 -28.64
CA ALA B 163 -23.96 19.38 -27.46
C ALA B 163 -23.19 20.64 -27.83
N GLN B 164 -23.69 21.79 -27.43
CA GLN B 164 -22.99 23.02 -27.73
C GLN B 164 -21.87 23.25 -26.72
N VAL B 165 -20.97 24.17 -27.07
CA VAL B 165 -19.84 24.49 -26.21
C VAL B 165 -20.34 24.96 -24.85
N GLU B 166 -21.40 25.76 -24.83
CA GLU B 166 -21.93 26.20 -23.54
C GLU B 166 -22.54 25.06 -22.74
N ASP B 167 -22.92 23.95 -23.38
CA ASP B 167 -23.52 22.82 -22.65
C ASP B 167 -22.49 22.11 -21.79
N GLY B 168 -21.30 21.84 -22.35
CA GLY B 168 -20.26 21.21 -21.56
C GLY B 168 -19.74 22.10 -20.44
N ARG B 169 -19.50 23.39 -20.74
CA ARG B 169 -19.07 24.32 -19.69
C ARG B 169 -20.11 24.38 -18.58
N LEU B 170 -21.38 24.39 -18.94
CA LEU B 170 -22.45 24.42 -17.96
C LEU B 170 -22.44 23.16 -17.10
N MET B 171 -22.30 22.01 -17.73
CA MET B 171 -22.28 20.78 -16.95
C MET B 171 -21.04 20.69 -16.08
N GLU B 172 -19.91 21.18 -16.57
CA GLU B 172 -18.73 21.24 -15.71
C GLU B 172 -18.97 22.15 -14.52
N GLN B 173 -19.59 23.32 -14.75
CA GLN B 173 -19.93 24.23 -13.66
C GLN B 173 -20.75 23.53 -12.58
N LEU B 174 -21.83 22.87 -13.00
CA LEU B 174 -22.75 22.22 -12.07
C LEU B 174 -22.07 21.09 -11.30
N LEU B 175 -21.40 20.19 -12.01
CA LEU B 175 -20.82 19.05 -11.31
C LEU B 175 -19.55 19.40 -10.55
N SER B 176 -18.88 20.50 -10.91
CA SER B 176 -17.78 21.00 -10.10
C SER B 176 -18.25 21.50 -8.73
N SER B 177 -19.53 21.80 -8.59
CA SER B 177 -19.98 22.23 -7.28
C SER B 177 -20.10 21.07 -6.30
N VAL B 178 -19.92 19.82 -6.75
CA VAL B 178 -20.04 18.68 -5.85
C VAL B 178 -18.81 17.78 -5.89
N GLY B 179 -17.73 18.27 -6.50
CA GLY B 179 -16.47 17.54 -6.42
C GLY B 179 -15.59 17.87 -7.61
N PHE B 180 -14.57 17.03 -7.81
CA PHE B 180 -13.73 17.18 -8.97
C PHE B 180 -14.53 16.90 -10.24
N CYS B 181 -14.27 17.65 -11.30
CA CYS B 181 -14.97 17.40 -12.56
C CYS B 181 -14.07 17.82 -13.70
N THR B 182 -13.90 16.94 -14.70
CA THR B 182 -13.18 17.34 -15.89
C THR B 182 -13.80 16.68 -17.11
N GLU B 183 -13.64 17.34 -18.26
CA GLU B 183 -14.07 16.74 -19.51
C GLU B 183 -13.09 15.66 -19.93
N VAL B 184 -13.60 14.57 -20.53
CA VAL B 184 -12.74 13.55 -21.09
C VAL B 184 -13.27 13.12 -22.45
N GLU B 185 -12.41 12.45 -23.22
CA GLU B 185 -12.89 11.74 -24.40
C GLU B 185 -13.75 10.55 -23.96
N GLU B 186 -14.80 10.29 -24.74
CA GLU B 186 -15.76 9.28 -24.27
C GLU B 186 -15.11 7.92 -24.10
N ASP B 187 -14.10 7.57 -24.90
CA ASP B 187 -13.52 6.23 -24.74
C ASP B 187 -12.65 6.05 -23.50
N LEU B 188 -12.49 7.09 -22.66
CA LEU B 188 -11.89 6.88 -21.35
C LEU B 188 -12.91 6.53 -20.26
N ILE B 189 -14.22 6.64 -20.54
CA ILE B 189 -15.19 6.64 -19.45
C ILE B 189 -15.37 5.25 -18.85
N ASP B 190 -15.25 4.19 -19.65
CA ASP B 190 -15.32 2.85 -19.11
C ASP B 190 -14.23 2.60 -18.06
N ALA B 191 -13.01 3.09 -18.32
CA ALA B 191 -11.89 2.95 -17.38
C ALA B 191 -12.10 3.83 -16.15
N VAL B 192 -12.65 5.03 -16.33
CA VAL B 192 -12.97 5.88 -15.19
C VAL B 192 -14.01 5.19 -14.30
N THR B 193 -14.98 4.54 -14.93
CA THR B 193 -16.00 3.82 -14.16
C THR B 193 -15.35 2.79 -13.23
N GLY B 194 -14.36 2.05 -13.73
CA GLY B 194 -13.65 1.07 -12.93
C GLY B 194 -12.79 1.68 -11.82
N LEU B 195 -12.39 2.94 -11.97
CA LEU B 195 -11.50 3.59 -11.00
C LEU B 195 -12.30 4.42 -10.02
N SER B 196 -12.87 5.56 -10.47
CA SER B 196 -13.62 6.40 -9.55
C SER B 196 -15.10 6.07 -9.46
N GLY B 197 -15.70 5.43 -10.47
CA GLY B 197 -17.09 5.04 -10.31
C GLY B 197 -17.26 3.98 -9.23
N SER B 198 -16.43 2.93 -9.30
CA SER B 198 -16.46 1.83 -8.34
C SER B 198 -15.55 2.08 -7.14
N GLY B 199 -14.61 3.02 -7.27
CA GLY B 199 -13.65 3.34 -6.23
C GLY B 199 -14.18 3.42 -4.81
N PRO B 200 -15.25 4.19 -4.57
CA PRO B 200 -15.74 4.32 -3.19
C PRO B 200 -16.08 2.99 -2.54
N ALA B 201 -16.60 2.02 -3.33
CA ALA B 201 -16.87 0.70 -2.78
C ALA B 201 -15.58 -0.02 -2.41
N TYR B 202 -14.50 0.17 -3.18
CA TYR B 202 -13.23 -0.40 -2.76
C TYR B 202 -12.84 0.17 -1.40
N ALA B 203 -13.07 1.47 -1.24
CA ALA B 203 -12.69 2.14 0.00
C ALA B 203 -13.58 1.70 1.16
N PHE B 204 -14.89 1.58 0.95
CA PHE B 204 -15.75 1.10 2.04
C PHE B 204 -15.33 -0.31 2.48
N THR B 205 -14.99 -1.18 1.51
CA THR B 205 -14.51 -2.52 1.81
C THR B 205 -13.20 -2.46 2.59
N ALA B 206 -12.27 -1.62 2.15
CA ALA B 206 -11.00 -1.46 2.85
C ALA B 206 -11.20 -0.91 4.25
N LEU B 207 -12.19 -0.05 4.46
CA LEU B 207 -12.37 0.54 5.79
C LEU B 207 -13.02 -0.44 6.74
N ASP B 208 -13.95 -1.25 6.24
CA ASP B 208 -14.52 -2.34 7.02
C ASP B 208 -13.40 -3.26 7.52
N ALA B 209 -12.46 -3.59 6.65
CA ALA B 209 -11.42 -4.55 6.99
C ALA B 209 -10.39 -3.92 7.93
N LEU B 210 -9.96 -2.70 7.62
CA LEU B 210 -9.03 -2.02 8.52
C LEU B 210 -9.61 -1.92 9.91
N ALA B 211 -10.91 -1.61 9.99
CA ALA B 211 -11.57 -1.58 11.30
C ALA B 211 -11.56 -2.98 11.94
N ASP B 212 -11.84 -4.03 11.15
CA ASP B 212 -11.72 -5.39 11.68
C ASP B 212 -10.35 -5.63 12.26
N GLY B 213 -9.32 -5.09 11.60
CA GLY B 213 -7.97 -5.24 12.11
C GLY B 213 -7.75 -4.49 13.39
N GLY B 214 -8.27 -3.26 13.47
CA GLY B 214 -8.17 -2.51 14.71
C GLY B 214 -8.85 -3.23 15.87
N VAL B 215 -10.05 -3.77 15.63
CA VAL B 215 -10.77 -4.53 16.65
C VAL B 215 -9.97 -5.76 17.09
N LYS B 216 -9.39 -6.49 16.13
CA LYS B 216 -8.58 -7.66 16.49
C LYS B 216 -7.49 -7.29 17.47
N MET B 217 -6.84 -6.17 17.25
CA MET B 217 -5.75 -5.74 18.10
C MET B 217 -6.23 -4.99 19.34
N GLY B 218 -7.54 -4.91 19.57
CA GLY B 218 -8.08 -4.44 20.84
C GLY B 218 -8.81 -3.11 20.85
N LEU B 219 -9.04 -2.46 19.64
CA LEU B 219 -9.75 -1.17 19.68
C LEU B 219 -11.25 -1.36 19.67
N PRO B 220 -12.00 -0.48 20.32
CA PRO B 220 -13.45 -0.46 20.08
C PRO B 220 -13.74 -0.20 18.62
N ARG B 221 -14.84 -0.82 18.16
CA ARG B 221 -15.21 -0.74 16.75
CA ARG B 221 -15.21 -0.74 16.75
C ARG B 221 -15.40 0.71 16.31
N ARG B 222 -16.05 1.52 17.12
CA ARG B 222 -16.36 2.89 16.71
C ARG B 222 -15.10 3.71 16.53
N LEU B 223 -14.15 3.59 17.44
CA LEU B 223 -12.86 4.27 17.28
C LEU B 223 -12.10 3.73 16.09
N ALA B 224 -12.10 2.41 15.90
CA ALA B 224 -11.37 1.83 14.79
C ALA B 224 -11.90 2.36 13.46
N VAL B 225 -13.23 2.44 13.31
CA VAL B 225 -13.80 2.97 12.07
C VAL B 225 -13.39 4.42 11.87
N ARG B 226 -13.58 5.26 12.90
CA ARG B 226 -13.20 6.67 12.83
C ARG B 226 -11.74 6.85 12.40
N LEU B 227 -10.83 6.18 13.10
CA LEU B 227 -9.41 6.32 12.81
C LEU B 227 -9.05 5.81 11.42
N GLY B 228 -9.62 4.68 11.01
CA GLY B 228 -9.36 4.16 9.68
C GLY B 228 -9.82 5.13 8.61
N ALA B 229 -11.04 5.63 8.74
CA ALA B 229 -11.56 6.59 7.78
C ALA B 229 -10.74 7.87 7.78
N GLN B 230 -10.34 8.35 8.97
CA GLN B 230 -9.52 9.57 9.04
C GLN B 230 -8.18 9.36 8.36
N ALA B 231 -7.52 8.22 8.63
CA ALA B 231 -6.26 7.89 7.97
C ALA B 231 -6.37 7.96 6.46
N LEU B 232 -7.41 7.31 5.90
CA LEU B 232 -7.60 7.30 4.46
C LEU B 232 -7.87 8.69 3.91
N LEU B 233 -8.74 9.45 4.59
CA LEU B 233 -9.05 10.79 4.12
C LEU B 233 -7.78 11.64 4.11
N GLY B 234 -7.01 11.57 5.19
CA GLY B 234 -5.83 12.42 5.28
C GLY B 234 -4.77 12.03 4.26
N ALA B 235 -4.65 10.73 3.96
CA ALA B 235 -3.68 10.31 2.97
C ALA B 235 -4.09 10.76 1.57
N ALA B 236 -5.38 10.61 1.25
CA ALA B 236 -5.89 11.08 -0.03
C ALA B 236 -5.67 12.56 -0.20
N LYS B 237 -6.00 13.34 0.84
CA LYS B 237 -5.74 14.77 0.80
C LYS B 237 -4.26 15.08 0.59
N MET B 238 -3.38 14.41 1.33
CA MET B 238 -1.95 14.65 1.18
C MET B 238 -1.52 14.52 -0.29
N LEU B 239 -1.96 13.43 -0.93
CA LEU B 239 -1.59 13.19 -2.33
C LEU B 239 -2.18 14.25 -3.25
N LEU B 240 -3.46 14.60 -3.05
CA LEU B 240 -4.08 15.62 -3.87
C LEU B 240 -3.36 16.96 -3.76
N HIS B 241 -2.86 17.31 -2.58
CA HIS B 241 -2.25 18.61 -2.38
C HIS B 241 -0.74 18.59 -2.51
N SER B 242 -0.16 17.43 -2.80
CA SER B 242 1.27 17.26 -3.00
C SER B 242 1.55 17.05 -4.47
N GLU B 243 2.70 17.53 -4.93
CA GLU B 243 3.10 17.19 -6.29
C GLU B 243 3.81 15.84 -6.36
N GLN B 244 3.99 15.17 -5.22
CA GLN B 244 4.89 14.04 -5.10
C GLN B 244 4.22 12.72 -5.48
N HIS B 245 5.05 11.77 -5.91
CA HIS B 245 4.58 10.44 -6.24
C HIS B 245 4.05 9.74 -4.98
N PRO B 246 2.99 8.93 -5.09
CA PRO B 246 2.51 8.21 -3.89
C PRO B 246 3.54 7.30 -3.27
N GLY B 247 4.45 6.72 -4.08
CA GLY B 247 5.54 5.97 -3.49
C GLY B 247 6.44 6.83 -2.63
N GLN B 248 6.68 8.07 -3.06
CA GLN B 248 7.47 8.98 -2.24
C GLN B 248 6.79 9.25 -0.90
N LEU B 249 5.48 9.50 -0.92
CA LEU B 249 4.75 9.71 0.32
C LEU B 249 4.75 8.46 1.19
N LYS B 250 4.60 7.29 0.57
CA LYS B 250 4.74 6.04 1.30
C LYS B 250 6.12 5.93 1.94
N ASP B 251 7.17 6.25 1.19
CA ASP B 251 8.53 6.25 1.74
C ASP B 251 8.63 7.14 2.97
N ASN B 252 7.91 8.27 2.98
CA ASN B 252 8.04 9.22 4.08
C ASN B 252 7.47 8.69 5.38
N VAL B 253 6.45 7.81 5.29
CA VAL B 253 5.90 7.18 6.48
C VAL B 253 6.67 5.95 6.94
N SER B 254 7.39 5.30 6.04
CA SER B 254 7.99 4.00 6.36
C SER B 254 9.34 4.21 7.03
N SER B 255 9.28 4.40 8.35
CA SER B 255 10.49 4.51 9.16
C SER B 255 11.31 3.23 9.08
N PRO B 256 12.63 3.33 8.90
CA PRO B 256 13.46 2.12 8.74
C PRO B 256 13.32 1.15 9.92
N GLY B 257 13.00 -0.11 9.61
CA GLY B 257 12.84 -1.12 10.64
C GLY B 257 11.53 -1.05 11.41
N GLY B 258 10.66 -0.09 11.10
CA GLY B 258 9.54 0.25 11.94
C GLY B 258 8.29 -0.55 11.64
N ALA B 259 7.20 -0.14 12.30
CA ALA B 259 5.93 -0.85 12.21
C ALA B 259 5.33 -0.76 10.80
N THR B 260 5.42 0.41 10.18
CA THR B 260 4.73 0.59 8.90
C THR B 260 5.35 -0.29 7.82
N ILE B 261 6.69 -0.33 7.74
CA ILE B 261 7.35 -1.12 6.69
C ILE B 261 7.13 -2.60 6.91
N HIS B 262 6.99 -3.03 8.17
CA HIS B 262 6.63 -4.42 8.41
C HIS B 262 5.22 -4.72 7.91
N ALA B 263 4.28 -3.81 8.12
CA ALA B 263 2.92 -4.03 7.59
C ALA B 263 2.90 -3.96 6.08
N LEU B 264 3.67 -3.04 5.49
CA LEU B 264 3.68 -2.95 4.03
C LEU B 264 4.19 -4.26 3.43
N HIS B 265 5.17 -4.90 4.09
CA HIS B 265 5.64 -6.18 3.59
C HIS B 265 4.50 -7.19 3.53
N VAL B 266 3.65 -7.26 4.58
CA VAL B 266 2.60 -8.27 4.52
C VAL B 266 1.55 -7.92 3.46
N LEU B 267 1.32 -6.63 3.16
CA LEU B 267 0.44 -6.31 2.02
C LEU B 267 1.04 -6.81 0.71
N GLU B 268 2.35 -6.56 0.49
CA GLU B 268 3.01 -7.01 -0.74
C GLU B 268 2.97 -8.52 -0.85
N SER B 269 3.12 -9.24 0.27
CA SER B 269 3.15 -10.70 0.19
C SER B 269 1.81 -11.26 -0.26
N GLY B 270 0.70 -10.58 0.06
CA GLY B 270 -0.59 -10.96 -0.47
C GLY B 270 -0.88 -10.45 -1.87
N GLY B 271 0.04 -9.71 -2.49
CA GLY B 271 -0.28 -9.16 -3.82
C GLY B 271 -1.38 -8.12 -3.75
N PHE B 272 -1.38 -7.31 -2.71
CA PHE B 272 -2.36 -6.26 -2.48
C PHE B 272 -2.52 -5.34 -3.69
N ARG B 273 -1.41 -4.85 -4.24
CA ARG B 273 -1.49 -3.97 -5.40
C ARG B 273 -2.21 -4.65 -6.56
N SER B 274 -1.90 -5.92 -6.82
CA SER B 274 -2.51 -6.58 -7.98
C SER B 274 -4.02 -6.74 -7.82
N LEU B 275 -4.49 -6.84 -6.57
CA LEU B 275 -5.93 -6.98 -6.33
C LEU B 275 -6.67 -5.72 -6.73
N LEU B 276 -6.13 -4.57 -6.39
CA LEU B 276 -6.73 -3.30 -6.80
C LEU B 276 -6.66 -3.11 -8.32
N ILE B 277 -5.54 -3.50 -8.94
CA ILE B 277 -5.47 -3.49 -10.40
C ILE B 277 -6.54 -4.42 -10.97
N ASN B 278 -6.62 -5.64 -10.41
CA ASN B 278 -7.67 -6.58 -10.80
C ASN B 278 -9.05 -5.93 -10.72
N ALA B 279 -9.31 -5.16 -9.66
CA ALA B 279 -10.63 -4.58 -9.47
C ALA B 279 -10.97 -3.56 -10.55
N VAL B 280 -10.08 -2.59 -10.77
CA VAL B 280 -10.31 -1.58 -11.82
C VAL B 280 -10.56 -2.25 -13.16
N GLU B 281 -9.77 -3.28 -13.48
CA GLU B 281 -9.92 -3.96 -14.75
C GLU B 281 -11.28 -4.64 -14.86
N ALA B 282 -11.67 -5.38 -13.82
CA ALA B 282 -12.92 -6.13 -13.84
C ALA B 282 -14.12 -5.22 -13.96
N SER B 283 -14.12 -4.10 -13.23
CA SER B 283 -15.21 -3.14 -13.33
C SER B 283 -15.26 -2.50 -14.70
N CYS B 284 -14.10 -2.07 -15.22
CA CYS B 284 -14.01 -1.57 -16.59
C CYS B 284 -14.53 -2.60 -17.59
N ILE B 285 -14.04 -3.84 -17.50
CA ILE B 285 -14.45 -4.85 -18.47
C ILE B 285 -15.95 -5.09 -18.40
N ARG B 286 -16.51 -5.15 -17.18
CA ARG B 286 -17.95 -5.31 -17.04
C ARG B 286 -18.73 -4.13 -17.62
N THR B 287 -18.22 -2.90 -17.42
CA THR B 287 -18.87 -1.72 -17.99
C THR B 287 -18.99 -1.84 -19.50
N ARG B 288 -17.92 -2.31 -20.17
CA ARG B 288 -18.00 -2.52 -21.62
C ARG B 288 -19.05 -3.57 -21.97
N GLU B 289 -19.20 -4.61 -21.13
CA GLU B 289 -20.23 -5.62 -21.37
C GLU B 289 -21.63 -5.06 -21.18
N LEU B 290 -21.79 -4.04 -20.32
CA LEU B 290 -23.12 -3.46 -20.12
C LEU B 290 -23.54 -2.63 -21.32
N GLN B 291 -22.58 -2.04 -22.03
CA GLN B 291 -22.88 -1.40 -23.31
C GLN B 291 -23.37 -2.44 -24.32
N SER B 292 -22.56 -3.47 -24.57
CA SER B 292 -22.85 -4.42 -25.64
C SER B 292 -24.07 -5.28 -25.35
N MET B 293 -24.40 -5.51 -24.07
CA MET B 293 -25.62 -6.27 -23.77
C MET B 293 -26.86 -5.48 -24.18
N ALA B 294 -26.84 -4.17 -23.98
CA ALA B 294 -27.88 -3.29 -24.51
C ALA B 294 -27.40 -2.63 -25.79
N SER C 22 52.70 4.77 -3.43
CA SER C 22 53.69 4.20 -2.53
C SER C 22 53.03 3.39 -1.43
N MET C 23 51.96 2.67 -1.77
CA MET C 23 51.16 1.94 -0.80
C MET C 23 51.10 0.46 -1.17
N SER C 24 51.30 -0.41 -0.19
CA SER C 24 51.26 -1.85 -0.39
C SER C 24 49.97 -2.40 0.20
N VAL C 25 49.23 -3.17 -0.60
CA VAL C 25 47.94 -3.73 -0.20
C VAL C 25 48.02 -5.25 -0.22
N GLY C 26 47.45 -5.89 0.79
CA GLY C 26 47.49 -7.33 0.91
C GLY C 26 46.10 -7.93 1.02
N PHE C 27 45.98 -9.17 0.55
CA PHE C 27 44.71 -9.91 0.57
C PHE C 27 44.93 -11.25 1.24
N ILE C 28 44.30 -11.47 2.39
CA ILE C 28 44.19 -12.82 2.95
C ILE C 28 42.88 -13.43 2.47
N GLY C 29 43.00 -14.54 1.73
CA GLY C 29 41.90 -15.07 0.94
C GLY C 29 42.10 -14.62 -0.49
N ALA C 30 42.06 -15.53 -1.46
CA ALA C 30 42.34 -15.19 -2.86
C ALA C 30 41.27 -15.77 -3.77
N GLY C 31 40.02 -15.56 -3.41
CA GLY C 31 38.86 -16.03 -4.14
C GLY C 31 38.20 -14.93 -4.94
N GLN C 32 36.87 -14.99 -5.00
CA GLN C 32 36.14 -14.11 -5.91
C GLN C 32 36.31 -12.65 -5.52
N LEU C 33 36.13 -12.35 -4.24
CA LEU C 33 36.19 -10.95 -3.84
C LEU C 33 37.59 -10.37 -4.06
N ALA C 34 38.63 -11.11 -3.67
CA ALA C 34 40.00 -10.60 -3.78
C ALA C 34 40.39 -10.34 -5.23
N PHE C 35 40.08 -11.28 -6.14
CA PHE C 35 40.35 -11.00 -7.55
C PHE C 35 39.58 -9.77 -8.01
N ALA C 36 38.30 -9.69 -7.65
CA ALA C 36 37.48 -8.58 -8.11
C ALA C 36 38.04 -7.24 -7.65
N LEU C 37 38.48 -7.18 -6.38
CA LEU C 37 39.06 -5.96 -5.83
C LEU C 37 40.39 -5.62 -6.49
N ALA C 38 41.27 -6.61 -6.64
CA ALA C 38 42.58 -6.34 -7.23
C ALA C 38 42.43 -5.89 -8.69
N LYS C 39 41.57 -6.59 -9.46
CA LYS C 39 41.34 -6.20 -10.85
C LYS C 39 40.80 -4.77 -10.95
N GLY C 40 39.78 -4.45 -10.15
CA GLY C 40 39.26 -3.10 -10.16
C GLY C 40 40.29 -2.06 -9.75
N PHE C 41 41.03 -2.32 -8.67
CA PHE C 41 42.03 -1.38 -8.18
C PHE C 41 43.07 -1.07 -9.25
N THR C 42 43.56 -2.11 -9.93
CA THR C 42 44.56 -1.91 -10.97
C THR C 42 43.96 -1.38 -12.25
N ALA C 43 42.73 -1.78 -12.59
CA ALA C 43 42.01 -1.12 -13.66
C ALA C 43 41.87 0.37 -13.40
N ALA C 44 41.48 0.73 -12.16
CA ALA C 44 41.33 2.14 -11.82
C ALA C 44 42.65 2.87 -11.92
N GLY C 45 43.77 2.17 -11.76
CA GLY C 45 45.06 2.83 -11.72
C GLY C 45 45.44 3.38 -10.36
N VAL C 46 44.76 2.95 -9.30
CA VAL C 46 45.11 3.41 -7.94
C VAL C 46 46.08 2.48 -7.24
N LEU C 47 46.33 1.30 -7.79
CA LEU C 47 47.30 0.35 -7.27
C LEU C 47 48.00 -0.33 -8.43
N ALA C 48 49.31 -0.47 -8.32
CA ALA C 48 50.07 -1.30 -9.25
C ALA C 48 49.97 -2.76 -8.83
N ALA C 49 49.77 -3.64 -9.82
CA ALA C 49 49.65 -5.07 -9.53
C ALA C 49 50.83 -5.58 -8.69
N HIS C 50 52.04 -5.08 -8.97
CA HIS C 50 53.20 -5.57 -8.23
C HIS C 50 53.27 -5.04 -6.80
N LYS C 51 52.40 -4.11 -6.43
CA LYS C 51 52.29 -3.70 -5.04
C LYS C 51 51.23 -4.47 -4.27
N ILE C 52 50.60 -5.46 -4.90
CA ILE C 52 49.55 -6.26 -4.29
C ILE C 52 50.08 -7.67 -4.06
N MET C 53 49.79 -8.22 -2.89
CA MET C 53 50.10 -9.60 -2.57
C MET C 53 48.83 -10.28 -2.08
N ALA C 54 48.64 -11.53 -2.45
CA ALA C 54 47.51 -12.32 -1.97
C ALA C 54 48.01 -13.66 -1.46
N SER C 55 47.36 -14.16 -0.40
CA SER C 55 47.66 -15.47 0.16
C SER C 55 46.42 -16.35 0.09
N SER C 56 46.62 -17.63 -0.19
CA SER C 56 45.55 -18.62 -0.21
C SER C 56 46.07 -19.93 0.35
N PRO C 57 45.33 -20.58 1.26
CA PRO C 57 45.72 -21.93 1.67
C PRO C 57 45.71 -22.92 0.53
N ASP C 58 44.81 -22.74 -0.44
CA ASP C 58 44.73 -23.57 -1.65
C ASP C 58 45.21 -22.71 -2.83
N MET C 59 46.48 -22.84 -3.17
CA MET C 59 47.09 -22.07 -4.25
C MET C 59 46.71 -22.57 -5.63
N ASP C 60 45.70 -23.44 -5.74
CA ASP C 60 45.26 -23.99 -7.01
C ASP C 60 43.83 -23.58 -7.34
N LEU C 61 43.28 -22.58 -6.67
CA LEU C 61 41.98 -22.07 -7.05
C LEU C 61 42.09 -21.31 -8.38
N ALA C 62 40.98 -21.29 -9.13
CA ALA C 62 40.98 -20.58 -10.41
C ALA C 62 41.25 -19.09 -10.21
N THR C 63 40.71 -18.50 -9.13
CA THR C 63 40.98 -17.10 -8.82
C THR C 63 42.45 -16.87 -8.49
N VAL C 64 43.13 -17.87 -7.92
CA VAL C 64 44.56 -17.75 -7.67
C VAL C 64 45.33 -17.59 -8.98
N SER C 65 44.96 -18.38 -10.00
CA SER C 65 45.65 -18.31 -11.28
C SER C 65 45.42 -16.98 -11.97
N ALA C 66 44.19 -16.44 -11.87
CA ALA C 66 43.89 -15.17 -12.52
C ALA C 66 44.64 -14.02 -11.87
N LEU C 67 44.76 -14.04 -10.53
CA LEU C 67 45.60 -13.06 -9.84
C LEU C 67 47.03 -13.12 -10.33
N ARG C 68 47.55 -14.32 -10.58
CA ARG C 68 48.91 -14.45 -11.09
C ARG C 68 49.02 -13.85 -12.49
N LYS C 69 48.13 -14.24 -13.40
CA LYS C 69 48.17 -13.70 -14.76
C LYS C 69 48.04 -12.19 -14.76
N MET C 70 47.50 -11.62 -13.69
CA MET C 70 47.26 -10.19 -13.54
C MET C 70 48.49 -9.44 -13.02
N GLY C 71 49.50 -10.14 -12.52
CA GLY C 71 50.67 -9.51 -11.96
C GLY C 71 50.72 -9.42 -10.46
N VAL C 72 49.67 -9.89 -9.75
CA VAL C 72 49.67 -9.87 -8.30
C VAL C 72 50.68 -10.89 -7.78
N LYS C 73 51.41 -10.52 -6.72
CA LYS C 73 52.28 -11.48 -6.07
C LYS C 73 51.45 -12.42 -5.21
N LEU C 74 51.80 -13.70 -5.22
CA LEU C 74 51.03 -14.68 -4.48
C LEU C 74 51.95 -15.57 -3.66
N THR C 75 51.45 -15.96 -2.49
CA THR C 75 52.18 -16.76 -1.51
C THR C 75 51.19 -17.67 -0.82
N PRO C 76 51.63 -18.84 -0.34
CA PRO C 76 50.76 -19.65 0.51
C PRO C 76 50.77 -19.26 1.98
N HIS C 77 51.69 -18.41 2.42
CA HIS C 77 51.82 -18.08 3.83
C HIS C 77 51.14 -16.75 4.13
N ASN C 78 50.13 -16.79 5.01
CA ASN C 78 49.46 -15.56 5.42
C ASN C 78 50.42 -14.57 6.08
N LYS C 79 51.45 -15.06 6.79
CA LYS C 79 52.38 -14.14 7.44
C LYS C 79 53.14 -13.30 6.43
N GLU C 80 53.43 -13.84 5.23
CA GLU C 80 54.09 -13.04 4.20
C GLU C 80 53.22 -11.86 3.80
N THR C 81 51.93 -12.10 3.56
CA THR C 81 51.04 -11.02 3.15
C THR C 81 51.00 -9.90 4.18
N VAL C 82 50.97 -10.26 5.47
CA VAL C 82 50.97 -9.23 6.52
C VAL C 82 52.25 -8.41 6.47
N GLN C 83 53.40 -9.07 6.32
CA GLN C 83 54.66 -8.34 6.34
C GLN C 83 54.82 -7.47 5.10
N HIS C 84 54.17 -7.84 4.00
CA HIS C 84 54.23 -7.04 2.78
C HIS C 84 53.32 -5.81 2.87
N SER C 85 52.16 -5.94 3.51
CA SER C 85 51.05 -5.03 3.29
C SER C 85 51.02 -3.92 4.33
N ASP C 86 50.52 -2.76 3.90
CA ASP C 86 50.08 -1.69 4.81
C ASP C 86 48.59 -1.83 5.09
N VAL C 87 47.80 -1.87 4.02
CA VAL C 87 46.36 -2.13 4.11
C VAL C 87 46.15 -3.62 3.89
N LEU C 88 45.44 -4.26 4.82
CA LEU C 88 45.26 -5.70 4.83
C LEU C 88 43.78 -6.03 4.66
N PHE C 89 43.43 -6.68 3.57
CA PHE C 89 42.05 -7.09 3.30
C PHE C 89 41.86 -8.53 3.74
N LEU C 90 40.91 -8.76 4.65
CA LEU C 90 40.55 -10.11 5.05
C LEU C 90 39.39 -10.53 4.16
N ALA C 91 39.69 -11.32 3.13
CA ALA C 91 38.67 -11.75 2.18
C ALA C 91 38.46 -13.26 2.26
N VAL C 92 38.33 -13.77 3.47
CA VAL C 92 38.04 -15.18 3.70
C VAL C 92 36.59 -15.30 4.19
N LYS C 93 36.12 -16.54 4.28
CA LYS C 93 34.79 -16.80 4.79
C LYS C 93 34.72 -16.41 6.26
N PRO C 94 33.52 -16.04 6.75
CA PRO C 94 33.41 -15.56 8.15
C PRO C 94 33.90 -16.55 9.18
N HIS C 95 33.64 -17.84 9.02
CA HIS C 95 34.13 -18.80 10.01
C HIS C 95 35.64 -18.95 9.98
N ILE C 96 36.31 -18.47 8.93
CA ILE C 96 37.77 -18.56 8.87
C ILE C 96 38.44 -17.38 9.57
N ILE C 97 37.79 -16.22 9.61
CA ILE C 97 38.32 -15.02 10.25
C ILE C 97 38.96 -15.33 11.61
N PRO C 98 38.30 -16.06 12.51
CA PRO C 98 38.94 -16.31 13.83
C PRO C 98 40.28 -17.01 13.71
N PHE C 99 40.33 -18.12 12.96
CA PHE C 99 41.60 -18.81 12.74
C PHE C 99 42.62 -17.88 12.09
N ILE C 100 42.19 -16.97 11.23
CA ILE C 100 43.13 -16.05 10.60
C ILE C 100 43.70 -15.09 11.64
N LEU C 101 42.85 -14.51 12.48
CA LEU C 101 43.32 -13.54 13.47
C LEU C 101 44.25 -14.20 14.49
N ASP C 102 44.00 -15.45 14.85
CA ASP C 102 44.93 -16.19 15.72
C ASP C 102 46.30 -16.32 15.06
N GLU C 103 46.32 -16.59 13.75
CA GLU C 103 47.57 -16.93 13.08
C GLU C 103 48.48 -15.72 12.92
N ILE C 104 47.91 -14.56 12.61
CA ILE C 104 48.73 -13.41 12.25
C ILE C 104 48.65 -12.28 13.26
N GLY C 105 47.86 -12.45 14.33
CA GLY C 105 47.68 -11.36 15.29
C GLY C 105 48.99 -10.84 15.85
N ALA C 106 49.96 -11.72 16.07
CA ALA C 106 51.25 -11.29 16.58
C ALA C 106 52.08 -10.55 15.54
N ASP C 107 51.74 -10.68 14.26
CA ASP C 107 52.49 -10.01 13.20
C ASP C 107 51.94 -8.64 12.84
N ILE C 108 50.77 -8.27 13.39
CA ILE C 108 50.19 -6.96 13.10
C ILE C 108 51.03 -5.88 13.76
N GLU C 109 51.36 -4.83 13.00
CA GLU C 109 52.15 -3.71 13.47
C GLU C 109 51.26 -2.51 13.78
N ASP C 110 51.88 -1.37 14.03
CA ASP C 110 51.13 -0.13 14.18
C ASP C 110 50.68 0.42 12.82
N ARG C 111 51.43 0.11 11.76
CA ARG C 111 51.15 0.65 10.44
C ARG C 111 49.93 0.00 9.77
N HIS C 112 49.49 -1.15 10.25
CA HIS C 112 48.50 -1.95 9.52
C HIS C 112 47.10 -1.38 9.71
N ILE C 113 46.38 -1.23 8.61
CA ILE C 113 44.93 -1.07 8.64
C ILE C 113 44.34 -2.40 8.24
N VAL C 114 43.59 -3.03 9.15
CA VAL C 114 42.96 -4.31 8.88
C VAL C 114 41.53 -4.05 8.42
N VAL C 115 41.21 -4.55 7.22
CA VAL C 115 39.92 -4.31 6.59
C VAL C 115 39.25 -5.67 6.39
N SER C 116 38.20 -5.93 7.14
CA SER C 116 37.47 -7.19 7.03
C SER C 116 36.35 -7.04 6.01
N CYS C 117 36.33 -7.94 5.03
CA CYS C 117 35.25 -7.96 4.04
C CYS C 117 34.26 -9.09 4.27
N ALA C 118 34.49 -9.93 5.29
CA ALA C 118 33.62 -11.07 5.53
C ALA C 118 32.23 -10.62 5.99
N ALA C 119 31.21 -11.31 5.49
CA ALA C 119 29.85 -11.03 5.94
C ALA C 119 29.71 -11.32 7.43
N GLY C 120 29.06 -10.39 8.14
CA GLY C 120 28.68 -10.65 9.51
C GLY C 120 29.72 -10.35 10.56
N VAL C 121 30.99 -10.59 10.27
CA VAL C 121 32.03 -10.48 11.30
C VAL C 121 32.12 -9.05 11.81
N THR C 122 31.90 -8.87 13.10
CA THR C 122 31.80 -7.55 13.71
C THR C 122 33.18 -6.96 13.96
N ILE C 123 33.22 -5.63 14.03
CA ILE C 123 34.45 -4.93 14.39
C ILE C 123 34.91 -5.35 15.78
N SER C 124 33.96 -5.44 16.72
CA SER C 124 34.28 -5.73 18.10
C SER C 124 35.00 -7.07 18.24
N SER C 125 34.53 -8.10 17.52
CA SER C 125 35.14 -9.41 17.67
C SER C 125 36.51 -9.47 17.01
N ILE C 126 36.74 -8.65 15.97
CA ILE C 126 38.06 -8.56 15.38
C ILE C 126 39.02 -7.82 16.29
N GLU C 127 38.57 -6.70 16.87
CA GLU C 127 39.38 -5.97 17.82
C GLU C 127 39.66 -6.79 19.07
N LYS C 128 38.67 -7.57 19.51
CA LYS C 128 38.87 -8.43 20.68
C LYS C 128 40.03 -9.40 20.45
N LYS C 129 40.03 -10.10 19.32
CA LYS C 129 41.07 -11.11 19.07
C LYS C 129 42.43 -10.47 18.87
N LEU C 130 42.48 -9.35 18.14
CA LEU C 130 43.74 -8.67 17.87
C LEU C 130 44.27 -7.92 19.09
N SER C 131 43.39 -7.36 19.94
CA SER C 131 43.87 -6.65 21.12
C SER C 131 44.65 -7.56 22.06
N ALA C 132 44.47 -8.87 21.97
CA ALA C 132 45.26 -9.79 22.77
C ALA C 132 46.74 -9.76 22.42
N PHE C 133 47.12 -9.07 21.35
CA PHE C 133 48.50 -9.02 20.87
C PHE C 133 49.09 -7.63 21.00
N ARG C 134 48.45 -6.63 20.39
CA ARG C 134 48.86 -5.26 20.48
C ARG C 134 47.59 -4.45 20.76
N PRO C 135 47.60 -3.58 21.76
CA PRO C 135 46.46 -2.68 21.94
C PRO C 135 46.31 -1.76 20.74
N ALA C 136 45.12 -1.21 20.59
CA ALA C 136 44.74 -0.30 19.50
C ALA C 136 44.97 -0.84 18.09
N PRO C 137 44.45 -2.01 17.72
CA PRO C 137 44.50 -2.39 16.31
C PRO C 137 43.57 -1.49 15.50
N ARG C 138 44.02 -1.08 14.32
CA ARG C 138 43.23 -0.25 13.42
C ARG C 138 42.42 -1.18 12.53
N VAL C 139 41.10 -1.25 12.78
CA VAL C 139 40.23 -2.18 12.06
C VAL C 139 39.16 -1.40 11.32
N ILE C 140 38.84 -1.85 10.12
CA ILE C 140 37.74 -1.29 9.34
C ILE C 140 36.89 -2.45 8.86
N ARG C 141 35.57 -2.32 9.00
CA ARG C 141 34.66 -3.32 8.48
C ARG C 141 34.01 -2.84 7.21
N CYS C 142 34.04 -3.67 6.19
CA CYS C 142 33.59 -3.30 4.87
C CYS C 142 32.59 -4.34 4.36
N MET C 143 31.69 -3.89 3.49
CA MET C 143 30.83 -4.78 2.72
C MET C 143 30.79 -4.21 1.31
N THR C 144 31.38 -4.95 0.39
CA THR C 144 31.46 -4.55 -1.00
C THR C 144 30.77 -5.63 -1.83
N ASN C 145 30.97 -5.61 -3.15
CA ASN C 145 30.41 -6.66 -3.99
C ASN C 145 31.30 -6.84 -5.21
N THR C 146 31.05 -7.93 -5.95
CA THR C 146 31.95 -8.32 -7.04
C THR C 146 31.97 -7.34 -8.22
N PRO C 147 30.92 -6.50 -8.46
CA PRO C 147 31.03 -5.53 -9.56
C PRO C 147 32.17 -4.52 -9.42
N VAL C 148 32.92 -4.55 -8.31
CA VAL C 148 34.16 -3.77 -8.26
C VAL C 148 35.08 -4.17 -9.40
N VAL C 149 34.93 -5.41 -9.90
CA VAL C 149 35.76 -5.88 -11.02
C VAL C 149 35.54 -5.04 -12.29
N VAL C 150 34.41 -4.38 -12.43
CA VAL C 150 34.18 -3.46 -13.54
C VAL C 150 34.04 -2.03 -13.03
N ARG C 151 34.61 -1.76 -11.85
CA ARG C 151 34.61 -0.45 -11.22
C ARG C 151 33.19 0.11 -11.04
N GLU C 152 32.21 -0.76 -10.80
CA GLU C 152 30.86 -0.30 -10.48
C GLU C 152 30.35 -1.01 -9.23
N GLY C 153 31.24 -1.18 -8.25
CA GLY C 153 30.84 -1.79 -7.00
C GLY C 153 29.98 -0.86 -6.17
N ALA C 154 29.37 -1.46 -5.15
CA ALA C 154 28.67 -0.72 -4.10
C ALA C 154 29.34 -1.10 -2.78
N THR C 155 29.95 -0.14 -2.11
CA THR C 155 30.74 -0.42 -0.91
C THR C 155 30.32 0.48 0.24
N VAL C 156 30.18 -0.10 1.44
CA VAL C 156 30.06 0.66 2.68
C VAL C 156 31.12 0.18 3.65
N TYR C 157 31.43 1.03 4.61
CA TYR C 157 32.45 0.69 5.58
C TYR C 157 32.13 1.40 6.88
N ALA C 158 32.56 0.79 7.98
CA ALA C 158 32.55 1.42 9.30
C ALA C 158 33.95 1.37 9.90
N THR C 159 34.33 2.46 10.56
CA THR C 159 35.64 2.58 11.20
C THR C 159 35.59 2.05 12.63
N GLY C 160 36.60 1.28 13.00
CA GLY C 160 36.68 0.70 14.33
C GLY C 160 37.08 1.71 15.39
N THR C 161 37.30 1.17 16.61
CA THR C 161 37.57 2.01 17.78
C THR C 161 38.87 2.80 17.64
N HIS C 162 39.89 2.19 17.06
CA HIS C 162 41.21 2.78 17.01
C HIS C 162 41.60 3.17 15.60
N ALA C 163 40.66 3.15 14.65
CA ALA C 163 40.91 3.71 13.35
C ALA C 163 41.02 5.23 13.44
N GLN C 164 42.10 5.78 12.88
CA GLN C 164 42.23 7.22 12.76
C GLN C 164 41.28 7.75 11.68
N VAL C 165 41.05 9.06 11.70
CA VAL C 165 40.18 9.66 10.69
C VAL C 165 40.79 9.50 9.30
N GLU C 166 42.11 9.71 9.19
CA GLU C 166 42.78 9.48 7.92
C GLU C 166 42.60 8.04 7.43
N ASP C 167 42.49 7.07 8.34
CA ASP C 167 42.29 5.69 7.93
C ASP C 167 41.01 5.55 7.12
N GLY C 168 39.91 6.13 7.62
CA GLY C 168 38.63 6.01 6.93
C GLY C 168 38.58 6.83 5.65
N ARG C 169 39.22 8.00 5.66
CA ARG C 169 39.31 8.81 4.45
C ARG C 169 40.14 8.12 3.38
N LEU C 170 41.16 7.37 3.79
CA LEU C 170 41.96 6.58 2.85
C LEU C 170 41.14 5.45 2.27
N MET C 171 40.44 4.72 3.14
CA MET C 171 39.57 3.64 2.71
CA MET C 171 39.62 3.62 2.65
C MET C 171 38.56 4.11 1.67
N GLU C 172 37.88 5.22 1.97
CA GLU C 172 36.86 5.70 1.04
C GLU C 172 37.47 6.16 -0.27
N GLN C 173 38.66 6.76 -0.21
CA GLN C 173 39.33 7.14 -1.45
C GLN C 173 39.67 5.92 -2.29
N LEU C 174 40.15 4.85 -1.65
CA LEU C 174 40.52 3.64 -2.39
C LEU C 174 39.29 2.99 -3.03
N LEU C 175 38.21 2.87 -2.26
CA LEU C 175 37.08 2.09 -2.73
C LEU C 175 36.12 2.90 -3.57
N SER C 176 36.12 4.22 -3.45
CA SER C 176 35.38 5.07 -4.38
C SER C 176 35.91 4.93 -5.80
N SER C 177 37.14 4.49 -5.97
CA SER C 177 37.70 4.29 -7.31
C SER C 177 37.16 3.05 -8.01
N VAL C 178 36.48 2.15 -7.28
CA VAL C 178 35.94 0.94 -7.90
C VAL C 178 34.41 0.89 -7.78
N GLY C 179 33.76 2.00 -7.50
CA GLY C 179 32.32 2.05 -7.39
C GLY C 179 31.89 3.11 -6.40
N PHE C 180 30.62 3.02 -6.01
CA PHE C 180 30.10 3.86 -4.95
C PHE C 180 30.70 3.43 -3.62
N CYS C 181 30.96 4.40 -2.75
CA CYS C 181 31.49 4.13 -1.42
C CYS C 181 30.98 5.17 -0.44
N THR C 182 30.53 4.73 0.74
CA THR C 182 30.16 5.66 1.79
C THR C 182 30.41 5.01 3.14
N GLU C 183 30.72 5.83 4.12
CA GLU C 183 30.83 5.38 5.50
C GLU C 183 29.43 5.18 6.08
N VAL C 184 29.29 4.21 6.98
CA VAL C 184 28.03 3.97 7.68
C VAL C 184 28.33 3.55 9.11
N GLU C 185 27.32 3.69 9.97
CA GLU C 185 27.39 3.04 11.27
C GLU C 185 27.40 1.53 11.07
N GLU C 186 28.14 0.83 11.92
CA GLU C 186 28.32 -0.61 11.73
C GLU C 186 27.00 -1.36 11.75
N ASP C 187 26.02 -0.86 12.52
CA ASP C 187 24.75 -1.57 12.66
C ASP C 187 23.89 -1.54 11.41
N LEU C 188 24.33 -0.88 10.33
CA LEU C 188 23.65 -0.95 9.05
C LEU C 188 24.22 -2.01 8.13
N ILE C 189 25.42 -2.54 8.42
CA ILE C 189 26.14 -3.30 7.40
C ILE C 189 25.45 -4.64 7.10
N ASP C 190 24.81 -5.26 8.10
CA ASP C 190 24.07 -6.49 7.85
C ASP C 190 22.97 -6.28 6.81
N ALA C 191 22.19 -5.20 6.97
CA ALA C 191 21.14 -4.88 6.00
C ALA C 191 21.72 -4.56 4.63
N VAL C 192 22.84 -3.82 4.59
CA VAL C 192 23.53 -3.55 3.34
C VAL C 192 23.94 -4.85 2.67
N THR C 193 24.42 -5.80 3.47
CA THR C 193 24.77 -7.12 2.96
C THR C 193 23.58 -7.74 2.24
N GLY C 194 22.39 -7.62 2.81
CA GLY C 194 21.21 -8.18 2.17
C GLY C 194 20.83 -7.47 0.88
N LEU C 195 21.23 -6.21 0.74
CA LEU C 195 20.81 -5.40 -0.41
C LEU C 195 21.86 -5.41 -1.51
N SER C 196 23.00 -4.74 -1.30
CA SER C 196 24.00 -4.64 -2.35
C SER C 196 25.05 -5.74 -2.30
N GLY C 197 25.28 -6.37 -1.14
CA GLY C 197 26.18 -7.51 -1.09
C GLY C 197 25.64 -8.70 -1.89
N SER C 198 24.37 -9.04 -1.66
CA SER C 198 23.71 -10.12 -2.39
C SER C 198 23.02 -9.65 -3.65
N GLY C 199 22.74 -8.35 -3.76
CA GLY C 199 22.10 -7.75 -4.91
C GLY C 199 22.51 -8.28 -6.27
N PRO C 200 23.83 -8.30 -6.56
CA PRO C 200 24.27 -8.79 -7.87
C PRO C 200 23.71 -10.17 -8.22
N ALA C 201 23.59 -11.06 -7.23
CA ALA C 201 23.03 -12.38 -7.49
C ALA C 201 21.54 -12.31 -7.80
N TYR C 202 20.80 -11.44 -7.11
CA TYR C 202 19.42 -11.19 -7.50
C TYR C 202 19.38 -10.78 -8.96
N ALA C 203 20.29 -9.90 -9.36
CA ALA C 203 20.30 -9.40 -10.73
C ALA C 203 20.71 -10.48 -11.73
N PHE C 204 21.68 -11.34 -11.39
CA PHE C 204 22.07 -12.39 -12.32
C PHE C 204 20.91 -13.37 -12.54
N THR C 205 20.21 -13.71 -11.46
CA THR C 205 19.02 -14.54 -11.55
C THR C 205 17.96 -13.90 -12.44
N ALA C 206 17.69 -12.61 -12.22
CA ALA C 206 16.69 -11.89 -13.01
C ALA C 206 17.06 -11.84 -14.47
N LEU C 207 18.36 -11.65 -14.76
CA LEU C 207 18.82 -11.59 -16.13
C LEU C 207 18.68 -12.95 -16.82
N ASP C 208 18.96 -14.04 -16.10
CA ASP C 208 18.80 -15.35 -16.70
C ASP C 208 17.33 -15.60 -17.03
N ALA C 209 16.43 -15.16 -16.16
CA ALA C 209 15.01 -15.40 -16.34
C ALA C 209 14.43 -14.53 -17.44
N LEU C 210 14.85 -13.27 -17.47
CA LEU C 210 14.44 -12.36 -18.55
C LEU C 210 14.88 -12.89 -19.90
N ALA C 211 16.11 -13.43 -20.00
CA ALA C 211 16.54 -13.99 -21.28
C ALA C 211 15.71 -15.22 -21.67
N ASP C 212 15.45 -16.10 -20.70
CA ASP C 212 14.50 -17.21 -20.91
C ASP C 212 13.19 -16.71 -21.50
N GLY C 213 12.64 -15.64 -20.91
CA GLY C 213 11.42 -15.05 -21.45
C GLY C 213 11.60 -14.57 -22.87
N GLY C 214 12.71 -13.89 -23.16
CA GLY C 214 12.99 -13.49 -24.52
C GLY C 214 13.09 -14.67 -25.46
N VAL C 215 13.76 -15.74 -25.03
CA VAL C 215 13.90 -16.93 -25.86
C VAL C 215 12.53 -17.59 -26.08
N LYS C 216 11.70 -17.66 -25.04
CA LYS C 216 10.37 -18.22 -25.22
C LYS C 216 9.59 -17.49 -26.31
N MET C 217 9.77 -16.17 -26.40
CA MET C 217 9.04 -15.38 -27.38
C MET C 217 9.76 -15.28 -28.72
N GLY C 218 10.88 -15.98 -28.91
CA GLY C 218 11.47 -16.15 -30.22
C GLY C 218 12.84 -15.53 -30.42
N LEU C 219 13.41 -14.83 -29.42
CA LEU C 219 14.73 -14.22 -29.55
C LEU C 219 15.84 -15.25 -29.39
N PRO C 220 16.93 -15.11 -30.15
CA PRO C 220 18.14 -15.85 -29.83
C PRO C 220 18.63 -15.55 -28.42
N ARG C 221 19.24 -16.56 -27.80
CA ARG C 221 19.65 -16.43 -26.42
C ARG C 221 20.67 -15.31 -26.25
N ARG C 222 21.64 -15.24 -27.15
CA ARG C 222 22.68 -14.22 -27.05
C ARG C 222 22.09 -12.83 -27.15
N LEU C 223 21.19 -12.60 -28.11
CA LEU C 223 20.51 -11.31 -28.20
C LEU C 223 19.69 -11.05 -26.93
N ALA C 224 18.91 -12.03 -26.48
CA ALA C 224 18.10 -11.85 -25.28
C ALA C 224 18.94 -11.47 -24.07
N VAL C 225 20.13 -12.08 -23.90
CA VAL C 225 20.96 -11.76 -22.73
C VAL C 225 21.52 -10.34 -22.85
N ARG C 226 21.91 -9.93 -24.06
CA ARG C 226 22.46 -8.59 -24.25
C ARG C 226 21.41 -7.52 -23.95
N LEU C 227 20.19 -7.73 -24.45
CA LEU C 227 19.13 -6.74 -24.34
C LEU C 227 18.59 -6.66 -22.92
N GLY C 228 18.41 -7.82 -22.28
CA GLY C 228 18.03 -7.82 -20.87
C GLY C 228 19.05 -7.07 -20.02
N ALA C 229 20.33 -7.38 -20.23
CA ALA C 229 21.38 -6.77 -19.40
C ALA C 229 21.49 -5.27 -19.68
N GLN C 230 21.36 -4.88 -20.95
CA GLN C 230 21.39 -3.46 -21.27
C GLN C 230 20.19 -2.73 -20.66
N ALA C 231 19.02 -3.37 -20.67
CA ALA C 231 17.84 -2.74 -20.10
C ALA C 231 18.02 -2.47 -18.61
N LEU C 232 18.53 -3.47 -17.88
CA LEU C 232 18.71 -3.28 -16.45
C LEU C 232 19.79 -2.25 -16.17
N LEU C 233 20.86 -2.25 -16.98
CA LEU C 233 21.90 -1.24 -16.82
C LEU C 233 21.34 0.15 -17.06
N GLY C 234 20.56 0.32 -18.13
CA GLY C 234 20.02 1.63 -18.46
C GLY C 234 19.06 2.15 -17.41
N ALA C 235 18.15 1.30 -16.95
CA ALA C 235 17.19 1.68 -15.91
C ALA C 235 17.91 2.10 -14.63
N ALA C 236 18.92 1.32 -14.22
CA ALA C 236 19.66 1.64 -13.01
C ALA C 236 20.40 2.96 -13.16
N LYS C 237 21.08 3.14 -14.31
CA LYS C 237 21.71 4.43 -14.57
C LYS C 237 20.69 5.56 -14.56
N MET C 238 19.51 5.33 -15.16
CA MET C 238 18.47 6.36 -15.15
C MET C 238 18.13 6.77 -13.72
N LEU C 239 17.88 5.79 -12.86
CA LEU C 239 17.54 6.06 -11.47
C LEU C 239 18.67 6.81 -10.76
N LEU C 240 19.90 6.32 -10.90
CA LEU C 240 21.04 6.96 -10.24
C LEU C 240 21.23 8.40 -10.68
N HIS C 241 20.97 8.70 -11.96
CA HIS C 241 21.17 10.05 -12.45
C HIS C 241 19.94 10.93 -12.30
N SER C 242 18.84 10.39 -11.82
CA SER C 242 17.58 11.09 -11.78
C SER C 242 17.28 11.60 -10.37
N GLU C 243 16.54 12.69 -10.32
CA GLU C 243 16.07 13.16 -9.02
C GLU C 243 14.85 12.39 -8.55
N GLN C 244 14.42 11.38 -9.28
CA GLN C 244 13.04 10.93 -9.23
C GLN C 244 12.90 9.59 -8.51
N HIS C 245 11.72 9.42 -7.94
CA HIS C 245 11.36 8.17 -7.29
C HIS C 245 11.28 7.05 -8.33
N PRO C 246 11.73 5.83 -8.00
CA PRO C 246 11.58 4.74 -8.97
C PRO C 246 10.14 4.51 -9.40
N GLY C 247 9.16 4.79 -8.54
CA GLY C 247 7.77 4.71 -8.96
C GLY C 247 7.44 5.76 -10.01
N GLN C 248 8.02 6.94 -9.87
CA GLN C 248 7.78 7.97 -10.88
C GLN C 248 8.35 7.56 -12.22
N LEU C 249 9.57 7.00 -12.21
CA LEU C 249 10.17 6.55 -13.47
C LEU C 249 9.38 5.40 -14.07
N LYS C 250 8.84 4.53 -13.23
CA LYS C 250 7.95 3.47 -13.73
C LYS C 250 6.73 4.08 -14.42
N ASP C 251 6.11 5.08 -13.78
CA ASP C 251 4.99 5.77 -14.38
C ASP C 251 5.36 6.34 -15.74
N ASN C 252 6.52 7.00 -15.82
CA ASN C 252 6.93 7.62 -17.08
C ASN C 252 7.05 6.61 -18.21
N VAL C 253 7.44 5.35 -17.91
CA VAL C 253 7.68 4.36 -18.95
C VAL C 253 6.47 3.46 -19.22
N SER C 254 5.34 3.69 -18.55
CA SER C 254 4.15 2.83 -18.65
C SER C 254 3.04 3.52 -19.45
N SER C 255 3.08 3.35 -20.77
CA SER C 255 2.05 3.87 -21.66
C SER C 255 0.66 3.35 -21.29
N PRO C 256 -0.37 4.21 -21.24
CA PRO C 256 -1.71 3.73 -20.89
C PRO C 256 -2.20 2.67 -21.88
N GLY C 257 -2.70 1.56 -21.33
CA GLY C 257 -3.19 0.46 -22.15
C GLY C 257 -2.12 -0.40 -22.80
N GLY C 258 -0.84 -0.09 -22.60
CA GLY C 258 0.21 -0.61 -23.44
C GLY C 258 0.84 -1.91 -22.96
N ALA C 259 1.90 -2.31 -23.66
CA ALA C 259 2.55 -3.58 -23.37
C ALA C 259 3.12 -3.59 -21.97
N THR C 260 3.76 -2.50 -21.56
CA THR C 260 4.48 -2.49 -20.31
C THR C 260 3.54 -2.62 -19.10
N ILE C 261 2.47 -1.83 -19.07
CA ILE C 261 1.57 -1.87 -17.91
C ILE C 261 0.93 -3.24 -17.79
N HIS C 262 0.68 -3.92 -18.93
CA HIS C 262 0.17 -5.29 -18.88
C HIS C 262 1.19 -6.22 -18.25
N ALA C 263 2.46 -6.05 -18.60
CA ALA C 263 3.45 -6.92 -17.97
C ALA C 263 3.65 -6.58 -16.50
N LEU C 264 3.48 -5.31 -16.11
CA LEU C 264 3.65 -4.95 -14.70
C LEU C 264 2.59 -5.63 -13.85
N HIS C 265 1.37 -5.69 -14.37
CA HIS C 265 0.30 -6.39 -13.67
C HIS C 265 0.69 -7.84 -13.35
N VAL C 266 1.22 -8.58 -14.34
CA VAL C 266 1.53 -9.98 -14.05
C VAL C 266 2.66 -10.08 -13.01
N LEU C 267 3.62 -9.16 -13.04
CA LEU C 267 4.58 -9.11 -11.93
C LEU C 267 3.87 -8.92 -10.61
N GLU C 268 2.92 -7.97 -10.55
CA GLU C 268 2.22 -7.66 -9.30
C GLU C 268 1.40 -8.85 -8.83
N SER C 269 0.80 -9.59 -9.78
CA SER C 269 -0.02 -10.73 -9.41
C SER C 269 0.80 -11.84 -8.77
N GLY C 270 2.06 -11.96 -9.15
CA GLY C 270 2.93 -12.93 -8.52
C GLY C 270 3.56 -12.47 -7.23
N GLY C 271 3.27 -11.26 -6.76
CA GLY C 271 3.92 -10.75 -5.57
C GLY C 271 5.38 -10.45 -5.79
N PHE C 272 5.72 -10.01 -7.01
CA PHE C 272 7.10 -9.73 -7.39
C PHE C 272 7.81 -8.86 -6.36
N ARG C 273 7.16 -7.78 -5.92
CA ARG C 273 7.79 -6.89 -4.94
C ARG C 273 8.12 -7.63 -3.66
N SER C 274 7.19 -8.46 -3.18
CA SER C 274 7.43 -9.11 -1.89
C SER C 274 8.61 -10.07 -1.96
N LEU C 275 8.87 -10.67 -3.12
CA LEU C 275 9.98 -11.62 -3.21
C LEU C 275 11.33 -10.91 -3.04
N LEU C 276 11.49 -9.73 -3.64
CA LEU C 276 12.73 -8.98 -3.43
C LEU C 276 12.86 -8.50 -2.00
N ILE C 277 11.76 -8.07 -1.36
CA ILE C 277 11.80 -7.77 0.07
C ILE C 277 12.19 -9.02 0.85
N ASN C 278 11.58 -10.15 0.51
CA ASN C 278 11.93 -11.42 1.14
C ASN C 278 13.41 -11.71 1.01
N ALA C 279 14.00 -11.41 -0.15
CA ALA C 279 15.40 -11.74 -0.38
C ALA C 279 16.30 -10.89 0.51
N VAL C 280 16.15 -9.57 0.45
CA VAL C 280 16.95 -8.70 1.31
C VAL C 280 16.84 -9.12 2.77
N GLU C 281 15.62 -9.40 3.22
CA GLU C 281 15.43 -9.83 4.59
C GLU C 281 16.15 -11.14 4.89
N ALA C 282 16.00 -12.14 4.01
CA ALA C 282 16.61 -13.45 4.27
C ALA C 282 18.13 -13.35 4.33
N SER C 283 18.71 -12.55 3.42
CA SER C 283 20.15 -12.37 3.39
C SER C 283 20.64 -11.67 4.66
N CYS C 284 20.00 -10.55 5.00
CA CYS C 284 20.37 -9.82 6.22
C CYS C 284 20.28 -10.72 7.45
N ILE C 285 19.19 -11.48 7.56
CA ILE C 285 18.99 -12.32 8.73
C ILE C 285 20.06 -13.41 8.82
N ARG C 286 20.41 -14.00 7.68
CA ARG C 286 21.49 -14.99 7.66
C ARG C 286 22.81 -14.35 8.07
N THR C 287 23.10 -13.14 7.56
CA THR C 287 24.34 -12.45 7.95
C THR C 287 24.42 -12.31 9.46
N ARG C 288 23.31 -11.95 10.11
CA ARG C 288 23.28 -11.85 11.58
C ARG C 288 23.60 -13.19 12.23
N GLU C 289 23.11 -14.29 11.65
CA GLU C 289 23.41 -15.62 12.18
C GLU C 289 24.88 -15.98 12.00
N LEU C 290 25.49 -15.52 10.91
CA LEU C 290 26.90 -15.82 10.68
C LEU C 290 27.80 -15.10 11.69
N GLN C 291 27.37 -13.92 12.14
CA GLN C 291 28.07 -13.21 13.22
C GLN C 291 27.87 -13.93 14.55
N SER C 292 26.62 -14.05 14.99
CA SER C 292 26.31 -14.60 16.30
C SER C 292 26.86 -16.01 16.49
N MET C 293 27.03 -16.77 15.39
CA MET C 293 27.64 -18.09 15.50
C MET C 293 29.10 -18.02 15.98
N ALA C 294 29.70 -16.83 15.98
CA ALA C 294 31.07 -16.66 16.48
C ALA C 294 31.09 -16.48 17.99
N ASP C 295 30.41 -15.45 18.49
CA ASP C 295 30.32 -15.22 19.93
C ASP C 295 29.17 -16.00 20.55
N ASN D 17 30.48 10.58 -38.74
CA ASN D 17 29.90 11.89 -38.45
C ASN D 17 29.20 12.48 -39.68
N LEU D 18 29.63 12.07 -40.87
CA LEU D 18 29.04 12.61 -42.11
C LEU D 18 27.57 12.25 -42.26
N TYR D 19 27.10 11.19 -41.59
CA TYR D 19 25.68 10.89 -41.58
C TYR D 19 24.91 12.04 -40.91
N PHE D 20 25.35 12.47 -39.74
CA PHE D 20 24.71 13.55 -39.00
C PHE D 20 25.13 14.92 -39.52
N MET D 23 21.76 17.16 -41.01
CA MET D 23 20.59 16.30 -40.77
C MET D 23 19.57 16.96 -39.85
N SER D 24 18.30 16.89 -40.25
CA SER D 24 17.19 17.38 -39.44
C SER D 24 16.39 16.18 -38.93
N VAL D 25 16.02 16.21 -37.65
CA VAL D 25 15.27 15.14 -37.01
C VAL D 25 13.93 15.71 -36.54
N GLY D 26 12.87 14.94 -36.77
CA GLY D 26 11.55 15.32 -36.30
C GLY D 26 10.90 14.22 -35.49
N PHE D 27 10.09 14.64 -34.52
CA PHE D 27 9.30 13.74 -33.70
C PHE D 27 7.83 14.13 -33.85
N ILE D 28 7.02 13.23 -34.36
CA ILE D 28 5.58 13.39 -34.27
C ILE D 28 5.14 12.68 -33.00
N GLY D 29 4.71 13.47 -32.02
CA GLY D 29 4.56 13.01 -30.65
C GLY D 29 5.64 13.63 -29.77
N ALA D 30 5.24 14.30 -28.70
CA ALA D 30 6.21 14.94 -27.82
C ALA D 30 6.11 14.35 -26.42
N GLY D 31 6.03 13.04 -26.33
CA GLY D 31 5.87 12.34 -25.07
C GLY D 31 7.19 11.95 -24.43
N GLN D 32 7.14 10.89 -23.63
CA GLN D 32 8.31 10.48 -22.85
C GLN D 32 9.47 10.03 -23.73
N LEU D 33 9.17 9.25 -24.78
CA LEU D 33 10.22 8.77 -25.67
C LEU D 33 10.84 9.92 -26.45
N ALA D 34 10.02 10.81 -27.01
CA ALA D 34 10.55 11.91 -27.79
C ALA D 34 11.53 12.73 -26.97
N PHE D 35 11.17 13.05 -25.73
CA PHE D 35 12.09 13.76 -24.84
C PHE D 35 13.38 12.96 -24.62
N ALA D 36 13.25 11.66 -24.36
CA ALA D 36 14.44 10.89 -23.99
C ALA D 36 15.42 10.82 -25.16
N LEU D 37 14.92 10.51 -26.36
CA LEU D 37 15.77 10.46 -27.55
C LEU D 37 16.40 11.81 -27.84
N ALA D 38 15.59 12.87 -27.82
CA ALA D 38 16.12 14.20 -28.07
C ALA D 38 17.17 14.58 -27.03
N LYS D 39 16.89 14.31 -25.75
CA LYS D 39 17.91 14.56 -24.72
C LYS D 39 19.14 13.69 -24.97
N GLY D 40 18.92 12.42 -25.33
CA GLY D 40 20.03 11.55 -25.63
C GLY D 40 20.82 12.00 -26.84
N PHE D 41 20.13 12.31 -27.94
CA PHE D 41 20.83 12.76 -29.15
C PHE D 41 21.62 14.02 -28.88
N THR D 42 21.07 14.94 -28.10
CA THR D 42 21.77 16.20 -27.87
C THR D 42 22.94 15.99 -26.92
N ALA D 43 22.77 15.17 -25.87
CA ALA D 43 23.90 14.90 -24.98
C ALA D 43 25.05 14.22 -25.70
N ALA D 44 24.74 13.35 -26.67
CA ALA D 44 25.80 12.68 -27.43
C ALA D 44 26.50 13.60 -28.43
N GLY D 45 25.98 14.81 -28.64
CA GLY D 45 26.50 15.67 -29.69
C GLY D 45 26.14 15.25 -31.10
N VAL D 46 25.09 14.44 -31.28
CA VAL D 46 24.70 14.03 -32.62
C VAL D 46 24.05 15.19 -33.37
N LEU D 47 23.09 15.86 -32.72
CA LEU D 47 22.39 17.00 -33.30
C LEU D 47 22.29 18.13 -32.28
N ALA D 48 22.14 19.34 -32.80
CA ALA D 48 21.78 20.48 -31.96
C ALA D 48 20.28 20.48 -31.69
N ALA D 49 19.92 20.89 -30.46
CA ALA D 49 18.52 20.92 -30.07
C ALA D 49 17.66 21.70 -31.06
N HIS D 50 18.14 22.86 -31.51
CA HIS D 50 17.35 23.66 -32.44
C HIS D 50 17.18 22.99 -33.80
N LYS D 51 18.00 21.99 -34.13
CA LYS D 51 17.82 21.18 -35.33
C LYS D 51 16.84 20.04 -35.11
N ILE D 52 16.09 20.07 -34.00
CA ILE D 52 15.11 19.04 -33.68
C ILE D 52 13.78 19.75 -33.51
N MET D 53 12.74 19.19 -34.13
CA MET D 53 11.39 19.71 -34.01
C MET D 53 10.48 18.59 -33.54
N ALA D 54 9.50 18.94 -32.72
CA ALA D 54 8.52 17.98 -32.24
C ALA D 54 7.13 18.61 -32.27
N SER D 55 6.13 17.77 -32.51
CA SER D 55 4.74 18.21 -32.56
C SER D 55 3.91 17.35 -31.62
N SER D 56 2.90 17.98 -31.01
CA SER D 56 2.03 17.35 -30.06
C SER D 56 0.67 18.02 -30.15
N PRO D 57 -0.42 17.26 -30.03
CA PRO D 57 -1.75 17.90 -29.97
C PRO D 57 -1.99 18.66 -28.68
N ASP D 58 -1.29 18.31 -27.60
CA ASP D 58 -1.44 18.96 -26.29
C ASP D 58 -0.08 19.52 -25.90
N MET D 59 0.10 20.83 -26.10
CA MET D 59 1.32 21.49 -25.66
C MET D 59 1.34 21.72 -24.15
N ASP D 60 0.35 21.20 -23.44
CA ASP D 60 0.26 21.33 -22.00
C ASP D 60 0.95 20.19 -21.26
N LEU D 61 1.67 19.32 -21.98
CA LEU D 61 2.27 18.15 -21.37
C LEU D 61 3.53 18.52 -20.58
N ALA D 62 3.82 17.70 -19.57
CA ALA D 62 5.07 17.85 -18.83
C ALA D 62 6.28 17.74 -19.75
N THR D 63 6.24 16.80 -20.70
CA THR D 63 7.36 16.57 -21.60
C THR D 63 7.46 17.63 -22.69
N VAL D 64 6.35 18.27 -23.06
CA VAL D 64 6.39 19.37 -24.02
C VAL D 64 7.22 20.52 -23.45
N SER D 65 6.97 20.88 -22.20
CA SER D 65 7.93 21.70 -21.49
C SER D 65 9.17 20.84 -21.16
N ALA D 66 10.30 21.51 -20.96
CA ALA D 66 11.62 20.90 -20.84
C ALA D 66 12.19 20.58 -22.22
N LEU D 67 11.38 19.94 -23.09
CA LEU D 67 11.73 19.96 -24.51
C LEU D 67 11.92 21.38 -24.99
N ARG D 68 11.01 22.27 -24.57
CA ARG D 68 11.21 23.70 -24.81
C ARG D 68 12.45 24.20 -24.09
N LYS D 69 12.54 23.91 -22.78
CA LYS D 69 13.72 24.32 -22.02
C LYS D 69 15.01 23.81 -22.65
N MET D 70 14.94 22.65 -23.32
CA MET D 70 16.07 22.10 -24.05
C MET D 70 16.43 22.91 -25.29
N GLY D 71 15.52 23.74 -25.79
CA GLY D 71 15.74 24.41 -27.05
C GLY D 71 15.25 23.66 -28.27
N VAL D 72 14.41 22.65 -28.08
CA VAL D 72 13.80 21.93 -29.21
C VAL D 72 12.61 22.73 -29.71
N LYS D 73 12.56 22.93 -31.03
CA LYS D 73 11.44 23.66 -31.62
C LYS D 73 10.18 22.81 -31.52
N LEU D 74 9.07 23.44 -31.11
CA LEU D 74 7.80 22.75 -30.94
C LEU D 74 6.72 23.45 -31.76
N THR D 75 5.78 22.64 -32.25
CA THR D 75 4.73 23.12 -33.13
C THR D 75 3.48 22.28 -32.92
N PRO D 76 2.28 22.86 -32.98
CA PRO D 76 1.07 22.02 -32.86
C PRO D 76 0.79 21.23 -34.11
N HIS D 77 1.45 21.53 -35.23
CA HIS D 77 1.09 20.97 -36.53
C HIS D 77 2.14 19.97 -36.99
N ASN D 78 1.70 18.72 -37.19
CA ASN D 78 2.59 17.66 -37.65
C ASN D 78 3.16 17.94 -39.03
N LYS D 79 2.40 18.62 -39.89
CA LYS D 79 2.93 19.00 -41.20
C LYS D 79 4.17 19.88 -41.07
N GLU D 80 4.20 20.77 -40.08
CA GLU D 80 5.41 21.54 -39.84
C GLU D 80 6.60 20.63 -39.55
N THR D 81 6.39 19.62 -38.70
CA THR D 81 7.46 18.67 -38.39
C THR D 81 7.92 17.93 -39.63
N VAL D 82 6.98 17.50 -40.48
CA VAL D 82 7.34 16.75 -41.68
C VAL D 82 8.19 17.60 -42.61
N GLN D 83 7.73 18.81 -42.93
CA GLN D 83 8.48 19.69 -43.83
C GLN D 83 9.84 20.06 -43.25
N HIS D 84 9.98 20.04 -41.93
CA HIS D 84 11.22 20.44 -41.28
C HIS D 84 12.22 19.29 -41.16
N SER D 85 11.80 18.04 -41.29
CA SER D 85 12.61 16.89 -40.89
C SER D 85 13.13 16.10 -42.08
N ASP D 86 14.33 15.53 -41.91
CA ASP D 86 14.86 14.50 -42.77
C ASP D 86 14.49 13.12 -42.24
N VAL D 87 14.80 12.88 -40.97
CA VAL D 87 14.48 11.65 -40.28
C VAL D 87 13.28 11.94 -39.38
N LEU D 88 12.20 11.18 -39.56
CA LEU D 88 10.92 11.46 -38.92
C LEU D 88 10.57 10.33 -37.98
N PHE D 89 10.66 10.58 -36.68
CA PHE D 89 10.30 9.58 -35.69
C PHE D 89 8.81 9.68 -35.38
N LEU D 90 8.11 8.55 -35.50
CA LEU D 90 6.71 8.45 -35.10
C LEU D 90 6.70 7.96 -33.66
N ALA D 91 6.48 8.87 -32.71
CA ALA D 91 6.49 8.53 -31.30
C ALA D 91 5.13 8.75 -30.68
N VAL D 92 4.09 8.23 -31.33
CA VAL D 92 2.72 8.30 -30.83
C VAL D 92 2.26 6.87 -30.51
N LYS D 93 1.15 6.79 -29.78
CA LYS D 93 0.61 5.48 -29.42
C LYS D 93 0.20 4.71 -30.67
N PRO D 94 0.18 3.36 -30.61
CA PRO D 94 -0.08 2.58 -31.83
C PRO D 94 -1.37 2.92 -32.54
N HIS D 95 -2.46 3.16 -31.80
CA HIS D 95 -3.72 3.44 -32.46
C HIS D 95 -3.75 4.80 -33.14
N ILE D 96 -2.72 5.61 -32.93
CA ILE D 96 -2.67 6.94 -33.55
C ILE D 96 -1.94 6.89 -34.88
N ILE D 97 -1.02 5.93 -35.05
CA ILE D 97 -0.17 5.89 -36.23
C ILE D 97 -0.97 6.02 -37.52
N PRO D 98 -2.02 5.21 -37.76
CA PRO D 98 -2.75 5.35 -39.02
C PRO D 98 -3.50 6.68 -39.14
N PHE D 99 -3.93 7.28 -38.03
CA PHE D 99 -4.50 8.63 -38.11
C PHE D 99 -3.43 9.64 -38.50
N ILE D 100 -2.19 9.45 -38.05
CA ILE D 100 -1.10 10.35 -38.43
C ILE D 100 -0.73 10.13 -39.89
N LEU D 101 -0.62 8.86 -40.31
CA LEU D 101 -0.26 8.60 -41.70
C LEU D 101 -1.30 9.16 -42.66
N ASP D 102 -2.57 9.21 -42.24
CA ASP D 102 -3.58 9.85 -43.07
C ASP D 102 -3.34 11.35 -43.14
N GLU D 103 -2.96 11.97 -42.01
CA GLU D 103 -2.80 13.42 -41.97
C GLU D 103 -1.64 13.88 -42.83
N ILE D 104 -0.45 13.31 -42.62
CA ILE D 104 0.80 13.78 -43.21
C ILE D 104 1.22 12.95 -44.42
N GLY D 105 0.44 11.93 -44.79
CA GLY D 105 0.86 11.01 -45.84
C GLY D 105 1.19 11.69 -47.16
N ALA D 106 0.39 12.68 -47.55
CA ALA D 106 0.69 13.42 -48.77
C ALA D 106 1.95 14.26 -48.64
N ASP D 107 2.42 14.53 -47.42
CA ASP D 107 3.60 15.34 -47.17
C ASP D 107 4.90 14.55 -47.15
N ILE D 108 4.84 13.22 -47.06
CA ILE D 108 6.06 12.42 -47.06
C ILE D 108 6.68 12.48 -48.45
N GLU D 109 7.99 12.66 -48.49
CA GLU D 109 8.71 12.79 -49.76
C GLU D 109 9.80 11.74 -49.85
N ASP D 110 10.46 11.71 -51.02
CA ASP D 110 11.53 10.73 -51.25
C ASP D 110 12.66 10.88 -50.24
N ARG D 111 12.91 12.12 -49.79
CA ARG D 111 14.00 12.40 -48.85
C ARG D 111 13.72 11.89 -47.43
N HIS D 112 12.46 11.59 -47.11
CA HIS D 112 12.10 11.26 -45.74
C HIS D 112 12.47 9.83 -45.41
N ILE D 113 13.07 9.63 -44.24
CA ILE D 113 13.17 8.31 -43.63
C ILE D 113 12.19 8.31 -42.46
N VAL D 114 11.15 7.48 -42.56
CA VAL D 114 10.11 7.37 -41.55
C VAL D 114 10.48 6.26 -40.58
N VAL D 115 10.67 6.60 -39.31
CA VAL D 115 11.09 5.67 -38.28
C VAL D 115 9.96 5.56 -37.27
N SER D 116 9.28 4.42 -37.26
CA SER D 116 8.20 4.17 -36.32
C SER D 116 8.76 3.60 -35.03
N CYS D 117 8.39 4.23 -33.90
CA CYS D 117 8.76 3.73 -32.59
C CYS D 117 7.59 3.10 -31.83
N ALA D 118 6.40 3.07 -32.42
CA ALA D 118 5.22 2.60 -31.73
C ALA D 118 5.29 1.08 -31.52
N ALA D 119 4.75 0.62 -30.39
CA ALA D 119 4.75 -0.80 -30.09
C ALA D 119 3.84 -1.52 -31.07
N GLY D 120 4.35 -2.60 -31.66
CA GLY D 120 3.53 -3.48 -32.46
C GLY D 120 3.32 -3.11 -33.90
N VAL D 121 3.34 -1.82 -34.23
CA VAL D 121 2.91 -1.40 -35.57
C VAL D 121 3.92 -1.88 -36.60
N THR D 122 3.42 -2.58 -37.62
CA THR D 122 4.26 -3.26 -38.58
C THR D 122 4.73 -2.33 -39.71
N ILE D 123 5.93 -2.63 -40.23
CA ILE D 123 6.40 -1.95 -41.42
C ILE D 123 5.39 -2.09 -42.54
N SER D 124 4.84 -3.30 -42.71
CA SER D 124 3.87 -3.55 -43.76
C SER D 124 2.71 -2.55 -43.69
N SER D 125 2.15 -2.35 -42.51
CA SER D 125 0.98 -1.50 -42.41
C SER D 125 1.32 -0.05 -42.71
N ILE D 126 2.48 0.44 -42.25
CA ILE D 126 2.90 1.81 -42.54
C ILE D 126 3.13 2.01 -44.03
N GLU D 127 3.89 1.11 -44.64
CA GLU D 127 4.15 1.21 -46.09
C GLU D 127 2.85 1.18 -46.89
N LYS D 128 1.88 0.38 -46.46
CA LYS D 128 0.59 0.34 -47.15
C LYS D 128 -0.05 1.74 -47.18
N LYS D 129 -0.08 2.42 -46.04
CA LYS D 129 -0.67 3.75 -45.99
C LYS D 129 0.12 4.75 -46.82
N LEU D 130 1.44 4.73 -46.72
CA LEU D 130 2.25 5.72 -47.43
C LEU D 130 2.44 5.39 -48.90
N SER D 131 2.29 4.14 -49.32
CA SER D 131 2.42 3.80 -50.73
C SER D 131 1.24 4.32 -51.55
N ALA D 132 0.10 4.58 -50.91
CA ALA D 132 -1.01 5.20 -51.63
C ALA D 132 -0.69 6.62 -52.05
N PHE D 133 0.25 7.28 -51.38
CA PHE D 133 0.63 8.64 -51.73
C PHE D 133 1.84 8.67 -52.66
N ARG D 134 2.93 8.01 -52.27
CA ARG D 134 4.14 7.94 -53.09
C ARG D 134 4.64 6.51 -53.09
N PRO D 135 5.27 6.06 -54.17
CA PRO D 135 5.43 4.61 -54.37
C PRO D 135 6.48 3.93 -53.51
N ALA D 136 7.55 4.61 -53.13
CA ALA D 136 8.66 3.95 -52.41
C ALA D 136 8.96 4.64 -51.09
N PRO D 137 8.03 4.62 -50.13
CA PRO D 137 8.33 5.27 -48.83
C PRO D 137 9.40 4.50 -48.06
N ARG D 138 10.30 5.25 -47.42
CA ARG D 138 11.47 4.69 -46.72
C ARG D 138 11.13 4.57 -45.25
N VAL D 139 10.89 3.34 -44.80
CA VAL D 139 10.31 3.08 -43.48
C VAL D 139 11.25 2.16 -42.71
N ILE D 140 11.57 2.56 -41.49
CA ILE D 140 12.25 1.71 -40.51
C ILE D 140 11.32 1.54 -39.33
N ARG D 141 11.31 0.35 -38.74
CA ARG D 141 10.61 0.11 -37.48
C ARG D 141 11.65 -0.04 -36.38
N CYS D 142 11.43 0.66 -35.29
CA CYS D 142 12.38 0.75 -34.21
C CYS D 142 11.71 0.37 -32.91
N MET D 143 12.46 -0.28 -32.02
CA MET D 143 12.04 -0.45 -30.63
C MET D 143 13.21 -0.08 -29.73
N THR D 144 13.01 0.96 -28.94
CA THR D 144 14.08 1.51 -28.12
C THR D 144 13.52 1.55 -26.70
N ASN D 145 14.16 2.30 -25.82
CA ASN D 145 13.63 2.46 -24.47
C ASN D 145 14.18 3.76 -23.90
N THR D 146 13.63 4.14 -22.75
CA THR D 146 13.85 5.47 -22.21
C THR D 146 15.30 5.71 -21.77
N PRO D 147 16.07 4.68 -21.33
CA PRO D 147 17.45 4.97 -20.93
C PRO D 147 18.36 5.54 -22.01
N VAL D 148 17.85 5.74 -23.24
CA VAL D 148 18.58 6.58 -24.19
C VAL D 148 18.81 7.96 -23.58
N VAL D 149 17.94 8.39 -22.67
CA VAL D 149 18.09 9.68 -22.01
C VAL D 149 19.41 9.80 -21.24
N VAL D 150 19.97 8.69 -20.79
CA VAL D 150 21.32 8.66 -20.22
C VAL D 150 22.28 7.89 -21.13
N ARG D 151 21.95 7.79 -22.42
CA ARG D 151 22.80 7.17 -23.44
C ARG D 151 23.13 5.71 -23.10
N GLU D 152 22.18 5.01 -22.48
CA GLU D 152 22.32 3.58 -22.21
C GLU D 152 21.08 2.81 -22.65
N GLY D 153 20.46 3.26 -23.72
CA GLY D 153 19.31 2.55 -24.25
C GLY D 153 19.68 1.21 -24.84
N ALA D 154 18.65 0.40 -25.07
CA ALA D 154 18.75 -0.82 -25.84
C ALA D 154 17.81 -0.71 -27.03
N THR D 155 18.36 -0.74 -28.25
CA THR D 155 17.60 -0.44 -29.46
C THR D 155 17.76 -1.53 -30.51
N VAL D 156 16.65 -1.92 -31.14
CA VAL D 156 16.70 -2.75 -32.33
C VAL D 156 15.88 -2.06 -33.41
N TYR D 157 16.21 -2.36 -34.66
CA TYR D 157 15.46 -1.79 -35.76
C TYR D 157 15.44 -2.79 -36.91
N ALA D 158 14.39 -2.72 -37.72
CA ALA D 158 14.27 -3.48 -38.95
C ALA D 158 14.01 -2.51 -40.10
N THR D 159 14.63 -2.78 -41.26
CA THR D 159 14.50 -1.88 -42.39
C THR D 159 13.34 -2.32 -43.30
N GLY D 160 12.70 -1.32 -43.91
CA GLY D 160 11.55 -1.56 -44.74
C GLY D 160 11.91 -1.99 -46.15
N THR D 161 10.86 -2.18 -46.95
CA THR D 161 11.02 -2.65 -48.33
C THR D 161 11.85 -1.67 -49.16
N HIS D 162 11.67 -0.37 -48.95
CA HIS D 162 12.26 0.66 -49.80
C HIS D 162 13.40 1.39 -49.12
N ALA D 163 13.81 0.95 -47.93
CA ALA D 163 14.92 1.60 -47.25
C ALA D 163 16.23 1.26 -47.94
N GLN D 164 17.03 2.28 -48.23
CA GLN D 164 18.32 2.07 -48.86
C GLN D 164 19.35 1.59 -47.83
N VAL D 165 20.47 1.05 -48.33
CA VAL D 165 21.50 0.51 -47.45
C VAL D 165 22.06 1.59 -46.55
N GLU D 166 22.18 2.82 -47.07
CA GLU D 166 22.64 3.93 -46.25
C GLU D 166 21.63 4.31 -45.16
N ASP D 167 20.35 4.00 -45.35
CA ASP D 167 19.34 4.32 -44.36
C ASP D 167 19.51 3.48 -43.10
N GLY D 168 19.71 2.17 -43.26
CA GLY D 168 19.96 1.32 -42.12
C GLY D 168 21.30 1.61 -41.47
N ARG D 169 22.27 2.08 -42.24
CA ARG D 169 23.53 2.50 -41.63
C ARG D 169 23.36 3.81 -40.87
N LEU D 170 22.62 4.77 -41.43
CA LEU D 170 22.32 6.02 -40.72
C LEU D 170 21.60 5.74 -39.41
N MET D 171 20.59 4.88 -39.46
CA MET D 171 19.83 4.54 -38.26
C MET D 171 20.71 3.87 -37.21
N GLU D 172 21.58 2.95 -37.63
CA GLU D 172 22.52 2.31 -36.71
C GLU D 172 23.45 3.34 -36.06
N GLN D 173 24.01 4.25 -36.85
CA GLN D 173 24.90 5.27 -36.29
C GLN D 173 24.17 6.16 -35.29
N LEU D 174 22.94 6.57 -35.61
CA LEU D 174 22.19 7.47 -34.74
C LEU D 174 21.82 6.78 -33.43
N LEU D 175 21.24 5.60 -33.50
CA LEU D 175 20.73 4.99 -32.28
C LEU D 175 21.84 4.40 -31.43
N SER D 176 23.00 4.11 -32.02
CA SER D 176 24.16 3.70 -31.22
C SER D 176 24.73 4.85 -30.42
N SER D 177 24.47 6.10 -30.81
CA SER D 177 24.99 7.21 -30.01
C SER D 177 24.34 7.25 -28.60
N VAL D 178 23.18 6.61 -28.42
CA VAL D 178 22.45 6.65 -27.16
C VAL D 178 22.28 5.25 -26.55
N GLY D 179 23.09 4.29 -26.97
CA GLY D 179 23.10 2.99 -26.34
C GLY D 179 23.34 1.88 -27.34
N PHE D 180 22.97 0.67 -26.93
CA PHE D 180 23.14 -0.50 -27.77
C PHE D 180 22.15 -0.46 -28.92
N CYS D 181 22.62 -0.78 -30.12
CA CYS D 181 21.76 -0.82 -31.30
C CYS D 181 22.17 -1.98 -32.20
N THR D 182 21.19 -2.75 -32.66
CA THR D 182 21.49 -3.77 -33.65
C THR D 182 20.30 -3.94 -34.59
N GLU D 183 20.59 -4.24 -35.84
CA GLU D 183 19.52 -4.56 -36.76
C GLU D 183 18.97 -5.95 -36.45
N VAL D 184 17.66 -6.11 -36.56
CA VAL D 184 17.02 -7.40 -36.39
C VAL D 184 16.04 -7.63 -37.55
N GLU D 185 15.58 -8.86 -37.69
CA GLU D 185 14.42 -9.09 -38.54
C GLU D 185 13.18 -8.61 -37.81
N GLU D 186 12.20 -8.11 -38.58
CA GLU D 186 11.04 -7.48 -37.96
C GLU D 186 10.28 -8.46 -37.08
N ASP D 187 10.28 -9.75 -37.41
CA ASP D 187 9.48 -10.68 -36.61
C ASP D 187 10.04 -10.89 -35.20
N LEU D 188 11.20 -10.32 -34.86
CA LEU D 188 11.68 -10.37 -33.49
C LEU D 188 11.24 -9.19 -32.65
N ILE D 189 10.70 -8.12 -33.26
CA ILE D 189 10.61 -6.86 -32.54
C ILE D 189 9.53 -6.89 -31.47
N ASP D 190 8.48 -7.68 -31.64
CA ASP D 190 7.48 -7.81 -30.57
C ASP D 190 8.10 -8.40 -29.31
N ALA D 191 8.90 -9.47 -29.47
CA ALA D 191 9.61 -10.07 -28.33
C ALA D 191 10.58 -9.08 -27.71
N VAL D 192 11.26 -8.28 -28.53
CA VAL D 192 12.21 -7.30 -27.97
C VAL D 192 11.45 -6.26 -27.14
N THR D 193 10.27 -5.85 -27.60
CA THR D 193 9.43 -4.94 -26.82
C THR D 193 9.18 -5.49 -25.42
N GLY D 194 8.82 -6.77 -25.34
CA GLY D 194 8.55 -7.37 -24.04
C GLY D 194 9.76 -7.44 -23.14
N LEU D 195 10.95 -7.45 -23.72
CA LEU D 195 12.18 -7.64 -22.96
C LEU D 195 12.80 -6.29 -22.64
N SER D 196 13.41 -5.63 -23.64
CA SER D 196 14.10 -4.38 -23.36
C SER D 196 13.23 -3.14 -23.57
N GLY D 197 12.11 -3.24 -24.30
CA GLY D 197 11.14 -2.15 -24.32
C GLY D 197 10.48 -1.91 -22.97
N SER D 198 9.82 -2.95 -22.44
CA SER D 198 9.23 -2.88 -21.11
C SER D 198 10.26 -3.10 -19.99
N GLY D 199 11.44 -3.64 -20.31
CA GLY D 199 12.46 -3.95 -19.31
C GLY D 199 12.75 -2.92 -18.24
N PRO D 200 12.96 -1.65 -18.62
CA PRO D 200 13.25 -0.64 -17.58
C PRO D 200 12.16 -0.57 -16.53
N ALA D 201 10.89 -0.75 -16.93
CA ALA D 201 9.83 -0.73 -15.93
C ALA D 201 9.96 -1.89 -14.93
N TYR D 202 10.32 -3.08 -15.43
CA TYR D 202 10.61 -4.18 -14.52
C TYR D 202 11.70 -3.79 -13.53
N ALA D 203 12.74 -3.12 -14.02
CA ALA D 203 13.85 -2.74 -13.15
C ALA D 203 13.43 -1.70 -12.14
N PHE D 204 12.63 -0.70 -12.53
CA PHE D 204 12.21 0.32 -11.56
C PHE D 204 11.35 -0.30 -10.47
N THR D 205 10.51 -1.26 -10.83
CA THR D 205 9.71 -1.98 -9.84
C THR D 205 10.62 -2.74 -8.89
N ALA D 206 11.62 -3.43 -9.44
CA ALA D 206 12.52 -4.22 -8.61
C ALA D 206 13.30 -3.32 -7.66
N LEU D 207 13.73 -2.16 -8.14
CA LEU D 207 14.53 -1.23 -7.34
C LEU D 207 13.71 -0.64 -6.21
N ASP D 208 12.47 -0.24 -6.48
CA ASP D 208 11.55 0.19 -5.43
C ASP D 208 11.38 -0.89 -4.37
N ALA D 209 11.23 -2.16 -4.80
CA ALA D 209 10.98 -3.23 -3.85
C ALA D 209 12.24 -3.59 -3.07
N LEU D 210 13.39 -3.62 -3.75
CA LEU D 210 14.64 -3.85 -3.07
C LEU D 210 14.88 -2.75 -2.05
N ALA D 211 14.53 -1.50 -2.38
CA ALA D 211 14.74 -0.41 -1.42
C ALA D 211 13.84 -0.62 -0.20
N ASP D 212 12.57 -1.01 -0.43
CA ASP D 212 11.68 -1.36 0.66
C ASP D 212 12.31 -2.43 1.55
N GLY D 213 12.92 -3.44 0.94
CA GLY D 213 13.59 -4.47 1.70
C GLY D 213 14.72 -3.92 2.56
N GLY D 214 15.53 -3.02 1.99
CA GLY D 214 16.58 -2.40 2.78
C GLY D 214 16.03 -1.60 3.94
N VAL D 215 14.96 -0.85 3.68
CA VAL D 215 14.27 -0.07 4.71
C VAL D 215 13.72 -0.98 5.80
N LYS D 216 13.15 -2.13 5.43
CA LYS D 216 12.60 -3.02 6.44
C LYS D 216 13.70 -3.51 7.38
N MET D 217 14.90 -3.71 6.86
CA MET D 217 16.02 -4.18 7.63
C MET D 217 16.81 -3.05 8.30
N GLY D 218 16.35 -1.81 8.24
CA GLY D 218 16.92 -0.73 9.04
C GLY D 218 17.66 0.35 8.27
N LEU D 219 17.76 0.24 6.94
CA LEU D 219 18.48 1.25 6.17
C LEU D 219 17.63 2.50 5.94
N PRO D 220 18.25 3.69 5.94
CA PRO D 220 17.56 4.86 5.42
C PRO D 220 17.17 4.63 3.96
N ARG D 221 16.00 5.17 3.59
CA ARG D 221 15.48 5.01 2.23
CA ARG D 221 15.50 4.99 2.23
C ARG D 221 16.47 5.53 1.19
N ARG D 222 16.99 6.75 1.39
CA ARG D 222 17.88 7.30 0.36
C ARG D 222 19.07 6.39 0.11
N LEU D 223 19.66 5.82 1.18
CA LEU D 223 20.80 4.93 1.03
C LEU D 223 20.38 3.61 0.40
N ALA D 224 19.21 3.09 0.76
CA ALA D 224 18.75 1.83 0.19
C ALA D 224 18.52 1.96 -1.31
N VAL D 225 17.85 3.03 -1.74
CA VAL D 225 17.68 3.29 -3.17
C VAL D 225 19.02 3.32 -3.88
N ARG D 226 20.00 4.07 -3.34
CA ARG D 226 21.29 4.23 -4.01
C ARG D 226 22.02 2.91 -4.12
N LEU D 227 22.01 2.11 -3.03
CA LEU D 227 22.71 0.82 -3.03
C LEU D 227 22.04 -0.18 -3.95
N GLY D 228 20.70 -0.23 -3.95
CA GLY D 228 20.01 -1.15 -4.83
C GLY D 228 20.27 -0.85 -6.29
N ALA D 229 20.19 0.43 -6.65
CA ALA D 229 20.42 0.84 -8.04
C ALA D 229 21.86 0.54 -8.46
N GLN D 230 22.83 0.84 -7.59
CA GLN D 230 24.23 0.58 -7.93
C GLN D 230 24.51 -0.91 -8.07
N ALA D 231 23.89 -1.72 -7.22
CA ALA D 231 24.05 -3.18 -7.31
C ALA D 231 23.59 -3.70 -8.66
N LEU D 232 22.39 -3.27 -9.11
CA LEU D 232 21.87 -3.71 -10.39
C LEU D 232 22.74 -3.20 -11.54
N LEU D 233 23.17 -1.94 -11.46
CA LEU D 233 24.03 -1.39 -12.50
C LEU D 233 25.32 -2.18 -12.60
N GLY D 234 25.99 -2.43 -11.47
CA GLY D 234 27.24 -3.17 -11.53
C GLY D 234 27.04 -4.58 -12.04
N ALA D 235 25.97 -5.23 -11.59
CA ALA D 235 25.71 -6.60 -12.02
C ALA D 235 25.45 -6.66 -13.52
N ALA D 236 24.60 -5.75 -14.01
CA ALA D 236 24.36 -5.64 -15.44
C ALA D 236 25.66 -5.45 -16.19
N LYS D 237 26.50 -4.49 -15.75
CA LYS D 237 27.76 -4.26 -16.42
C LYS D 237 28.65 -5.49 -16.37
N MET D 238 28.73 -6.15 -15.22
CA MET D 238 29.52 -7.38 -15.10
C MET D 238 29.09 -8.39 -16.16
N LEU D 239 27.79 -8.63 -16.27
CA LEU D 239 27.33 -9.61 -17.24
C LEU D 239 27.72 -9.20 -18.65
N LEU D 240 27.51 -7.92 -19.02
CA LEU D 240 27.87 -7.47 -20.36
C LEU D 240 29.36 -7.64 -20.64
N HIS D 241 30.21 -7.56 -19.62
CA HIS D 241 31.65 -7.65 -19.84
C HIS D 241 32.22 -9.05 -19.67
N SER D 242 31.44 -10.01 -19.20
CA SER D 242 31.92 -11.36 -18.97
C SER D 242 31.57 -12.29 -20.14
N GLU D 243 32.47 -13.20 -20.46
CA GLU D 243 32.11 -14.28 -21.37
C GLU D 243 31.23 -15.33 -20.71
N GLN D 244 30.93 -15.18 -19.42
CA GLN D 244 30.36 -16.25 -18.61
C GLN D 244 28.83 -16.18 -18.57
N HIS D 245 28.24 -17.36 -18.33
CA HIS D 245 26.80 -17.49 -18.21
C HIS D 245 26.32 -16.83 -16.92
N PRO D 246 25.14 -16.19 -16.92
CA PRO D 246 24.62 -15.58 -15.68
C PRO D 246 24.58 -16.55 -14.49
N GLY D 247 24.26 -17.83 -14.74
CA GLY D 247 24.22 -18.79 -13.65
C GLY D 247 25.59 -19.00 -13.04
N GLN D 248 26.64 -19.01 -13.86
CA GLN D 248 27.99 -19.13 -13.31
C GLN D 248 28.35 -17.90 -12.48
N LEU D 249 27.93 -16.71 -12.92
CA LEU D 249 28.20 -15.52 -12.11
C LEU D 249 27.42 -15.57 -10.80
N LYS D 250 26.16 -15.99 -10.86
CA LYS D 250 25.41 -16.31 -9.64
C LYS D 250 26.18 -17.29 -8.76
N ASP D 251 26.71 -18.37 -9.36
CA ASP D 251 27.51 -19.33 -8.61
C ASP D 251 28.72 -18.68 -7.97
N ASN D 252 29.35 -17.71 -8.65
CA ASN D 252 30.56 -17.08 -8.11
C ASN D 252 30.27 -16.28 -6.85
N VAL D 253 29.06 -15.72 -6.72
CA VAL D 253 28.72 -14.88 -5.57
C VAL D 253 27.97 -15.64 -4.47
N SER D 254 27.61 -16.90 -4.69
CA SER D 254 26.80 -17.66 -3.73
C SER D 254 27.71 -18.50 -2.84
N SER D 255 28.19 -17.89 -1.76
CA SER D 255 29.08 -18.57 -0.84
C SER D 255 28.36 -19.70 -0.11
N PRO D 256 28.98 -20.87 0.06
CA PRO D 256 28.26 -22.00 0.67
C PRO D 256 27.74 -21.68 2.06
N GLY D 257 26.45 -21.95 2.25
CA GLY D 257 25.80 -21.68 3.52
C GLY D 257 25.58 -20.22 3.84
N GLY D 258 25.92 -19.31 2.93
CA GLY D 258 25.99 -17.90 3.24
C GLY D 258 24.69 -17.13 3.02
N ALA D 259 24.81 -15.82 3.14
CA ALA D 259 23.65 -14.92 3.07
C ALA D 259 22.99 -14.95 1.69
N THR D 260 23.79 -14.89 0.63
CA THR D 260 23.22 -14.78 -0.71
C THR D 260 22.41 -16.01 -1.09
N ILE D 261 22.90 -17.21 -0.76
CA ILE D 261 22.19 -18.42 -1.18
C ILE D 261 20.88 -18.57 -0.40
N HIS D 262 20.84 -18.10 0.85
CA HIS D 262 19.59 -18.11 1.59
C HIS D 262 18.57 -17.20 0.93
N ALA D 263 19.02 -16.06 0.40
CA ALA D 263 18.12 -15.14 -0.27
C ALA D 263 17.68 -15.69 -1.62
N LEU D 264 18.60 -16.31 -2.36
CA LEU D 264 18.24 -16.92 -3.63
C LEU D 264 17.16 -17.98 -3.45
N HIS D 265 17.26 -18.76 -2.38
CA HIS D 265 16.21 -19.72 -2.07
C HIS D 265 14.84 -19.05 -1.98
N VAL D 266 14.71 -17.95 -1.21
CA VAL D 266 13.38 -17.36 -1.08
C VAL D 266 12.89 -16.78 -2.41
N LEU D 267 13.79 -16.26 -3.25
CA LEU D 267 13.35 -15.86 -4.59
C LEU D 267 12.78 -17.06 -5.36
N GLU D 268 13.52 -18.18 -5.34
CA GLU D 268 13.07 -19.37 -6.05
C GLU D 268 11.73 -19.87 -5.53
N SER D 269 11.52 -19.82 -4.21
CA SER D 269 10.27 -20.32 -3.64
C SER D 269 9.07 -19.49 -4.06
N GLY D 270 9.27 -18.23 -4.44
CA GLY D 270 8.16 -17.46 -5.00
C GLY D 270 8.04 -17.53 -6.51
N GLY D 271 8.81 -18.38 -7.18
CA GLY D 271 8.77 -18.39 -8.63
C GLY D 271 9.26 -17.11 -9.25
N PHE D 272 10.22 -16.44 -8.59
CA PHE D 272 10.82 -15.22 -9.12
C PHE D 272 11.12 -15.29 -10.61
N ARG D 273 11.79 -16.37 -11.03
CA ARG D 273 12.17 -16.49 -12.43
C ARG D 273 10.95 -16.51 -13.34
N SER D 274 9.90 -17.23 -12.93
CA SER D 274 8.72 -17.37 -13.76
C SER D 274 7.97 -16.05 -13.90
N LEU D 275 8.03 -15.19 -12.89
CA LEU D 275 7.32 -13.91 -13.01
C LEU D 275 7.96 -13.06 -14.09
N LEU D 276 9.28 -13.07 -14.20
CA LEU D 276 9.93 -12.26 -15.22
C LEU D 276 9.70 -12.86 -16.61
N ILE D 277 9.72 -14.20 -16.73
CA ILE D 277 9.26 -14.83 -17.97
C ILE D 277 7.82 -14.42 -18.29
N ASN D 278 6.93 -14.52 -17.28
CA ASN D 278 5.54 -14.13 -17.49
C ASN D 278 5.45 -12.70 -18.03
N ALA D 279 6.33 -11.82 -17.57
CA ALA D 279 6.26 -10.41 -17.96
C ALA D 279 6.69 -10.21 -19.40
N VAL D 280 7.83 -10.77 -19.78
CA VAL D 280 8.26 -10.68 -21.18
C VAL D 280 7.15 -11.21 -22.08
N GLU D 281 6.53 -12.29 -21.66
CA GLU D 281 5.43 -12.88 -22.44
C GLU D 281 4.23 -11.95 -22.49
N ALA D 282 3.78 -11.44 -21.33
CA ALA D 282 2.61 -10.59 -21.30
C ALA D 282 2.80 -9.35 -22.18
N SER D 283 3.97 -8.73 -22.10
CA SER D 283 4.25 -7.53 -22.87
C SER D 283 4.29 -7.84 -24.37
N CYS D 284 5.00 -8.89 -24.75
CA CYS D 284 5.08 -9.26 -26.16
C CYS D 284 3.68 -9.59 -26.72
N ILE D 285 2.90 -10.38 -25.99
CA ILE D 285 1.54 -10.71 -26.45
C ILE D 285 0.68 -9.45 -26.57
N ARG D 286 0.76 -8.55 -25.58
CA ARG D 286 0.02 -7.28 -25.67
C ARG D 286 0.48 -6.45 -26.86
N THR D 287 1.77 -6.51 -27.18
CA THR D 287 2.27 -5.80 -28.35
C THR D 287 1.61 -6.33 -29.62
N ARG D 288 1.46 -7.64 -29.72
CA ARG D 288 0.78 -8.23 -30.87
C ARG D 288 -0.67 -7.76 -30.95
N GLU D 289 -1.37 -7.72 -29.81
CA GLU D 289 -2.74 -7.22 -29.78
C GLU D 289 -2.85 -5.78 -30.26
N LEU D 290 -1.91 -4.92 -29.85
CA LEU D 290 -1.95 -3.51 -30.21
C LEU D 290 -1.81 -3.32 -31.72
N GLN D 291 -1.06 -4.20 -32.37
CA GLN D 291 -0.96 -4.15 -33.82
C GLN D 291 -2.31 -4.46 -34.47
N SER D 292 -2.94 -5.56 -34.06
CA SER D 292 -4.24 -5.96 -34.63
C SER D 292 -5.28 -4.87 -34.42
N MET D 293 -5.53 -4.50 -33.15
CA MET D 293 -6.39 -3.36 -32.85
C MET D 293 -5.82 -2.08 -33.47
N PHE E 20 -38.22 -18.64 38.95
CA PHE E 20 -39.46 -18.42 39.69
C PHE E 20 -40.04 -17.05 39.34
N GLN E 21 -41.07 -16.63 40.09
CA GLN E 21 -41.68 -15.33 39.87
C GLN E 21 -41.04 -14.25 40.74
N SER E 22 -40.84 -14.53 42.03
CA SER E 22 -40.21 -13.57 42.94
C SER E 22 -38.77 -13.27 42.56
N MET E 23 -38.21 -14.02 41.62
CA MET E 23 -36.77 -13.96 41.32
C MET E 23 -36.37 -12.59 40.77
N SER E 24 -35.23 -12.11 41.24
CA SER E 24 -34.67 -10.82 40.84
C SER E 24 -33.32 -11.05 40.19
N VAL E 25 -33.12 -10.48 39.00
CA VAL E 25 -31.92 -10.71 38.20
C VAL E 25 -31.18 -9.40 37.98
N GLY E 26 -29.86 -9.46 38.07
CA GLY E 26 -29.04 -8.30 37.80
C GLY E 26 -27.94 -8.60 36.80
N PHE E 27 -27.54 -7.55 36.07
CA PHE E 27 -26.42 -7.62 35.15
C PHE E 27 -25.35 -6.62 35.57
N ILE E 28 -24.13 -7.10 35.75
CA ILE E 28 -22.96 -6.23 35.78
C ILE E 28 -22.37 -6.23 34.37
N GLY E 29 -22.46 -5.08 33.70
CA GLY E 29 -22.32 -5.00 32.27
C GLY E 29 -23.66 -4.70 31.64
N ALA E 30 -23.72 -3.68 30.80
CA ALA E 30 -24.96 -3.33 30.11
C ALA E 30 -24.72 -3.23 28.62
N GLY E 31 -23.89 -4.14 28.10
CA GLY E 31 -23.55 -4.15 26.69
C GLY E 31 -24.51 -4.98 25.86
N GLN E 32 -24.00 -5.44 24.72
CA GLN E 32 -24.79 -6.22 23.77
C GLN E 32 -25.39 -7.47 24.42
N LEU E 33 -24.61 -8.18 25.23
CA LEU E 33 -25.09 -9.44 25.77
C LEU E 33 -26.18 -9.23 26.81
N ALA E 34 -25.99 -8.26 27.71
CA ALA E 34 -26.99 -7.96 28.72
C ALA E 34 -28.32 -7.57 28.10
N PHE E 35 -28.29 -6.67 27.11
CA PHE E 35 -29.51 -6.31 26.43
C PHE E 35 -30.16 -7.53 25.79
N ALA E 36 -29.37 -8.33 25.06
CA ALA E 36 -29.91 -9.50 24.39
C ALA E 36 -30.61 -10.42 25.38
N LEU E 37 -29.93 -10.75 26.48
CA LEU E 37 -30.50 -11.65 27.46
C LEU E 37 -31.75 -11.05 28.10
N ALA E 38 -31.69 -9.79 28.50
CA ALA E 38 -32.84 -9.16 29.14
C ALA E 38 -34.02 -9.09 28.18
N LYS E 39 -33.77 -8.69 26.93
CA LYS E 39 -34.84 -8.65 25.94
C LYS E 39 -35.42 -10.05 25.69
N GLY E 40 -34.56 -11.06 25.62
CA GLY E 40 -35.07 -12.41 25.45
C GLY E 40 -35.85 -12.89 26.66
N PHE E 41 -35.33 -12.62 27.88
CA PHE E 41 -36.01 -13.06 29.11
C PHE E 41 -37.38 -12.41 29.26
N THR E 42 -37.47 -11.12 28.94
CA THR E 42 -38.75 -10.44 29.09
C THR E 42 -39.72 -10.88 28.01
N ALA E 43 -39.24 -11.07 26.79
CA ALA E 43 -40.08 -11.59 25.72
C ALA E 43 -40.59 -12.98 26.06
N ALA E 44 -39.69 -13.85 26.55
CA ALA E 44 -40.10 -15.18 26.99
C ALA E 44 -41.23 -15.11 28.01
N GLY E 45 -41.26 -14.06 28.82
CA GLY E 45 -42.19 -13.98 29.91
C GLY E 45 -41.72 -14.63 31.19
N VAL E 46 -40.50 -15.19 31.21
CA VAL E 46 -39.99 -15.77 32.45
C VAL E 46 -39.55 -14.72 33.44
N LEU E 47 -39.27 -13.51 32.97
CA LEU E 47 -38.84 -12.42 33.83
C LEU E 47 -39.59 -11.16 33.46
N ALA E 48 -39.92 -10.36 34.47
CA ALA E 48 -40.53 -9.06 34.26
C ALA E 48 -39.43 -8.02 34.25
N ALA E 49 -39.49 -7.09 33.28
CA ALA E 49 -38.42 -6.11 33.10
C ALA E 49 -38.09 -5.38 34.40
N HIS E 50 -39.09 -5.17 35.26
CA HIS E 50 -38.90 -4.45 36.52
C HIS E 50 -38.13 -5.27 37.55
N LYS E 51 -38.01 -6.58 37.36
CA LYS E 51 -37.20 -7.45 38.22
C LYS E 51 -35.77 -7.59 37.71
N ILE E 52 -35.35 -6.73 36.79
CA ILE E 52 -34.00 -6.77 36.23
C ILE E 52 -33.35 -5.42 36.49
N MET E 53 -32.10 -5.44 36.95
CA MET E 53 -31.30 -4.24 37.11
C MET E 53 -29.96 -4.42 36.43
N ALA E 54 -29.51 -3.41 35.69
CA ALA E 54 -28.20 -3.44 35.07
C ALA E 54 -27.39 -2.22 35.47
N SER E 55 -26.08 -2.43 35.59
CA SER E 55 -25.12 -1.37 35.89
C SER E 55 -24.05 -1.33 34.81
N SER E 56 -23.46 -0.16 34.61
CA SER E 56 -22.48 0.03 33.55
C SER E 56 -21.58 1.19 33.89
N PRO E 57 -20.31 1.16 33.49
CA PRO E 57 -19.43 2.33 33.67
C PRO E 57 -19.73 3.46 32.69
N ASP E 58 -20.39 3.19 31.57
CA ASP E 58 -20.74 4.20 30.56
C ASP E 58 -22.25 4.21 30.41
N MET E 59 -22.93 5.06 31.18
CA MET E 59 -24.38 5.10 31.19
C MET E 59 -24.97 5.73 29.94
N ASP E 60 -24.14 6.10 28.95
CA ASP E 60 -24.63 6.68 27.72
C ASP E 60 -24.56 5.72 26.54
N LEU E 61 -24.36 4.42 26.81
CA LEU E 61 -24.33 3.44 25.74
C LEU E 61 -25.71 3.29 25.11
N ALA E 62 -25.72 2.95 23.82
CA ALA E 62 -26.98 2.71 23.14
C ALA E 62 -27.75 1.56 23.79
N THR E 63 -27.03 0.49 24.18
CA THR E 63 -27.69 -0.63 24.87
C THR E 63 -28.30 -0.20 26.19
N VAL E 64 -27.71 0.78 26.87
CA VAL E 64 -28.28 1.26 28.12
C VAL E 64 -29.58 2.02 27.87
N SER E 65 -29.62 2.84 26.82
CA SER E 65 -30.86 3.57 26.51
C SER E 65 -32.01 2.60 26.26
N ALA E 66 -31.73 1.50 25.55
CA ALA E 66 -32.77 0.55 25.19
C ALA E 66 -33.30 -0.21 26.40
N LEU E 67 -32.41 -0.64 27.30
CA LEU E 67 -32.84 -1.26 28.56
C LEU E 67 -33.80 -0.36 29.32
N ARG E 68 -33.55 0.95 29.24
CA ARG E 68 -34.41 1.91 29.94
C ARG E 68 -35.81 1.95 29.31
N LYS E 69 -35.90 1.86 27.98
CA LYS E 69 -37.21 1.81 27.34
C LYS E 69 -37.95 0.53 27.69
N MET E 70 -37.23 -0.58 27.87
CA MET E 70 -37.86 -1.87 28.18
C MET E 70 -38.41 -1.92 29.60
N GLY E 71 -38.00 -1.02 30.47
CA GLY E 71 -38.41 -1.05 31.85
C GLY E 71 -37.42 -1.70 32.78
N VAL E 72 -36.21 -1.98 32.32
CA VAL E 72 -35.15 -2.50 33.18
C VAL E 72 -34.62 -1.36 34.04
N LYS E 73 -34.38 -1.65 35.32
CA LYS E 73 -33.76 -0.66 36.21
C LYS E 73 -32.28 -0.51 35.87
N LEU E 74 -31.78 0.71 35.99
CA LEU E 74 -30.42 1.01 35.59
C LEU E 74 -29.73 1.78 36.71
N THR E 75 -28.42 1.54 36.86
CA THR E 75 -27.62 2.21 37.87
C THR E 75 -26.19 2.31 37.38
N PRO E 76 -25.42 3.29 37.85
CA PRO E 76 -23.97 3.27 37.59
C PRO E 76 -23.16 2.51 38.64
N HIS E 77 -23.80 1.97 39.67
CA HIS E 77 -23.11 1.36 40.81
C HIS E 77 -23.34 -0.14 40.81
N ASN E 78 -22.27 -0.89 40.55
CA ASN E 78 -22.34 -2.34 40.59
C ASN E 78 -22.84 -2.84 41.95
N LYS E 79 -22.43 -2.18 43.03
CA LYS E 79 -22.89 -2.56 44.36
C LYS E 79 -24.42 -2.52 44.45
N GLU E 80 -25.04 -1.55 43.78
CA GLU E 80 -26.50 -1.48 43.82
C GLU E 80 -27.13 -2.65 43.07
N THR E 81 -26.59 -2.99 41.90
CA THR E 81 -27.09 -4.17 41.19
C THR E 81 -26.96 -5.43 42.06
N VAL E 82 -25.85 -5.57 42.78
CA VAL E 82 -25.65 -6.77 43.59
C VAL E 82 -26.71 -6.85 44.69
N GLN E 83 -26.90 -5.75 45.42
CA GLN E 83 -27.91 -5.73 46.48
C GLN E 83 -29.32 -5.96 45.94
N HIS E 84 -29.58 -5.56 44.69
CA HIS E 84 -30.88 -5.79 44.07
C HIS E 84 -31.09 -7.24 43.66
N SER E 85 -30.03 -7.95 43.33
CA SER E 85 -30.15 -9.16 42.54
C SER E 85 -30.12 -10.41 43.42
N ASP E 86 -30.84 -11.44 42.97
CA ASP E 86 -30.67 -12.80 43.45
C ASP E 86 -29.77 -13.60 42.52
N VAL E 87 -30.11 -13.64 41.24
CA VAL E 87 -29.20 -14.14 40.21
C VAL E 87 -28.44 -12.95 39.64
N LEU E 88 -27.11 -13.04 39.64
CA LEU E 88 -26.25 -11.96 39.20
C LEU E 88 -25.44 -12.42 38.00
N PHE E 89 -25.81 -11.94 36.82
CA PHE E 89 -25.06 -12.20 35.60
C PHE E 89 -23.87 -11.25 35.49
N LEU E 90 -22.69 -11.81 35.21
CA LEU E 90 -21.49 -11.04 34.93
C LEU E 90 -21.33 -10.97 33.41
N ALA E 91 -21.63 -9.81 32.84
CA ALA E 91 -21.61 -9.66 31.40
C ALA E 91 -20.60 -8.59 30.98
N VAL E 92 -19.38 -8.63 31.50
CA VAL E 92 -18.34 -7.70 31.12
C VAL E 92 -17.21 -8.47 30.44
N LYS E 93 -16.21 -7.73 29.94
CA LYS E 93 -15.08 -8.34 29.26
C LYS E 93 -14.26 -9.18 30.25
N PRO E 94 -13.53 -10.19 29.75
CA PRO E 94 -12.79 -11.09 30.67
C PRO E 94 -11.81 -10.39 31.59
N HIS E 95 -11.06 -9.42 31.09
CA HIS E 95 -10.09 -8.73 31.94
C HIS E 95 -10.74 -7.75 32.92
N ILE E 96 -12.02 -7.44 32.75
CA ILE E 96 -12.72 -6.63 33.76
C ILE E 96 -13.25 -7.48 34.91
N ILE E 97 -13.54 -8.78 34.66
CA ILE E 97 -14.05 -9.66 35.71
C ILE E 97 -13.23 -9.59 36.99
N PRO E 98 -11.89 -9.67 36.97
CA PRO E 98 -11.14 -9.63 38.23
C PRO E 98 -11.39 -8.37 39.03
N PHE E 99 -11.70 -7.26 38.35
CA PHE E 99 -11.94 -6.00 39.04
C PHE E 99 -13.34 -5.95 39.63
N ILE E 100 -14.34 -6.42 38.87
CA ILE E 100 -15.70 -6.47 39.41
C ILE E 100 -15.71 -7.30 40.68
N LEU E 101 -15.07 -8.47 40.65
CA LEU E 101 -15.07 -9.33 41.82
C LEU E 101 -14.41 -8.65 43.02
N ASP E 102 -13.33 -7.91 42.80
CA ASP E 102 -12.73 -7.16 43.91
C ASP E 102 -13.67 -6.06 44.38
N GLU E 103 -14.35 -5.40 43.45
CA GLU E 103 -15.24 -4.30 43.82
C GLU E 103 -16.41 -4.78 44.66
N ILE E 104 -17.08 -5.85 44.25
CA ILE E 104 -18.35 -6.25 44.85
C ILE E 104 -18.24 -7.55 45.63
N GLY E 105 -17.02 -8.07 45.82
CA GLY E 105 -16.87 -9.35 46.49
C GLY E 105 -17.39 -9.34 47.92
N ALA E 106 -17.21 -8.23 48.62
CA ALA E 106 -17.73 -8.12 49.98
C ALA E 106 -19.25 -8.09 50.00
N ASP E 107 -19.88 -7.66 48.91
CA ASP E 107 -21.34 -7.56 48.86
C ASP E 107 -22.04 -8.87 48.51
N ILE E 108 -21.30 -9.92 48.11
CA ILE E 108 -21.92 -11.19 47.79
C ILE E 108 -22.45 -11.85 49.05
N GLU E 109 -23.70 -12.30 49.00
CA GLU E 109 -24.39 -12.95 50.10
C GLU E 109 -24.63 -14.41 49.78
N ASP E 110 -25.13 -15.14 50.78
CA ASP E 110 -25.42 -16.56 50.61
C ASP E 110 -26.47 -16.79 49.52
N ARG E 111 -27.45 -15.88 49.42
CA ARG E 111 -28.54 -16.06 48.47
C ARG E 111 -28.11 -15.90 47.02
N HIS E 112 -26.89 -15.42 46.77
CA HIS E 112 -26.48 -15.03 45.43
C HIS E 112 -25.99 -16.22 44.60
N ILE E 113 -26.44 -16.28 43.36
CA ILE E 113 -25.85 -17.13 42.33
C ILE E 113 -25.14 -16.19 41.38
N VAL E 114 -23.83 -16.36 41.23
CA VAL E 114 -23.04 -15.56 40.31
C VAL E 114 -22.90 -16.33 39.01
N VAL E 115 -23.36 -15.74 37.91
CA VAL E 115 -23.35 -16.39 36.61
C VAL E 115 -22.43 -15.58 35.71
N SER E 116 -21.21 -16.06 35.54
CA SER E 116 -20.25 -15.39 34.67
C SER E 116 -20.48 -15.81 33.22
N CYS E 117 -20.65 -14.82 32.36
CA CYS E 117 -20.78 -15.04 30.93
C CYS E 117 -19.50 -14.71 30.16
N ALA E 118 -18.45 -14.26 30.84
CA ALA E 118 -17.23 -13.86 30.15
C ALA E 118 -16.56 -15.06 29.48
N ALA E 119 -16.03 -14.82 28.29
CA ALA E 119 -15.30 -15.86 27.57
C ALA E 119 -14.05 -16.26 28.34
N GLY E 120 -13.82 -17.57 28.45
CA GLY E 120 -12.59 -18.09 29.01
C GLY E 120 -12.42 -18.10 30.52
N VAL E 121 -13.06 -17.15 31.21
CA VAL E 121 -12.83 -17.00 32.64
C VAL E 121 -13.37 -18.22 33.39
N THR E 122 -12.49 -18.88 34.16
CA THR E 122 -12.83 -20.15 34.79
C THR E 122 -13.59 -19.96 36.10
N ILE E 123 -14.38 -20.99 36.44
CA ILE E 123 -15.08 -21.03 37.72
C ILE E 123 -14.09 -20.92 38.87
N SER E 124 -12.93 -21.58 38.73
CA SER E 124 -11.95 -21.59 39.81
C SER E 124 -11.43 -20.20 40.10
N SER E 125 -11.14 -19.43 39.05
CA SER E 125 -10.64 -18.07 39.24
C SER E 125 -11.70 -17.18 39.88
N ILE E 126 -12.97 -17.38 39.53
CA ILE E 126 -14.04 -16.63 40.17
C ILE E 126 -14.22 -17.08 41.62
N GLU E 127 -14.21 -18.38 41.85
CA GLU E 127 -14.33 -18.87 43.23
C GLU E 127 -13.16 -18.40 44.08
N LYS E 128 -11.94 -18.33 43.52
CA LYS E 128 -10.79 -17.93 44.33
C LYS E 128 -10.94 -16.50 44.82
N LYS E 129 -11.28 -15.57 43.91
CA LYS E 129 -11.47 -14.17 44.30
C LYS E 129 -12.59 -14.01 45.30
N LEU E 130 -13.73 -14.68 45.05
CA LEU E 130 -14.91 -14.47 45.89
C LEU E 130 -14.76 -15.16 47.24
N SER E 131 -14.04 -16.29 47.30
CA SER E 131 -13.90 -17.01 48.55
C SER E 131 -13.15 -16.21 49.60
N ALA E 132 -12.34 -15.24 49.18
CA ALA E 132 -11.65 -14.39 50.14
C ALA E 132 -12.61 -13.55 50.97
N PHE E 133 -13.84 -13.37 50.51
CA PHE E 133 -14.83 -12.58 51.23
C PHE E 133 -15.85 -13.42 52.00
N ARG E 134 -16.34 -14.52 51.42
CA ARG E 134 -17.37 -15.37 51.99
C ARG E 134 -17.12 -16.75 51.41
N PRO E 135 -17.15 -17.80 52.24
CA PRO E 135 -16.46 -19.05 51.89
C PRO E 135 -17.09 -19.96 50.83
N ALA E 136 -18.40 -19.94 50.62
CA ALA E 136 -19.04 -20.87 49.69
C ALA E 136 -19.82 -20.15 48.59
N PRO E 137 -19.14 -19.40 47.73
CA PRO E 137 -19.86 -18.65 46.69
C PRO E 137 -20.43 -19.61 45.64
N ARG E 138 -21.70 -19.38 45.31
CA ARG E 138 -22.41 -20.20 44.32
C ARG E 138 -22.17 -19.59 42.94
N VAL E 139 -21.31 -20.25 42.14
CA VAL E 139 -20.85 -19.73 40.86
C VAL E 139 -21.26 -20.68 39.75
N ILE E 140 -21.65 -20.11 38.62
CA ILE E 140 -21.95 -20.85 37.40
C ILE E 140 -21.23 -20.15 36.26
N ARG E 141 -20.68 -20.93 35.34
CA ARG E 141 -20.10 -20.36 34.14
C ARG E 141 -20.99 -20.71 32.96
N CYS E 142 -21.30 -19.73 32.13
CA CYS E 142 -22.14 -20.02 30.99
C CYS E 142 -21.49 -19.46 29.73
N MET E 143 -21.83 -20.05 28.59
CA MET E 143 -21.51 -19.46 27.29
C MET E 143 -22.77 -19.48 26.46
N THR E 144 -23.28 -18.30 26.16
CA THR E 144 -24.48 -18.08 25.41
C THR E 144 -24.10 -17.28 24.16
N ASN E 145 -25.08 -16.73 23.44
CA ASN E 145 -24.78 -15.92 22.28
C ASN E 145 -25.91 -14.91 22.08
N THR E 146 -25.69 -13.98 21.14
CA THR E 146 -26.64 -12.87 21.03
C THR E 146 -28.04 -13.28 20.54
N PRO E 147 -28.20 -14.34 19.72
CA PRO E 147 -29.57 -14.72 19.30
C PRO E 147 -30.53 -15.04 20.44
N VAL E 148 -30.09 -15.05 21.70
CA VAL E 148 -31.06 -15.06 22.80
C VAL E 148 -32.03 -13.90 22.63
N VAL E 149 -31.60 -12.82 21.97
CA VAL E 149 -32.45 -11.64 21.77
C VAL E 149 -33.72 -12.00 21.00
N VAL E 150 -33.65 -12.99 20.12
CA VAL E 150 -34.84 -13.49 19.42
C VAL E 150 -35.25 -14.84 19.97
N ARG E 151 -34.81 -15.17 21.19
CA ARG E 151 -35.13 -16.42 21.88
C ARG E 151 -34.73 -17.64 21.05
N GLU E 152 -33.62 -17.53 20.30
CA GLU E 152 -33.05 -18.69 19.62
C GLU E 152 -31.57 -18.82 19.94
N GLY E 153 -31.17 -18.47 21.17
CA GLY E 153 -29.78 -18.63 21.54
C GLY E 153 -29.37 -20.08 21.65
N ALA E 154 -28.06 -20.26 21.81
CA ALA E 154 -27.46 -21.55 22.14
C ALA E 154 -26.62 -21.35 23.39
N THR E 155 -26.96 -22.05 24.48
CA THR E 155 -26.33 -21.81 25.78
C THR E 155 -25.85 -23.11 26.43
N VAL E 156 -24.63 -23.09 26.95
CA VAL E 156 -24.20 -24.12 27.88
C VAL E 156 -23.79 -23.46 29.18
N TYR E 157 -23.77 -24.26 30.25
CA TYR E 157 -23.37 -23.79 31.56
C TYR E 157 -22.69 -24.93 32.30
N ALA E 158 -21.75 -24.57 33.17
CA ALA E 158 -21.16 -25.51 34.12
C ALA E 158 -21.37 -24.97 35.53
N THR E 159 -21.61 -25.88 36.48
CA THR E 159 -21.88 -25.52 37.88
C THR E 159 -20.59 -25.54 38.69
N GLY E 160 -20.46 -24.57 39.59
CA GLY E 160 -19.30 -24.47 40.43
C GLY E 160 -19.34 -25.44 41.62
N THR E 161 -18.30 -25.31 42.46
CA THR E 161 -18.09 -26.21 43.59
C THR E 161 -19.24 -26.14 44.58
N HIS E 162 -19.78 -24.94 44.80
CA HIS E 162 -20.75 -24.70 45.84
C HIS E 162 -22.15 -24.42 45.29
N ALA E 163 -22.32 -24.51 43.98
CA ALA E 163 -23.65 -24.36 43.39
C ALA E 163 -24.54 -25.51 43.83
N GLN E 164 -25.68 -25.18 44.42
CA GLN E 164 -26.62 -26.21 44.84
C GLN E 164 -27.25 -26.88 43.62
N VAL E 165 -27.88 -28.02 43.85
CA VAL E 165 -28.48 -28.77 42.74
C VAL E 165 -29.59 -27.93 42.11
N GLU E 166 -30.38 -27.25 42.94
CA GLU E 166 -31.41 -26.35 42.44
C GLU E 166 -30.83 -25.21 41.62
N ASP E 167 -29.56 -24.84 41.83
CA ASP E 167 -28.96 -23.74 41.09
C ASP E 167 -28.83 -24.07 39.61
N GLY E 168 -28.33 -25.25 39.28
CA GLY E 168 -28.21 -25.64 37.88
C GLY E 168 -29.56 -25.74 37.19
N ARG E 169 -30.55 -26.25 37.90
CA ARG E 169 -31.90 -26.41 37.35
C ARG E 169 -32.57 -25.07 37.11
N LEU E 170 -32.48 -24.15 38.08
CA LEU E 170 -32.98 -22.79 37.90
C LEU E 170 -32.31 -22.12 36.70
N MET E 171 -31.00 -22.34 36.54
CA MET E 171 -30.28 -21.77 35.41
CA MET E 171 -30.34 -21.71 35.41
C MET E 171 -30.74 -22.36 34.09
N GLU E 172 -30.93 -23.68 34.06
CA GLU E 172 -31.41 -24.28 32.82
C GLU E 172 -32.82 -23.79 32.51
N GLN E 173 -33.66 -23.64 33.53
CA GLN E 173 -35.01 -23.13 33.30
C GLN E 173 -34.97 -21.75 32.67
N LEU E 174 -34.15 -20.85 33.22
CA LEU E 174 -34.09 -19.48 32.73
C LEU E 174 -33.54 -19.42 31.30
N LEU E 175 -32.42 -20.08 31.05
CA LEU E 175 -31.78 -19.96 29.75
C LEU E 175 -32.43 -20.82 28.68
N SER E 176 -33.17 -21.87 29.07
CA SER E 176 -33.97 -22.61 28.10
C SER E 176 -35.08 -21.77 27.51
N SER E 177 -35.50 -20.71 28.20
CA SER E 177 -36.61 -19.90 27.69
C SER E 177 -36.18 -19.00 26.54
N VAL E 178 -34.90 -18.89 26.27
CA VAL E 178 -34.39 -18.04 25.20
C VAL E 178 -33.56 -18.82 24.17
N GLY E 179 -33.66 -20.15 24.19
CA GLY E 179 -33.06 -20.97 23.15
C GLY E 179 -32.62 -22.32 23.70
N PHE E 180 -31.67 -22.94 23.01
CA PHE E 180 -31.16 -24.21 23.49
C PHE E 180 -30.28 -24.00 24.72
N CYS E 181 -30.41 -24.90 25.70
CA CYS E 181 -29.59 -24.86 26.90
C CYS E 181 -29.27 -26.26 27.38
N THR E 182 -28.02 -26.48 27.77
CA THR E 182 -27.69 -27.77 28.35
C THR E 182 -26.48 -27.60 29.23
N GLU E 183 -26.43 -28.43 30.27
CA GLU E 183 -25.28 -28.46 31.16
C GLU E 183 -24.13 -29.17 30.48
N VAL E 184 -22.90 -28.70 30.74
CA VAL E 184 -21.69 -29.35 30.24
C VAL E 184 -20.64 -29.33 31.33
N GLU E 185 -19.66 -30.22 31.19
CA GLU E 185 -18.44 -30.09 31.98
C GLU E 185 -17.73 -28.80 31.57
N GLU E 186 -17.12 -28.13 32.56
CA GLU E 186 -16.52 -26.83 32.27
C GLU E 186 -15.46 -26.91 31.19
N ASP E 187 -14.74 -28.03 31.09
CA ASP E 187 -13.67 -28.11 30.10
C ASP E 187 -14.18 -28.17 28.64
N LEU E 188 -15.49 -28.24 28.38
CA LEU E 188 -16.05 -28.10 27.04
C LEU E 188 -16.37 -26.64 26.65
N ILE E 189 -16.36 -25.72 27.63
CA ILE E 189 -16.92 -24.39 27.36
C ILE E 189 -16.03 -23.60 26.41
N ASP E 190 -14.71 -23.76 26.51
CA ASP E 190 -13.85 -23.05 25.56
C ASP E 190 -14.16 -23.46 24.12
N ALA E 191 -14.43 -24.75 23.87
CA ALA E 191 -14.79 -25.18 22.52
C ALA E 191 -16.19 -24.71 22.11
N VAL E 192 -17.14 -24.70 23.05
CA VAL E 192 -18.47 -24.16 22.76
C VAL E 192 -18.36 -22.70 22.35
N THR E 193 -17.48 -21.95 23.03
CA THR E 193 -17.27 -20.55 22.64
C THR E 193 -16.87 -20.43 21.17
N GLY E 194 -15.95 -21.28 20.71
CA GLY E 194 -15.57 -21.21 19.32
C GLY E 194 -16.66 -21.60 18.34
N LEU E 195 -17.64 -22.38 18.80
CA LEU E 195 -18.68 -22.91 17.94
C LEU E 195 -19.92 -22.03 17.99
N SER E 196 -20.70 -22.09 19.08
CA SER E 196 -21.91 -21.31 19.18
C SER E 196 -21.72 -19.91 19.76
N GLY E 197 -20.61 -19.67 20.48
CA GLY E 197 -20.36 -18.34 20.98
C GLY E 197 -20.01 -17.39 19.85
N SER E 198 -19.05 -17.77 19.03
CA SER E 198 -18.63 -17.01 17.85
C SER E 198 -19.46 -17.31 16.61
N GLY E 199 -20.23 -18.40 16.62
CA GLY E 199 -21.03 -18.84 15.48
C GLY E 199 -21.84 -17.79 14.77
N PRO E 200 -22.61 -16.97 15.50
CA PRO E 200 -23.46 -15.99 14.79
C PRO E 200 -22.67 -15.05 13.90
N ALA E 201 -21.46 -14.67 14.32
CA ALA E 201 -20.61 -13.83 13.48
C ALA E 201 -20.21 -14.54 12.18
N TYR E 202 -19.92 -15.85 12.24
CA TYR E 202 -19.66 -16.60 11.01
C TYR E 202 -20.88 -16.54 10.11
N ALA E 203 -22.06 -16.70 10.70
CA ALA E 203 -23.31 -16.63 9.93
C ALA E 203 -23.52 -15.23 9.34
N PHE E 204 -23.25 -14.16 10.10
CA PHE E 204 -23.42 -12.82 9.55
C PHE E 204 -22.47 -12.56 8.38
N THR E 205 -21.20 -12.96 8.53
CA THR E 205 -20.24 -12.87 7.45
C THR E 205 -20.72 -13.63 6.22
N ALA E 206 -21.18 -14.87 6.46
CA ALA E 206 -21.71 -15.71 5.38
C ALA E 206 -22.89 -15.05 4.67
N LEU E 207 -23.83 -14.47 5.43
CA LEU E 207 -25.01 -13.86 4.82
C LEU E 207 -24.65 -12.64 4.00
N ASP E 208 -23.75 -11.80 4.50
CA ASP E 208 -23.24 -10.67 3.74
C ASP E 208 -22.65 -11.12 2.40
N ALA E 209 -21.83 -12.16 2.43
CA ALA E 209 -21.21 -12.66 1.22
C ALA E 209 -22.24 -13.28 0.28
N LEU E 210 -23.17 -14.05 0.84
CA LEU E 210 -24.22 -14.66 0.01
C LEU E 210 -25.07 -13.58 -0.64
N ALA E 211 -25.34 -12.50 0.10
CA ALA E 211 -26.06 -11.37 -0.47
C ALA E 211 -25.25 -10.73 -1.60
N ASP E 212 -23.93 -10.55 -1.40
CA ASP E 212 -23.09 -10.04 -2.47
C ASP E 212 -23.21 -10.94 -3.71
N GLY E 213 -23.18 -12.26 -3.49
CA GLY E 213 -23.36 -13.17 -4.60
C GLY E 213 -24.66 -12.96 -5.34
N GLY E 214 -25.75 -12.82 -4.59
CA GLY E 214 -27.05 -12.59 -5.20
C GLY E 214 -27.08 -11.30 -6.00
N VAL E 215 -26.57 -10.23 -5.40
CA VAL E 215 -26.44 -8.94 -6.09
C VAL E 215 -25.57 -9.08 -7.32
N LYS E 216 -24.45 -9.82 -7.23
CA LYS E 216 -23.60 -9.96 -8.40
C LYS E 216 -24.36 -10.57 -9.58
N MET E 217 -25.26 -11.50 -9.29
CA MET E 217 -26.04 -12.19 -10.32
C MET E 217 -27.35 -11.48 -10.66
N GLY E 218 -27.60 -10.29 -10.10
CA GLY E 218 -28.69 -9.44 -10.57
C GLY E 218 -29.80 -9.19 -9.59
N LEU E 219 -29.74 -9.73 -8.36
CA LEU E 219 -30.81 -9.51 -7.38
C LEU E 219 -30.66 -8.15 -6.69
N PRO E 220 -31.75 -7.46 -6.40
CA PRO E 220 -31.66 -6.30 -5.50
C PRO E 220 -31.10 -6.73 -4.15
N ARG E 221 -30.35 -5.82 -3.52
CA ARG E 221 -29.68 -6.17 -2.26
C ARG E 221 -30.68 -6.64 -1.21
N ARG E 222 -31.79 -5.91 -1.04
CA ARG E 222 -32.73 -6.24 0.03
C ARG E 222 -33.34 -7.62 -0.17
N LEU E 223 -33.73 -7.96 -1.40
CA LEU E 223 -34.22 -9.30 -1.69
C LEU E 223 -33.15 -10.36 -1.45
N ALA E 224 -31.90 -10.07 -1.84
CA ALA E 224 -30.81 -11.03 -1.66
C ALA E 224 -30.55 -11.31 -0.19
N VAL E 225 -30.62 -10.29 0.67
CA VAL E 225 -30.38 -10.47 2.09
C VAL E 225 -31.49 -11.32 2.71
N ARG E 226 -32.74 -11.02 2.37
CA ARG E 226 -33.87 -11.78 2.90
C ARG E 226 -33.82 -13.24 2.46
N LEU E 227 -33.48 -13.48 1.19
CA LEU E 227 -33.48 -14.85 0.69
C LEU E 227 -32.33 -15.66 1.29
N GLY E 228 -31.15 -15.04 1.40
CA GLY E 228 -30.02 -15.76 1.97
C GLY E 228 -30.23 -16.09 3.43
N ALA E 229 -30.84 -15.15 4.18
CA ALA E 229 -31.17 -15.37 5.58
C ALA E 229 -32.23 -16.45 5.73
N GLN E 230 -33.31 -16.37 4.96
CA GLN E 230 -34.35 -17.37 5.07
C GLN E 230 -33.81 -18.76 4.73
N ALA E 231 -32.90 -18.83 3.75
CA ALA E 231 -32.29 -20.10 3.36
C ALA E 231 -31.49 -20.69 4.51
N LEU E 232 -30.66 -19.88 5.18
CA LEU E 232 -29.88 -20.39 6.30
C LEU E 232 -30.79 -20.79 7.46
N LEU E 233 -31.80 -19.97 7.75
CA LEU E 233 -32.70 -20.30 8.84
C LEU E 233 -33.40 -21.62 8.56
N GLY E 234 -34.02 -21.74 7.39
CA GLY E 234 -34.75 -22.97 7.09
C GLY E 234 -33.86 -24.20 7.09
N ALA E 235 -32.63 -24.05 6.60
CA ALA E 235 -31.73 -25.19 6.53
C ALA E 235 -31.35 -25.67 7.93
N ALA E 236 -30.95 -24.74 8.79
CA ALA E 236 -30.65 -25.05 10.18
C ALA E 236 -31.85 -25.68 10.87
N LYS E 237 -33.05 -25.14 10.62
CA LYS E 237 -34.25 -25.74 11.21
C LYS E 237 -34.45 -27.17 10.71
N MET E 238 -34.24 -27.41 9.40
CA MET E 238 -34.35 -28.77 8.88
C MET E 238 -33.41 -29.72 9.61
N LEU E 239 -32.17 -29.29 9.85
CA LEU E 239 -31.21 -30.16 10.51
C LEU E 239 -31.62 -30.42 11.96
N LEU E 240 -32.09 -29.37 12.66
CA LEU E 240 -32.51 -29.53 14.04
C LEU E 240 -33.73 -30.45 14.16
N HIS E 241 -34.58 -30.47 13.14
CA HIS E 241 -35.78 -31.31 13.17
C HIS E 241 -35.56 -32.67 12.54
N SER E 242 -34.33 -33.01 12.19
CA SER E 242 -34.04 -34.24 11.50
C SER E 242 -33.09 -35.12 12.33
N GLU E 243 -33.25 -36.42 12.17
CA GLU E 243 -32.24 -37.34 12.67
C GLU E 243 -31.12 -37.55 11.65
N GLN E 244 -31.26 -36.95 10.47
CA GLN E 244 -30.35 -37.21 9.37
C GLN E 244 -29.05 -36.44 9.55
N HIS E 245 -27.97 -37.09 9.13
CA HIS E 245 -26.68 -36.44 9.02
C HIS E 245 -26.75 -35.25 8.05
N PRO E 246 -25.98 -34.18 8.31
CA PRO E 246 -26.03 -33.03 7.39
C PRO E 246 -25.51 -33.34 5.99
N GLY E 247 -24.64 -34.34 5.83
CA GLY E 247 -24.27 -34.78 4.49
C GLY E 247 -25.40 -35.45 3.76
N GLN E 248 -26.23 -36.20 4.49
CA GLN E 248 -27.42 -36.78 3.89
C GLN E 248 -28.38 -35.69 3.42
N LEU E 249 -28.57 -34.65 4.22
CA LEU E 249 -29.48 -33.60 3.79
C LEU E 249 -28.88 -32.87 2.59
N LYS E 250 -27.58 -32.66 2.60
CA LYS E 250 -26.90 -32.14 1.41
C LYS E 250 -27.16 -33.05 0.20
N ASP E 251 -26.95 -34.37 0.36
CA ASP E 251 -27.27 -35.31 -0.71
C ASP E 251 -28.68 -35.11 -1.20
N ASN E 252 -29.63 -34.99 -0.26
CA ASN E 252 -31.04 -34.89 -0.62
C ASN E 252 -31.31 -33.72 -1.55
N VAL E 253 -30.56 -32.61 -1.41
CA VAL E 253 -30.85 -31.40 -2.17
C VAL E 253 -29.82 -31.16 -3.28
N SER E 254 -28.98 -32.13 -3.60
CA SER E 254 -27.97 -31.96 -4.66
C SER E 254 -28.36 -32.84 -5.85
N SER E 255 -29.20 -32.27 -6.71
CA SER E 255 -29.70 -32.96 -7.88
C SER E 255 -28.56 -33.32 -8.84
N PRO E 256 -28.53 -34.53 -9.39
CA PRO E 256 -27.42 -34.93 -10.27
C PRO E 256 -27.21 -33.97 -11.43
N GLY E 257 -25.95 -33.54 -11.61
CA GLY E 257 -25.59 -32.62 -12.65
C GLY E 257 -26.14 -31.22 -12.52
N GLY E 258 -26.83 -30.91 -11.42
CA GLY E 258 -27.61 -29.69 -11.31
C GLY E 258 -26.82 -28.49 -10.80
N ALA E 259 -27.57 -27.41 -10.54
CA ALA E 259 -27.00 -26.14 -10.07
C ALA E 259 -26.30 -26.29 -8.72
N THR E 260 -26.95 -26.96 -7.78
CA THR E 260 -26.45 -27.03 -6.42
C THR E 260 -25.13 -27.79 -6.35
N ILE E 261 -25.03 -28.94 -7.00
CA ILE E 261 -23.79 -29.71 -6.93
C ILE E 261 -22.65 -28.93 -7.58
N HIS E 262 -22.93 -28.13 -8.63
CA HIS E 262 -21.90 -27.27 -9.20
C HIS E 262 -21.43 -26.22 -8.19
N ALA E 263 -22.34 -25.62 -7.45
CA ALA E 263 -21.92 -24.64 -6.45
C ALA E 263 -21.14 -25.30 -5.33
N LEU E 264 -21.56 -26.50 -4.92
CA LEU E 264 -20.84 -27.20 -3.86
C LEU E 264 -19.39 -27.45 -4.26
N HIS E 265 -19.15 -27.78 -5.54
CA HIS E 265 -17.78 -28.00 -5.99
C HIS E 265 -16.92 -26.76 -5.76
N VAL E 266 -17.40 -25.58 -6.15
CA VAL E 266 -16.53 -24.43 -6.00
C VAL E 266 -16.28 -24.12 -4.52
N LEU E 267 -17.23 -24.44 -3.63
CA LEU E 267 -16.97 -24.31 -2.20
C LEU E 267 -15.86 -25.26 -1.74
N GLU E 268 -15.92 -26.53 -2.16
CA GLU E 268 -14.88 -27.49 -1.82
C GLU E 268 -13.54 -27.07 -2.40
N SER E 269 -13.55 -26.46 -3.58
CA SER E 269 -12.29 -26.09 -4.22
C SER E 269 -11.53 -25.02 -3.45
N GLY E 270 -12.24 -24.16 -2.72
CA GLY E 270 -11.64 -23.15 -1.86
C GLY E 270 -11.40 -23.65 -0.44
N GLY E 271 -11.68 -24.92 -0.18
CA GLY E 271 -11.53 -25.44 1.17
C GLY E 271 -12.47 -24.81 2.17
N PHE E 272 -13.69 -24.47 1.74
CA PHE E 272 -14.76 -23.97 2.60
C PHE E 272 -14.80 -24.66 3.95
N ARG E 273 -14.87 -26.00 3.95
CA ARG E 273 -14.99 -26.74 5.21
C ARG E 273 -13.85 -26.41 6.15
N SER E 274 -12.61 -26.40 5.64
CA SER E 274 -11.46 -26.19 6.52
C SER E 274 -11.47 -24.78 7.13
N LEU E 275 -12.08 -23.81 6.44
CA LEU E 275 -12.10 -22.45 6.96
C LEU E 275 -12.96 -22.36 8.21
N LEU E 276 -14.11 -23.05 8.20
CA LEU E 276 -14.99 -23.09 9.36
C LEU E 276 -14.36 -23.88 10.51
N ILE E 277 -13.65 -24.98 10.20
CA ILE E 277 -12.86 -25.66 11.22
C ILE E 277 -11.80 -24.70 11.80
N ASN E 278 -11.03 -24.06 10.92
CA ASN E 278 -10.07 -23.05 11.38
C ASN E 278 -10.70 -22.04 12.33
N ALA E 279 -11.90 -21.56 12.00
CA ALA E 279 -12.56 -20.54 12.80
C ALA E 279 -12.87 -21.05 14.22
N VAL E 280 -13.56 -22.20 14.31
CA VAL E 280 -13.88 -22.76 15.61
C VAL E 280 -12.60 -22.96 16.43
N GLU E 281 -11.56 -23.48 15.78
CA GLU E 281 -10.28 -23.67 16.45
C GLU E 281 -9.67 -22.35 16.90
N ALA E 282 -9.70 -21.33 16.03
CA ALA E 282 -9.07 -20.06 16.38
C ALA E 282 -9.79 -19.37 17.52
N SER E 283 -11.12 -19.40 17.51
CA SER E 283 -11.86 -18.81 18.60
C SER E 283 -11.65 -19.58 19.90
N CYS E 284 -11.70 -20.91 19.83
CA CYS E 284 -11.47 -21.73 21.02
C CYS E 284 -10.08 -21.47 21.60
N ILE E 285 -9.05 -21.40 20.76
CA ILE E 285 -7.70 -21.19 21.24
C ILE E 285 -7.54 -19.79 21.84
N ARG E 286 -8.17 -18.79 21.22
CA ARG E 286 -8.13 -17.45 21.77
C ARG E 286 -8.81 -17.40 23.14
N THR E 287 -9.94 -18.11 23.28
CA THR E 287 -10.62 -18.18 24.55
C THR E 287 -9.71 -18.73 25.65
N ARG E 288 -8.92 -19.76 25.31
CA ARG E 288 -7.98 -20.31 26.27
C ARG E 288 -6.93 -19.28 26.66
N GLU E 289 -6.47 -18.46 25.71
CA GLU E 289 -5.52 -17.39 26.04
C GLU E 289 -6.12 -16.37 26.98
N LEU E 290 -7.41 -16.04 26.79
CA LEU E 290 -8.07 -15.07 27.66
C LEU E 290 -8.15 -15.57 29.09
N GLN E 291 -8.31 -16.89 29.26
CA GLN E 291 -8.22 -17.50 30.58
C GLN E 291 -6.80 -17.42 31.12
N SER E 292 -5.84 -18.02 30.39
CA SER E 292 -4.45 -18.07 30.83
C SER E 292 -3.92 -16.68 31.15
N MET E 293 -4.37 -15.66 30.39
CA MET E 293 -3.95 -14.29 30.68
C MET E 293 -4.47 -13.81 32.02
N ALA E 294 -5.60 -14.36 32.49
CA ALA E 294 -6.08 -14.04 33.82
C ALA E 294 -5.12 -14.56 34.87
N ASP E 295 -5.00 -15.88 34.98
CA ASP E 295 -4.08 -16.51 35.92
C ASP E 295 -2.62 -16.32 35.50
C02 ZR3 F . -22.10 -0.08 -11.56
C04 ZR3 F . -22.33 1.42 -11.67
C05 ZR3 F . -21.28 2.33 -11.53
C07 ZR3 F . -21.50 3.70 -11.64
C08 ZR3 F . -22.78 4.16 -11.89
C09 ZR3 F . -23.82 3.26 -12.00
C10 ZR3 F . -23.60 1.88 -11.91
C12 ZR3 F . -25.90 4.81 -11.63
C13 ZR3 F . -27.21 4.94 -12.38
C15 ZR3 F . -25.89 3.29 -13.41
N11 ZR3 F . -25.13 3.76 -12.30
N14 ZR3 F . -27.17 4.00 -13.48
O01 ZR3 F . -21.57 -0.52 -10.49
O03 ZR3 F . -22.44 -0.87 -12.51
O16 ZR3 F . -25.52 2.44 -14.14
CL06 ZR3 F . -19.62 1.80 -11.23
S SO4 G . 10.54 10.19 11.37
O1 SO4 G . 9.48 9.21 11.11
O2 SO4 G . 11.24 10.51 10.13
O3 SO4 G . 11.52 9.61 12.30
O4 SO4 G . 9.93 11.37 11.98
C02 ZR3 H . 6.73 3.17 12.45
C04 ZR3 H . 6.23 4.47 13.08
C05 ZR3 H . 4.87 4.83 13.10
C07 ZR3 H . 4.43 6.01 13.68
C08 ZR3 H . 5.35 6.87 14.25
C09 ZR3 H . 6.69 6.52 14.21
C10 ZR3 H . 7.13 5.33 13.65
C12 ZR3 H . 7.82 8.82 14.65
C13 ZR3 H . 8.98 9.23 15.54
C15 ZR3 H . 8.65 6.91 15.77
N11 ZR3 H . 7.66 7.39 14.82
N14 ZR3 H . 9.46 8.04 16.21
O01 ZR3 H . 7.44 2.35 13.10
O03 ZR3 H . 6.41 2.92 11.26
O16 ZR3 H . 8.78 5.79 16.14
CL06 ZR3 H . 3.66 3.75 12.39
S SO4 I . -28.89 3.78 -8.28
O1 SO4 I . -28.90 5.23 -8.22
O2 SO4 I . -29.56 3.33 -9.50
O3 SO4 I . -27.51 3.31 -8.28
O4 SO4 I . -29.58 3.22 -7.12
C02 ZR3 J . 4.18 0.05 -24.36
C04 ZR3 J . 5.34 0.65 -25.15
C05 ZR3 J . 6.60 0.08 -25.17
C07 ZR3 J . 7.62 0.66 -25.91
C08 ZR3 J . 7.39 1.79 -26.65
C09 ZR3 J . 6.13 2.36 -26.63
C10 ZR3 J . 5.11 1.79 -25.89
C12 ZR3 J . 6.58 4.80 -27.40
C13 ZR3 J . 5.85 5.71 -28.38
C15 ZR3 J . 4.74 3.64 -28.32
N11 ZR3 J . 5.85 3.54 -27.40
N14 ZR3 J . 4.73 4.97 -28.91
O01 ZR3 J . 4.31 -0.18 -23.13
O03 ZR3 J . 3.09 -0.19 -24.95
O16 ZR3 J . 3.94 2.79 -28.54
CL06 ZR3 J . 6.99 -1.39 -24.24
S SO4 K . 34.82 -15.62 -2.08
O1 SO4 K . 33.38 -15.55 -2.34
O2 SO4 K . 35.46 -16.50 -3.06
O3 SO4 K . 35.38 -14.27 -2.16
O4 SO4 K . 35.04 -16.16 -0.73
C02 ZR3 L . 27.44 -14.29 1.51
C04 ZR3 L . 28.47 -13.19 1.31
C05 ZR3 L . 28.12 -11.89 0.95
C07 ZR3 L . 29.07 -10.90 0.75
C08 ZR3 L . 30.40 -11.21 0.93
C09 ZR3 L . 30.76 -12.50 1.28
C10 ZR3 L . 29.82 -13.48 1.49
C12 ZR3 L . 33.26 -12.72 0.52
C13 ZR3 L . 34.51 -13.14 1.28
C15 ZR3 L . 32.69 -13.23 2.74
N11 ZR3 L . 32.16 -12.79 1.47
N14 ZR3 L . 34.12 -13.45 2.64
O01 ZR3 L . 27.35 -14.90 2.61
O03 ZR3 L . 26.68 -14.62 0.56
O16 ZR3 L . 32.01 -13.38 3.70
CL06 ZR3 L . 26.44 -11.43 0.72
S SO4 M . 5.33 8.19 -24.99
O1 SO4 M . 4.36 8.51 -26.04
O2 SO4 M . 5.30 6.74 -24.78
O3 SO4 M . 6.66 8.61 -25.41
O4 SO4 M . 4.93 8.90 -23.77
C02 ZR3 N . -30.58 -27.93 -8.73
C04 ZR3 N . -32.02 -27.60 -8.32
C05 ZR3 N . -32.31 -26.48 -7.52
C07 ZR3 N . -33.61 -26.18 -7.16
C08 ZR3 N . -34.65 -26.99 -7.59
C09 ZR3 N . -34.36 -28.10 -8.37
C10 ZR3 N . -33.06 -28.41 -8.75
C12 ZR3 N . -36.46 -29.59 -8.05
C13 ZR3 N . -37.34 -30.36 -9.03
C15 ZR3 N . -35.64 -29.29 -10.22
N11 ZR3 N . -35.42 -28.95 -8.83
N14 ZR3 N . -36.79 -30.15 -10.34
O01 ZR3 N . -29.71 -28.16 -7.84
O03 ZR3 N . -30.26 -27.97 -9.96
O16 ZR3 N . -34.95 -28.91 -11.11
CL06 ZR3 N . -31.02 -25.39 -6.95
S SO4 O . -20.91 -7.09 25.16
O1 SO4 O . -21.40 -5.88 24.49
O2 SO4 O . -20.55 -8.10 24.17
O3 SO4 O . -19.74 -6.72 25.94
O4 SO4 O . -21.96 -7.62 26.04
#